data_2NSH
# 
_entry.id   2NSH 
# 
_audit_conform.dict_name       mmcif_pdbx.dic 
_audit_conform.dict_version    5.383 
_audit_conform.dict_location   http://mmcif.pdb.org/dictionaries/ascii/mmcif_pdbx.dic 
# 
loop_
_database_2.database_id 
_database_2.database_code 
_database_2.pdbx_database_accession 
_database_2.pdbx_DOI 
PDB   2NSH         pdb_00002nsh 10.2210/pdb2nsh/pdb 
RCSB  RCSB040247   ?            ?                   
WWPDB D_1000040247 ?            ?                   
# 
loop_
_pdbx_audit_revision_history.ordinal 
_pdbx_audit_revision_history.data_content_type 
_pdbx_audit_revision_history.major_revision 
_pdbx_audit_revision_history.minor_revision 
_pdbx_audit_revision_history.revision_date 
1 'Structure model' 1 0 2007-04-24 
2 'Structure model' 1 1 2008-05-01 
3 'Structure model' 1 2 2011-07-13 
4 'Structure model' 1 3 2021-10-20 
5 'Structure model' 1 4 2023-12-27 
# 
_pdbx_audit_revision_details.ordinal             1 
_pdbx_audit_revision_details.revision_ordinal    1 
_pdbx_audit_revision_details.data_content_type   'Structure model' 
_pdbx_audit_revision_details.provider            repository 
_pdbx_audit_revision_details.type                'Initial release' 
_pdbx_audit_revision_details.description         ? 
_pdbx_audit_revision_details.details             ? 
# 
loop_
_pdbx_audit_revision_group.ordinal 
_pdbx_audit_revision_group.revision_ordinal 
_pdbx_audit_revision_group.data_content_type 
_pdbx_audit_revision_group.group 
1 2 'Structure model' 'Version format compliance' 
2 3 'Structure model' Advisory                    
3 3 'Structure model' 'Derived calculations'      
4 3 'Structure model' 'Version format compliance' 
5 4 'Structure model' 'Database references'       
6 4 'Structure model' 'Derived calculations'      
7 5 'Structure model' 'Data collection'           
# 
loop_
_pdbx_audit_revision_category.ordinal 
_pdbx_audit_revision_category.revision_ordinal 
_pdbx_audit_revision_category.data_content_type 
_pdbx_audit_revision_category.category 
1 4 'Structure model' database_2                   
2 4 'Structure model' pdbx_struct_special_symmetry 
3 4 'Structure model' struct_ref_seq_dif           
4 4 'Structure model' struct_site                  
5 5 'Structure model' chem_comp_atom               
6 5 'Structure model' chem_comp_bond               
# 
loop_
_pdbx_audit_revision_item.ordinal 
_pdbx_audit_revision_item.revision_ordinal 
_pdbx_audit_revision_item.data_content_type 
_pdbx_audit_revision_item.item 
1 4 'Structure model' '_database_2.pdbx_DOI'                
2 4 'Structure model' '_database_2.pdbx_database_accession' 
3 4 'Structure model' '_struct_ref_seq_dif.details'         
4 4 'Structure model' '_struct_site.pdbx_auth_asym_id'      
5 4 'Structure model' '_struct_site.pdbx_auth_comp_id'      
6 4 'Structure model' '_struct_site.pdbx_auth_seq_id'       
# 
_pdbx_database_status.status_code                     REL 
_pdbx_database_status.entry_id                        2NSH 
_pdbx_database_status.recvd_initial_deposition_date   2006-11-04 
_pdbx_database_status.deposit_site                    RCSB 
_pdbx_database_status.process_site                    RCSB 
_pdbx_database_status.status_code_sf                  REL 
_pdbx_database_status.status_code_mr                  ? 
_pdbx_database_status.SG_entry                        ? 
_pdbx_database_status.pdb_format_compatible           Y 
_pdbx_database_status.status_code_cs                  ? 
_pdbx_database_status.status_code_nmr_data            ? 
_pdbx_database_status.methods_development_category    ? 
# 
loop_
_pdbx_database_related.db_name 
_pdbx_database_related.db_id 
_pdbx_database_related.details 
_pdbx_database_related.content_type 
PDB 2ATE 'EcPurE-nitroAIR complex'  unspecified 
PDB 2NSJ 'EcPurE-H45Q-CAIR complex' unspecified 
PDB 2NSL 'EcPurE-H45N-CAIR complex' unspecified 
# 
loop_
_audit_author.name 
_audit_author.pdbx_ordinal 
'Ealick, S.E.' 1 
'Morar, M.'    2 
# 
_citation.id                        primary 
_citation.title                     'N(5)-CAIR Mutase: Role of a CO(2) Binding Site and Substrate Movement in Catalysis.' 
_citation.journal_abbrev            Biochemistry 
_citation.journal_volume            46 
_citation.page_first                2842 
_citation.page_last                 2855 
_citation.year                      2007 
_citation.journal_id_ASTM           BICHAW 
_citation.country                   US 
_citation.journal_id_ISSN           0006-2960 
_citation.journal_id_CSD            0033 
_citation.book_publisher            ? 
_citation.pdbx_database_id_PubMed   17298082 
_citation.pdbx_database_id_DOI      10.1021/bi602436g 
# 
loop_
_citation_author.citation_id 
_citation_author.name 
_citation_author.ordinal 
_citation_author.identifier_ORCID 
primary 'Hoskins, A.A.' 1  ? 
primary 'Morar, M.'     2  ? 
primary 'Kappock, T.J.' 3  ? 
primary 'Mathews, I.I.' 4  ? 
primary 'Zaugg, J.B.'   5  ? 
primary 'Barder, T.E.'  6  ? 
primary 'Peng, P.'      7  ? 
primary 'Okamoto, A.'   8  ? 
primary 'Ealick, S.E.'  9  ? 
primary 'Stubbe, J.'    10 ? 
# 
loop_
_entity.id 
_entity.type 
_entity.src_method 
_entity.pdbx_description 
_entity.formula_weight 
_entity.pdbx_number_of_molecules 
_entity.pdbx_ec 
_entity.pdbx_mutation 
_entity.pdbx_fragment 
_entity.details 
1 polymer     man 'Phosphoribosylaminoimidazole carboxylase catalytic subunit' 17789.252 1   4.1.1.21 H45Q ? ? 
2 non-polymer syn 
'((2R,3S,4R,5R)-5-(5-AMINO-4-NITRO-1H-IMIDAZOL-1-YL)-3,4-DIHYDROXYTETRAHYDROFURAN-2-YL)METHYL DIHYDROGEN PHOSPHATE' 340.184   1   
?        ?    ? ? 
3 water       nat water 18.015    123 ?        ?    ? ? 
# 
_entity_name_com.entity_id   1 
_entity_name_com.name        'AIR carboxylase, AIRC' 
# 
_entity_poly.entity_id                      1 
_entity_poly.type                           'polypeptide(L)' 
_entity_poly.nstd_linkage                   no 
_entity_poly.nstd_monomer                   no 
_entity_poly.pdbx_seq_one_letter_code       
;MSSRNNPARVAIVMGSKSDWATMQFAAEIFEILNVPHHVEVVSAQRTPDKLFSFAESAEENGYQVIIAGAGGAAHLPGMI
AAKTLVPVLGVPVQSAALSGVDSLYSIVQMPRGIPVGTLAIGKAGAANAALLAAQILATHDKELHQRLNDWRKAQTDEVL
ENPDPRGAA
;
_entity_poly.pdbx_seq_one_letter_code_can   
;MSSRNNPARVAIVMGSKSDWATMQFAAEIFEILNVPHHVEVVSAQRTPDKLFSFAESAEENGYQVIIAGAGGAAHLPGMI
AAKTLVPVLGVPVQSAALSGVDSLYSIVQMPRGIPVGTLAIGKAGAANAALLAAQILATHDKELHQRLNDWRKAQTDEVL
ENPDPRGAA
;
_entity_poly.pdbx_strand_id                 A 
_entity_poly.pdbx_target_identifier         ? 
# 
loop_
_pdbx_entity_nonpoly.entity_id 
_pdbx_entity_nonpoly.name 
_pdbx_entity_nonpoly.comp_id 
2 '((2R,3S,4R,5R)-5-(5-AMINO-4-NITRO-1H-IMIDAZOL-1-YL)-3,4-DIHYDROXYTETRAHYDROFURAN-2-YL)METHYL DIHYDROGEN PHOSPHATE' NIA 
3 water                                                                                                               HOH 
# 
loop_
_entity_poly_seq.entity_id 
_entity_poly_seq.num 
_entity_poly_seq.mon_id 
_entity_poly_seq.hetero 
1 1   MET n 
1 2   SER n 
1 3   SER n 
1 4   ARG n 
1 5   ASN n 
1 6   ASN n 
1 7   PRO n 
1 8   ALA n 
1 9   ARG n 
1 10  VAL n 
1 11  ALA n 
1 12  ILE n 
1 13  VAL n 
1 14  MET n 
1 15  GLY n 
1 16  SER n 
1 17  LYS n 
1 18  SER n 
1 19  ASP n 
1 20  TRP n 
1 21  ALA n 
1 22  THR n 
1 23  MET n 
1 24  GLN n 
1 25  PHE n 
1 26  ALA n 
1 27  ALA n 
1 28  GLU n 
1 29  ILE n 
1 30  PHE n 
1 31  GLU n 
1 32  ILE n 
1 33  LEU n 
1 34  ASN n 
1 35  VAL n 
1 36  PRO n 
1 37  HIS n 
1 38  HIS n 
1 39  VAL n 
1 40  GLU n 
1 41  VAL n 
1 42  VAL n 
1 43  SER n 
1 44  ALA n 
1 45  GLN n 
1 46  ARG n 
1 47  THR n 
1 48  PRO n 
1 49  ASP n 
1 50  LYS n 
1 51  LEU n 
1 52  PHE n 
1 53  SER n 
1 54  PHE n 
1 55  ALA n 
1 56  GLU n 
1 57  SER n 
1 58  ALA n 
1 59  GLU n 
1 60  GLU n 
1 61  ASN n 
1 62  GLY n 
1 63  TYR n 
1 64  GLN n 
1 65  VAL n 
1 66  ILE n 
1 67  ILE n 
1 68  ALA n 
1 69  GLY n 
1 70  ALA n 
1 71  GLY n 
1 72  GLY n 
1 73  ALA n 
1 74  ALA n 
1 75  HIS n 
1 76  LEU n 
1 77  PRO n 
1 78  GLY n 
1 79  MET n 
1 80  ILE n 
1 81  ALA n 
1 82  ALA n 
1 83  LYS n 
1 84  THR n 
1 85  LEU n 
1 86  VAL n 
1 87  PRO n 
1 88  VAL n 
1 89  LEU n 
1 90  GLY n 
1 91  VAL n 
1 92  PRO n 
1 93  VAL n 
1 94  GLN n 
1 95  SER n 
1 96  ALA n 
1 97  ALA n 
1 98  LEU n 
1 99  SER n 
1 100 GLY n 
1 101 VAL n 
1 102 ASP n 
1 103 SER n 
1 104 LEU n 
1 105 TYR n 
1 106 SER n 
1 107 ILE n 
1 108 VAL n 
1 109 GLN n 
1 110 MET n 
1 111 PRO n 
1 112 ARG n 
1 113 GLY n 
1 114 ILE n 
1 115 PRO n 
1 116 VAL n 
1 117 GLY n 
1 118 THR n 
1 119 LEU n 
1 120 ALA n 
1 121 ILE n 
1 122 GLY n 
1 123 LYS n 
1 124 ALA n 
1 125 GLY n 
1 126 ALA n 
1 127 ALA n 
1 128 ASN n 
1 129 ALA n 
1 130 ALA n 
1 131 LEU n 
1 132 LEU n 
1 133 ALA n 
1 134 ALA n 
1 135 GLN n 
1 136 ILE n 
1 137 LEU n 
1 138 ALA n 
1 139 THR n 
1 140 HIS n 
1 141 ASP n 
1 142 LYS n 
1 143 GLU n 
1 144 LEU n 
1 145 HIS n 
1 146 GLN n 
1 147 ARG n 
1 148 LEU n 
1 149 ASN n 
1 150 ASP n 
1 151 TRP n 
1 152 ARG n 
1 153 LYS n 
1 154 ALA n 
1 155 GLN n 
1 156 THR n 
1 157 ASP n 
1 158 GLU n 
1 159 VAL n 
1 160 LEU n 
1 161 GLU n 
1 162 ASN n 
1 163 PRO n 
1 164 ASP n 
1 165 PRO n 
1 166 ARG n 
1 167 GLY n 
1 168 ALA n 
1 169 ALA n 
# 
_entity_src_gen.entity_id                          1 
_entity_src_gen.pdbx_src_id                        1 
_entity_src_gen.pdbx_alt_source_flag               sample 
_entity_src_gen.pdbx_seq_type                      ? 
_entity_src_gen.pdbx_beg_seq_num                   ? 
_entity_src_gen.pdbx_end_seq_num                   ? 
_entity_src_gen.gene_src_common_name               ? 
_entity_src_gen.gene_src_genus                     Escherichia 
_entity_src_gen.pdbx_gene_src_gene                 purE 
_entity_src_gen.gene_src_species                   ? 
_entity_src_gen.gene_src_strain                    ? 
_entity_src_gen.gene_src_tissue                    ? 
_entity_src_gen.gene_src_tissue_fraction           ? 
_entity_src_gen.gene_src_details                   ? 
_entity_src_gen.pdbx_gene_src_fragment             ? 
_entity_src_gen.pdbx_gene_src_scientific_name      'Escherichia coli' 
_entity_src_gen.pdbx_gene_src_ncbi_taxonomy_id     562 
_entity_src_gen.pdbx_gene_src_variant              ? 
_entity_src_gen.pdbx_gene_src_cell_line            ? 
_entity_src_gen.pdbx_gene_src_atcc                 ? 
_entity_src_gen.pdbx_gene_src_organ                ? 
_entity_src_gen.pdbx_gene_src_organelle            ? 
_entity_src_gen.pdbx_gene_src_cell                 ? 
_entity_src_gen.pdbx_gene_src_cellular_location    ? 
_entity_src_gen.host_org_common_name               ? 
_entity_src_gen.pdbx_host_org_scientific_name      'Escherichia coli' 
_entity_src_gen.pdbx_host_org_ncbi_taxonomy_id     562 
_entity_src_gen.host_org_genus                     Escherichia 
_entity_src_gen.pdbx_host_org_gene                 ? 
_entity_src_gen.pdbx_host_org_organ                ? 
_entity_src_gen.host_org_species                   ? 
_entity_src_gen.pdbx_host_org_tissue               ? 
_entity_src_gen.pdbx_host_org_tissue_fraction      ? 
_entity_src_gen.pdbx_host_org_strain               ? 
_entity_src_gen.pdbx_host_org_variant              ? 
_entity_src_gen.pdbx_host_org_cell_line            ? 
_entity_src_gen.pdbx_host_org_atcc                 ? 
_entity_src_gen.pdbx_host_org_culture_collection   ? 
_entity_src_gen.pdbx_host_org_cell                 ? 
_entity_src_gen.pdbx_host_org_organelle            ? 
_entity_src_gen.pdbx_host_org_cellular_location    ? 
_entity_src_gen.pdbx_host_org_vector_type          ? 
_entity_src_gen.pdbx_host_org_vector               ? 
_entity_src_gen.host_org_details                   ? 
_entity_src_gen.expression_system_id               ? 
_entity_src_gen.plasmid_name                       ? 
_entity_src_gen.plasmid_details                    ? 
_entity_src_gen.pdbx_description                   ? 
# 
loop_
_chem_comp.id 
_chem_comp.type 
_chem_comp.mon_nstd_flag 
_chem_comp.name 
_chem_comp.pdbx_synonyms 
_chem_comp.formula 
_chem_comp.formula_weight 
ALA 'L-peptide linking' y ALANINE ?                                                    'C3 H7 N O2'     89.093  
ARG 'L-peptide linking' y ARGININE ?                                                    'C6 H15 N4 O2 1' 175.209 
ASN 'L-peptide linking' y ASPARAGINE ?                                                    'C4 H8 N2 O3'    132.118 
ASP 'L-peptide linking' y 'ASPARTIC ACID' ?                                                    'C4 H7 N O4'     133.103 
GLN 'L-peptide linking' y GLUTAMINE ?                                                    'C5 H10 N2 O3'   146.144 
GLU 'L-peptide linking' y 'GLUTAMIC ACID' ?                                                    'C5 H9 N O4'     147.129 
GLY 'peptide linking'   y GLYCINE ?                                                    'C2 H5 N O2'     75.067  
HIS 'L-peptide linking' y HISTIDINE ?                                                    'C6 H10 N3 O2 1' 156.162 
HOH non-polymer         . WATER ?                                                    'H2 O'           18.015  
ILE 'L-peptide linking' y ISOLEUCINE ?                                                    'C6 H13 N O2'    131.173 
LEU 'L-peptide linking' y LEUCINE ?                                                    'C6 H13 N O2'    131.173 
LYS 'L-peptide linking' y LYSINE ?                                                    'C6 H15 N2 O2 1' 147.195 
MET 'L-peptide linking' y METHIONINE ?                                                    'C5 H11 N O2 S'  149.211 
NIA non-polymer         . 
'((2R,3S,4R,5R)-5-(5-AMINO-4-NITRO-1H-IMIDAZOL-1-YL)-3,4-DIHYDROXYTETRAHYDROFURAN-2-YL)METHYL DIHYDROGEN PHOSPHATE' 
'4-NITRO-5-AMINOIMIDAZOLE RIBONUCLEOTIDE; NITRO AIR' 'C8 H13 N4 O9 P' 340.184 
PHE 'L-peptide linking' y PHENYLALANINE ?                                                    'C9 H11 N O2'    165.189 
PRO 'L-peptide linking' y PROLINE ?                                                    'C5 H9 N O2'     115.130 
SER 'L-peptide linking' y SERINE ?                                                    'C3 H7 N O3'     105.093 
THR 'L-peptide linking' y THREONINE ?                                                    'C4 H9 N O3'     119.119 
TRP 'L-peptide linking' y TRYPTOPHAN ?                                                    'C11 H12 N2 O2'  204.225 
TYR 'L-peptide linking' y TYROSINE ?                                                    'C9 H11 N O3'    181.189 
VAL 'L-peptide linking' y VALINE ?                                                    'C5 H11 N O2'    117.146 
# 
loop_
_pdbx_poly_seq_scheme.asym_id 
_pdbx_poly_seq_scheme.entity_id 
_pdbx_poly_seq_scheme.seq_id 
_pdbx_poly_seq_scheme.mon_id 
_pdbx_poly_seq_scheme.ndb_seq_num 
_pdbx_poly_seq_scheme.pdb_seq_num 
_pdbx_poly_seq_scheme.auth_seq_num 
_pdbx_poly_seq_scheme.pdb_mon_id 
_pdbx_poly_seq_scheme.auth_mon_id 
_pdbx_poly_seq_scheme.pdb_strand_id 
_pdbx_poly_seq_scheme.pdb_ins_code 
_pdbx_poly_seq_scheme.hetero 
A 1 1   MET 1   1   ?   ?   ?   A . n 
A 1 2   SER 2   2   ?   ?   ?   A . n 
A 1 3   SER 3   3   ?   ?   ?   A . n 
A 1 4   ARG 4   4   ?   ?   ?   A . n 
A 1 5   ASN 5   5   ?   ?   ?   A . n 
A 1 6   ASN 6   6   ?   ?   ?   A . n 
A 1 7   PRO 7   7   7   PRO PRO A . n 
A 1 8   ALA 8   8   8   ALA ALA A . n 
A 1 9   ARG 9   9   9   ARG ARG A . n 
A 1 10  VAL 10  10  10  VAL VAL A . n 
A 1 11  ALA 11  11  11  ALA ALA A . n 
A 1 12  ILE 12  12  12  ILE ILE A . n 
A 1 13  VAL 13  13  13  VAL VAL A . n 
A 1 14  MET 14  14  14  MET MET A . n 
A 1 15  GLY 15  15  15  GLY GLY A . n 
A 1 16  SER 16  16  16  SER SER A . n 
A 1 17  LYS 17  17  17  LYS LYS A . n 
A 1 18  SER 18  18  18  SER SER A . n 
A 1 19  ASP 19  19  19  ASP ASP A . n 
A 1 20  TRP 20  20  20  TRP TRP A . n 
A 1 21  ALA 21  21  21  ALA ALA A . n 
A 1 22  THR 22  22  22  THR THR A . n 
A 1 23  MET 23  23  23  MET MET A . n 
A 1 24  GLN 24  24  24  GLN GLN A . n 
A 1 25  PHE 25  25  25  PHE PHE A . n 
A 1 26  ALA 26  26  26  ALA ALA A . n 
A 1 27  ALA 27  27  27  ALA ALA A . n 
A 1 28  GLU 28  28  28  GLU GLU A . n 
A 1 29  ILE 29  29  29  ILE ILE A . n 
A 1 30  PHE 30  30  30  PHE PHE A . n 
A 1 31  GLU 31  31  31  GLU GLU A . n 
A 1 32  ILE 32  32  32  ILE ILE A . n 
A 1 33  LEU 33  33  33  LEU LEU A . n 
A 1 34  ASN 34  34  34  ASN ASN A . n 
A 1 35  VAL 35  35  35  VAL VAL A . n 
A 1 36  PRO 36  36  36  PRO PRO A . n 
A 1 37  HIS 37  37  37  HIS HIS A . n 
A 1 38  HIS 38  38  38  HIS HIS A . n 
A 1 39  VAL 39  39  39  VAL VAL A . n 
A 1 40  GLU 40  40  40  GLU GLU A . n 
A 1 41  VAL 41  41  41  VAL VAL A . n 
A 1 42  VAL 42  42  42  VAL VAL A . n 
A 1 43  SER 43  43  43  SER SER A . n 
A 1 44  ALA 44  44  44  ALA ALA A . n 
A 1 45  GLN 45  45  45  GLN GLN A . n 
A 1 46  ARG 46  46  46  ARG ARG A . n 
A 1 47  THR 47  47  47  THR THR A . n 
A 1 48  PRO 48  48  48  PRO PRO A . n 
A 1 49  ASP 49  49  49  ASP ASP A . n 
A 1 50  LYS 50  50  50  LYS LYS A . n 
A 1 51  LEU 51  51  51  LEU LEU A . n 
A 1 52  PHE 52  52  52  PHE PHE A . n 
A 1 53  SER 53  53  53  SER SER A . n 
A 1 54  PHE 54  54  54  PHE PHE A . n 
A 1 55  ALA 55  55  55  ALA ALA A . n 
A 1 56  GLU 56  56  56  GLU GLU A . n 
A 1 57  SER 57  57  57  SER SER A . n 
A 1 58  ALA 58  58  58  ALA ALA A . n 
A 1 59  GLU 59  59  59  GLU GLU A . n 
A 1 60  GLU 60  60  60  GLU GLU A . n 
A 1 61  ASN 61  61  61  ASN ASN A . n 
A 1 62  GLY 62  62  62  GLY GLY A . n 
A 1 63  TYR 63  63  63  TYR TYR A . n 
A 1 64  GLN 64  64  64  GLN GLN A . n 
A 1 65  VAL 65  65  65  VAL VAL A . n 
A 1 66  ILE 66  66  66  ILE ILE A . n 
A 1 67  ILE 67  67  67  ILE ILE A . n 
A 1 68  ALA 68  68  68  ALA ALA A . n 
A 1 69  GLY 69  69  69  GLY GLY A . n 
A 1 70  ALA 70  70  70  ALA ALA A . n 
A 1 71  GLY 71  71  71  GLY GLY A . n 
A 1 72  GLY 72  72  72  GLY GLY A . n 
A 1 73  ALA 73  73  73  ALA ALA A . n 
A 1 74  ALA 74  74  74  ALA ALA A . n 
A 1 75  HIS 75  75  75  HIS HIS A . n 
A 1 76  LEU 76  76  76  LEU LEU A . n 
A 1 77  PRO 77  77  77  PRO PRO A . n 
A 1 78  GLY 78  78  78  GLY GLY A . n 
A 1 79  MET 79  79  79  MET MET A . n 
A 1 80  ILE 80  80  80  ILE ILE A . n 
A 1 81  ALA 81  81  81  ALA ALA A . n 
A 1 82  ALA 82  82  82  ALA ALA A . n 
A 1 83  LYS 83  83  83  LYS LYS A . n 
A 1 84  THR 84  84  84  THR THR A . n 
A 1 85  LEU 85  85  85  LEU LEU A . n 
A 1 86  VAL 86  86  86  VAL VAL A . n 
A 1 87  PRO 87  87  87  PRO PRO A . n 
A 1 88  VAL 88  88  88  VAL VAL A . n 
A 1 89  LEU 89  89  89  LEU LEU A . n 
A 1 90  GLY 90  90  90  GLY GLY A . n 
A 1 91  VAL 91  91  91  VAL VAL A . n 
A 1 92  PRO 92  92  92  PRO PRO A . n 
A 1 93  VAL 93  93  93  VAL VAL A . n 
A 1 94  GLN 94  94  94  GLN GLN A . n 
A 1 95  SER 95  95  95  SER SER A . n 
A 1 96  ALA 96  96  96  ALA ALA A . n 
A 1 97  ALA 97  97  97  ALA ALA A . n 
A 1 98  LEU 98  98  98  LEU LEU A . n 
A 1 99  SER 99  99  99  SER SER A . n 
A 1 100 GLY 100 100 100 GLY GLY A . n 
A 1 101 VAL 101 101 101 VAL VAL A . n 
A 1 102 ASP 102 102 102 ASP ASP A . n 
A 1 103 SER 103 103 103 SER SER A . n 
A 1 104 LEU 104 104 104 LEU LEU A . n 
A 1 105 TYR 105 105 105 TYR TYR A . n 
A 1 106 SER 106 106 106 SER SER A . n 
A 1 107 ILE 107 107 107 ILE ILE A . n 
A 1 108 VAL 108 108 108 VAL VAL A . n 
A 1 109 GLN 109 109 109 GLN GLN A . n 
A 1 110 MET 110 110 110 MET MET A . n 
A 1 111 PRO 111 111 111 PRO PRO A . n 
A 1 112 ARG 112 112 112 ARG ARG A . n 
A 1 113 GLY 113 113 113 GLY GLY A . n 
A 1 114 ILE 114 114 114 ILE ILE A . n 
A 1 115 PRO 115 115 115 PRO PRO A . n 
A 1 116 VAL 116 116 116 VAL VAL A . n 
A 1 117 GLY 117 117 117 GLY GLY A . n 
A 1 118 THR 118 118 118 THR THR A . n 
A 1 119 LEU 119 119 119 LEU LEU A . n 
A 1 120 ALA 120 120 120 ALA ALA A . n 
A 1 121 ILE 121 121 121 ILE ILE A . n 
A 1 122 GLY 122 122 122 GLY GLY A . n 
A 1 123 LYS 123 123 123 LYS LYS A . n 
A 1 124 ALA 124 124 124 ALA ALA A . n 
A 1 125 GLY 125 125 125 GLY GLY A . n 
A 1 126 ALA 126 126 126 ALA ALA A . n 
A 1 127 ALA 127 127 127 ALA ALA A . n 
A 1 128 ASN 128 128 128 ASN ASN A . n 
A 1 129 ALA 129 129 129 ALA ALA A . n 
A 1 130 ALA 130 130 130 ALA ALA A . n 
A 1 131 LEU 131 131 131 LEU LEU A . n 
A 1 132 LEU 132 132 132 LEU LEU A . n 
A 1 133 ALA 133 133 133 ALA ALA A . n 
A 1 134 ALA 134 134 134 ALA ALA A . n 
A 1 135 GLN 135 135 135 GLN GLN A . n 
A 1 136 ILE 136 136 136 ILE ILE A . n 
A 1 137 LEU 137 137 137 LEU LEU A . n 
A 1 138 ALA 138 138 138 ALA ALA A . n 
A 1 139 THR 139 139 139 THR THR A . n 
A 1 140 HIS 140 140 140 HIS HIS A . n 
A 1 141 ASP 141 141 141 ASP ASP A . n 
A 1 142 LYS 142 142 142 LYS LYS A . n 
A 1 143 GLU 143 143 143 GLU GLU A . n 
A 1 144 LEU 144 144 144 LEU LEU A . n 
A 1 145 HIS 145 145 145 HIS HIS A . n 
A 1 146 GLN 146 146 146 GLN GLN A . n 
A 1 147 ARG 147 147 147 ARG ARG A . n 
A 1 148 LEU 148 148 148 LEU LEU A . n 
A 1 149 ASN 149 149 149 ASN ASN A . n 
A 1 150 ASP 150 150 150 ASP ASP A . n 
A 1 151 TRP 151 151 151 TRP TRP A . n 
A 1 152 ARG 152 152 152 ARG ARG A . n 
A 1 153 LYS 153 153 153 LYS LYS A . n 
A 1 154 ALA 154 154 154 ALA ALA A . n 
A 1 155 GLN 155 155 155 GLN GLN A . n 
A 1 156 THR 156 156 156 THR THR A . n 
A 1 157 ASP 157 157 157 ASP ASP A . n 
A 1 158 GLU 158 158 158 GLU GLU A . n 
A 1 159 VAL 159 159 159 VAL VAL A . n 
A 1 160 LEU 160 160 160 LEU LEU A . n 
A 1 161 GLU 161 161 161 GLU GLU A . n 
A 1 162 ASN 162 162 162 ASN ASN A . n 
A 1 163 PRO 163 163 163 PRO PRO A . n 
A 1 164 ASP 164 164 164 ASP ASP A . n 
A 1 165 PRO 165 165 165 PRO PRO A . n 
A 1 166 ARG 166 166 166 ARG ARG A . n 
A 1 167 GLY 167 167 167 GLY GLY A . n 
A 1 168 ALA 168 168 168 ALA ALA A . n 
A 1 169 ALA 169 169 169 ALA ALA A . n 
# 
loop_
_pdbx_nonpoly_scheme.asym_id 
_pdbx_nonpoly_scheme.entity_id 
_pdbx_nonpoly_scheme.mon_id 
_pdbx_nonpoly_scheme.ndb_seq_num 
_pdbx_nonpoly_scheme.pdb_seq_num 
_pdbx_nonpoly_scheme.auth_seq_num 
_pdbx_nonpoly_scheme.pdb_mon_id 
_pdbx_nonpoly_scheme.auth_mon_id 
_pdbx_nonpoly_scheme.pdb_strand_id 
_pdbx_nonpoly_scheme.pdb_ins_code 
B 2 NIA 1   300 300 NIA NIA A . 
C 3 HOH 1   301 5   HOH HOH A . 
C 3 HOH 2   302 6   HOH HOH A . 
C 3 HOH 3   303 7   HOH HOH A . 
C 3 HOH 4   304 8   HOH HOH A . 
C 3 HOH 5   305 10  HOH HOH A . 
C 3 HOH 6   306 12  HOH HOH A . 
C 3 HOH 7   307 13  HOH HOH A . 
C 3 HOH 8   308 14  HOH HOH A . 
C 3 HOH 9   309 16  HOH HOH A . 
C 3 HOH 10  310 17  HOH HOH A . 
C 3 HOH 11  311 18  HOH HOH A . 
C 3 HOH 12  312 19  HOH HOH A . 
C 3 HOH 13  313 20  HOH HOH A . 
C 3 HOH 14  314 24  HOH HOH A . 
C 3 HOH 15  315 29  HOH HOH A . 
C 3 HOH 16  316 30  HOH HOH A . 
C 3 HOH 17  317 32  HOH HOH A . 
C 3 HOH 18  318 34  HOH HOH A . 
C 3 HOH 19  319 36  HOH HOH A . 
C 3 HOH 20  320 38  HOH HOH A . 
C 3 HOH 21  321 40  HOH HOH A . 
C 3 HOH 22  322 41  HOH HOH A . 
C 3 HOH 23  323 45  HOH HOH A . 
C 3 HOH 24  324 46  HOH HOH A . 
C 3 HOH 25  325 48  HOH HOH A . 
C 3 HOH 26  326 51  HOH HOH A . 
C 3 HOH 27  327 52  HOH HOH A . 
C 3 HOH 28  328 54  HOH HOH A . 
C 3 HOH 29  329 57  HOH HOH A . 
C 3 HOH 30  330 58  HOH HOH A . 
C 3 HOH 31  331 59  HOH HOH A . 
C 3 HOH 32  332 60  HOH HOH A . 
C 3 HOH 33  333 63  HOH HOH A . 
C 3 HOH 34  334 67  HOH HOH A . 
C 3 HOH 35  335 68  HOH HOH A . 
C 3 HOH 36  336 71  HOH HOH A . 
C 3 HOH 37  337 72  HOH HOH A . 
C 3 HOH 38  338 73  HOH HOH A . 
C 3 HOH 39  339 74  HOH HOH A . 
C 3 HOH 40  340 75  HOH HOH A . 
C 3 HOH 41  341 77  HOH HOH A . 
C 3 HOH 42  342 78  HOH HOH A . 
C 3 HOH 43  343 79  HOH HOH A . 
C 3 HOH 44  344 81  HOH HOH A . 
C 3 HOH 45  345 83  HOH HOH A . 
C 3 HOH 46  346 84  HOH HOH A . 
C 3 HOH 47  347 87  HOH HOH A . 
C 3 HOH 48  348 89  HOH HOH A . 
C 3 HOH 49  349 90  HOH HOH A . 
C 3 HOH 50  350 91  HOH HOH A . 
C 3 HOH 51  351 92  HOH HOH A . 
C 3 HOH 52  352 94  HOH HOH A . 
C 3 HOH 53  353 95  HOH HOH A . 
C 3 HOH 54  354 96  HOH HOH A . 
C 3 HOH 55  355 101 HOH HOH A . 
C 3 HOH 56  356 102 HOH HOH A . 
C 3 HOH 57  357 103 HOH HOH A . 
C 3 HOH 58  358 104 HOH HOH A . 
C 3 HOH 59  359 105 HOH HOH A . 
C 3 HOH 60  360 106 HOH HOH A . 
C 3 HOH 61  361 108 HOH HOH A . 
C 3 HOH 62  362 111 HOH HOH A . 
C 3 HOH 63  363 112 HOH HOH A . 
C 3 HOH 64  364 113 HOH HOH A . 
C 3 HOH 65  365 114 HOH HOH A . 
C 3 HOH 66  366 115 HOH HOH A . 
C 3 HOH 67  367 116 HOH HOH A . 
C 3 HOH 68  368 117 HOH HOH A . 
C 3 HOH 69  369 119 HOH HOH A . 
C 3 HOH 70  370 120 HOH HOH A . 
C 3 HOH 71  371 121 HOH HOH A . 
C 3 HOH 72  372 122 HOH HOH A . 
C 3 HOH 73  373 123 HOH HOH A . 
C 3 HOH 74  374 124 HOH HOH A . 
C 3 HOH 75  375 125 HOH HOH A . 
C 3 HOH 76  376 126 HOH HOH A . 
C 3 HOH 77  377 127 HOH HOH A . 
C 3 HOH 78  378 128 HOH HOH A . 
C 3 HOH 79  379 129 HOH HOH A . 
C 3 HOH 80  380 130 HOH HOH A . 
C 3 HOH 81  381 131 HOH HOH A . 
C 3 HOH 82  382 132 HOH HOH A . 
C 3 HOH 83  383 133 HOH HOH A . 
C 3 HOH 84  384 134 HOH HOH A . 
C 3 HOH 85  385 135 HOH HOH A . 
C 3 HOH 86  386 136 HOH HOH A . 
C 3 HOH 87  387 137 HOH HOH A . 
C 3 HOH 88  388 138 HOH HOH A . 
C 3 HOH 89  389 139 HOH HOH A . 
C 3 HOH 90  390 140 HOH HOH A . 
C 3 HOH 91  391 141 HOH HOH A . 
C 3 HOH 92  392 142 HOH HOH A . 
C 3 HOH 93  393 143 HOH HOH A . 
C 3 HOH 94  394 144 HOH HOH A . 
C 3 HOH 95  395 145 HOH HOH A . 
C 3 HOH 96  396 146 HOH HOH A . 
C 3 HOH 97  397 147 HOH HOH A . 
C 3 HOH 98  398 148 HOH HOH A . 
C 3 HOH 99  399 149 HOH HOH A . 
C 3 HOH 100 400 150 HOH HOH A . 
C 3 HOH 101 401 151 HOH HOH A . 
C 3 HOH 102 402 152 HOH HOH A . 
C 3 HOH 103 403 153 HOH HOH A . 
C 3 HOH 104 404 154 HOH HOH A . 
C 3 HOH 105 405 155 HOH HOH A . 
C 3 HOH 106 406 156 HOH HOH A . 
C 3 HOH 107 407 157 HOH HOH A . 
C 3 HOH 108 408 158 HOH HOH A . 
C 3 HOH 109 409 159 HOH HOH A . 
C 3 HOH 110 410 160 HOH HOH A . 
C 3 HOH 111 411 161 HOH HOH A . 
C 3 HOH 112 412 162 HOH HOH A . 
C 3 HOH 113 413 163 HOH HOH A . 
C 3 HOH 114 414 164 HOH HOH A . 
C 3 HOH 115 415 165 HOH HOH A . 
C 3 HOH 116 416 166 HOH HOH A . 
C 3 HOH 117 417 167 HOH HOH A . 
C 3 HOH 118 418 168 HOH HOH A . 
C 3 HOH 119 419 169 HOH HOH A . 
C 3 HOH 120 420 170 HOH HOH A . 
C 3 HOH 121 421 171 HOH HOH A . 
C 3 HOH 122 422 172 HOH HOH A . 
C 3 HOH 123 423 173 HOH HOH A . 
# 
_pdbx_unobs_or_zero_occ_atoms.id               1 
_pdbx_unobs_or_zero_occ_atoms.PDB_model_num    1 
_pdbx_unobs_or_zero_occ_atoms.polymer_flag     Y 
_pdbx_unobs_or_zero_occ_atoms.occupancy_flag   0 
_pdbx_unobs_or_zero_occ_atoms.auth_asym_id     A 
_pdbx_unobs_or_zero_occ_atoms.auth_comp_id     SER 
_pdbx_unobs_or_zero_occ_atoms.auth_seq_id      16 
_pdbx_unobs_or_zero_occ_atoms.PDB_ins_code     ? 
_pdbx_unobs_or_zero_occ_atoms.auth_atom_id     OG 
_pdbx_unobs_or_zero_occ_atoms.label_alt_id     A 
_pdbx_unobs_or_zero_occ_atoms.label_asym_id    A 
_pdbx_unobs_or_zero_occ_atoms.label_comp_id    SER 
_pdbx_unobs_or_zero_occ_atoms.label_seq_id     16 
_pdbx_unobs_or_zero_occ_atoms.label_atom_id    OG 
# 
loop_
_software.name 
_software.classification 
_software.version 
_software.citation_id 
_software.pdbx_ordinal 
REFMAC   refinement        5.2.0019 ? 1 
HKL-2000 'data collection' .        ? 2 
HKL-2000 'data reduction'  .        ? 3 
HKL-2000 'data scaling'    .        ? 4 
CNS      phasing           .        ? 5 
# 
_cell.entry_id           2NSH 
_cell.length_a           111.688 
_cell.length_b           111.688 
_cell.length_c           49.412 
_cell.angle_alpha        90.00 
_cell.angle_beta         90.00 
_cell.angle_gamma        90.00 
_cell.Z_PDB              16 
_cell.pdbx_unique_axis   ? 
_cell.length_a_esd       ? 
_cell.length_b_esd       ? 
_cell.length_c_esd       ? 
_cell.angle_alpha_esd    ? 
_cell.angle_beta_esd     ? 
_cell.angle_gamma_esd    ? 
# 
_symmetry.entry_id                         2NSH 
_symmetry.space_group_name_H-M             'I 4 2 2' 
_symmetry.pdbx_full_space_group_name_H-M   ? 
_symmetry.cell_setting                     ? 
_symmetry.Int_Tables_number                97 
_symmetry.space_group_name_Hall            ? 
# 
_exptl.entry_id          2NSH 
_exptl.method            'X-RAY DIFFRACTION' 
_exptl.crystals_number   1 
# 
_exptl_crystal.id                    1 
_exptl_crystal.density_meas          ? 
_exptl_crystal.density_Matthews      2.16 
_exptl_crystal.density_percent_sol   43.17 
_exptl_crystal.description           ? 
_exptl_crystal.F_000                 ? 
_exptl_crystal.preparation           ? 
# 
_exptl_crystal_grow.crystal_id      1 
_exptl_crystal_grow.method          'VAPOR DIFFUSION, HANGING DROP' 
_exptl_crystal_grow.temp            298 
_exptl_crystal_grow.temp_details    ? 
_exptl_crystal_grow.pH              8.0 
_exptl_crystal_grow.pdbx_details    
'25% PEG400, 0.2M magnesium chloride, 0.1M Tris, pH 8.0, VAPOR DIFFUSION, HANGING DROP, temperature 298K' 
_exptl_crystal_grow.pdbx_pH_range   . 
# 
_diffrn.id                     1 
_diffrn.ambient_temp           100 
_diffrn.ambient_temp_details   ? 
_diffrn.crystal_id             1 
# 
_diffrn_detector.diffrn_id              1 
_diffrn_detector.detector               CCD 
_diffrn_detector.type                   'ADSC QUANTUM 315' 
_diffrn_detector.pdbx_collection_date   2006-03-10 
_diffrn_detector.details                ? 
# 
_diffrn_radiation.diffrn_id                        1 
_diffrn_radiation.wavelength_id                    1 
_diffrn_radiation.pdbx_monochromatic_or_laue_m_l   M 
_diffrn_radiation.monochromator                    ? 
_diffrn_radiation.pdbx_diffrn_protocol             'SINGLE WAVELENGTH' 
_diffrn_radiation.pdbx_scattering_type             x-ray 
# 
_diffrn_radiation_wavelength.id           1 
_diffrn_radiation_wavelength.wavelength   0.9795 
_diffrn_radiation_wavelength.wt           1.0 
# 
_diffrn_source.diffrn_id                   1 
_diffrn_source.source                      SYNCHROTRON 
_diffrn_source.type                        'APS BEAMLINE 24-ID-C' 
_diffrn_source.pdbx_synchrotron_site       APS 
_diffrn_source.pdbx_synchrotron_beamline   24-ID-C 
_diffrn_source.pdbx_wavelength             0.9795 
_diffrn_source.pdbx_wavelength_list        ? 
# 
_reflns.entry_id                     2NSH 
_reflns.observed_criterion_sigma_F   0 
_reflns.observed_criterion_sigma_I   0 
_reflns.d_resolution_high            1.80 
_reflns.d_resolution_low             39.50 
_reflns.number_all                   14561 
_reflns.number_obs                   12061 
_reflns.percent_possible_obs         91.2 
_reflns.pdbx_Rmerge_I_obs            ? 
_reflns.pdbx_Rsym_value              ? 
_reflns.pdbx_netI_over_sigmaI        ? 
_reflns.B_iso_Wilson_estimate        ? 
_reflns.pdbx_redundancy              ? 
_reflns.R_free_details               ? 
_reflns.limit_h_max                  ? 
_reflns.limit_h_min                  ? 
_reflns.limit_k_max                  ? 
_reflns.limit_k_min                  ? 
_reflns.limit_l_max                  ? 
_reflns.limit_l_min                  ? 
_reflns.observed_criterion_F_max     ? 
_reflns.observed_criterion_F_min     ? 
_reflns.pdbx_chi_squared             ? 
_reflns.pdbx_scaling_rejects         ? 
_reflns.pdbx_ordinal                 1 
_reflns.pdbx_diffrn_id               1 
# 
_reflns_shell.d_res_high             1.80 
_reflns_shell.d_res_low              1.91 
_reflns_shell.percent_possible_all   77.1 
_reflns_shell.Rmerge_I_obs           ? 
_reflns_shell.pdbx_Rsym_value        ? 
_reflns_shell.meanI_over_sigI_obs    ? 
_reflns_shell.pdbx_redundancy        ? 
_reflns_shell.percent_possible_obs   ? 
_reflns_shell.number_unique_all      ? 
_reflns_shell.number_measured_all    ? 
_reflns_shell.number_measured_obs    ? 
_reflns_shell.number_unique_obs      ? 
_reflns_shell.pdbx_chi_squared       ? 
_reflns_shell.pdbx_ordinal           1 
_reflns_shell.pdbx_diffrn_id         1 
# 
_refine.entry_id                                 2NSH 
_refine.ls_number_reflns_obs                     12061 
_refine.ls_number_reflns_all                     14561 
_refine.pdbx_ls_sigma_I                          ? 
_refine.pdbx_ls_sigma_F                          0 
_refine.pdbx_data_cutoff_high_absF               ? 
_refine.pdbx_data_cutoff_low_absF                ? 
_refine.pdbx_data_cutoff_high_rms_absF           ? 
_refine.ls_d_res_low                             39.50 
_refine.ls_d_res_high                            1.80 
_refine.ls_percent_reflns_obs                    91.2 
_refine.ls_R_factor_obs                          0.178 
_refine.ls_R_factor_all                          0.178 
_refine.ls_R_factor_R_work                       0.17386 
_refine.ls_R_factor_R_free                       0.21095 
_refine.ls_R_factor_R_free_error                 ? 
_refine.ls_R_factor_R_free_error_details         ? 
_refine.ls_percent_reflns_R_free                 10.0 
_refine.ls_number_reflns_R_free                  1347 
_refine.ls_number_parameters                     ? 
_refine.ls_number_restraints                     ? 
_refine.occupancy_min                            ? 
_refine.occupancy_max                            ? 
_refine.correlation_coeff_Fo_to_Fc               0.964 
_refine.correlation_coeff_Fo_to_Fc_free          0.949 
_refine.B_iso_mean                               38.332 
_refine.aniso_B[1][1]                            0.41 
_refine.aniso_B[2][2]                            0.41 
_refine.aniso_B[3][3]                            -0.81 
_refine.aniso_B[1][2]                            0.00 
_refine.aniso_B[1][3]                            0.00 
_refine.aniso_B[2][3]                            0.00 
_refine.solvent_model_details                    MASK 
_refine.solvent_model_param_ksol                 ? 
_refine.solvent_model_param_bsol                 ? 
_refine.pdbx_solvent_vdw_probe_radii             1.40 
_refine.pdbx_solvent_ion_probe_radii             0.80 
_refine.pdbx_solvent_shrinkage_radii             0.80 
_refine.pdbx_ls_cross_valid_method               THROUGHOUT 
_refine.details                                  'HYDROGENS HAVE BEEN ADDED IN THE RIDING POSITIONS' 
_refine.pdbx_starting_model                      ? 
_refine.pdbx_method_to_determine_struct          'MOLECULAR REPLACEMENT' 
_refine.pdbx_isotropic_thermal_model             ? 
_refine.pdbx_stereochemistry_target_values       'MAXIMUM LIKELIHOOD' 
_refine.pdbx_stereochem_target_val_spec_case     ? 
_refine.pdbx_R_Free_selection_details            RANDOM 
_refine.pdbx_overall_ESU_R                       0.151 
_refine.pdbx_overall_ESU_R_Free                  0.136 
_refine.overall_SU_ML                            0.090 
_refine.overall_SU_B                             5.886 
_refine.ls_redundancy_reflns_obs                 ? 
_refine.B_iso_min                                ? 
_refine.B_iso_max                                ? 
_refine.overall_SU_R_Cruickshank_DPI             ? 
_refine.overall_SU_R_free                        ? 
_refine.ls_wR_factor_R_free                      ? 
_refine.ls_wR_factor_R_work                      ? 
_refine.overall_FOM_free_R_set                   ? 
_refine.overall_FOM_work_R_set                   ? 
_refine.pdbx_refine_id                           'X-RAY DIFFRACTION' 
_refine.pdbx_TLS_residual_ADP_flag               'LIKELY RESIDUAL' 
_refine.pdbx_diffrn_id                           1 
_refine.pdbx_overall_phase_error                 ? 
_refine.pdbx_overall_SU_R_free_Cruickshank_DPI   ? 
_refine.pdbx_overall_SU_R_Blow_DPI               ? 
_refine.pdbx_overall_SU_R_free_Blow_DPI          ? 
# 
_refine_analyze.entry_id                        2NSH 
_refine_analyze.Luzzati_coordinate_error_obs    0.21 
_refine_analyze.Luzzati_sigma_a_obs             0.15 
_refine_analyze.Luzzati_d_res_low_obs           5.00 
_refine_analyze.Luzzati_coordinate_error_free   0.26 
_refine_analyze.Luzzati_sigma_a_free            0.21 
_refine_analyze.Luzzati_d_res_low_free          ? 
_refine_analyze.number_disordered_residues      ? 
_refine_analyze.occupancy_sum_non_hydrogen      ? 
_refine_analyze.occupancy_sum_hydrogen          ? 
_refine_analyze.pdbx_Luzzati_d_res_high_obs     ? 
_refine_analyze.pdbx_refine_id                  'X-RAY DIFFRACTION' 
# 
_refine_hist.pdbx_refine_id                   'X-RAY DIFFRACTION' 
_refine_hist.cycle_id                         LAST 
_refine_hist.pdbx_number_atoms_protein        1202 
_refine_hist.pdbx_number_atoms_nucleic_acid   0 
_refine_hist.pdbx_number_atoms_ligand         22 
_refine_hist.number_atoms_solvent             123 
_refine_hist.number_atoms_total               1347 
_refine_hist.d_res_high                       1.80 
_refine_hist.d_res_low                        39.50 
# 
loop_
_refine_ls_restr.type 
_refine_ls_restr.dev_ideal 
_refine_ls_restr.dev_ideal_target 
_refine_ls_restr.weight 
_refine_ls_restr.number 
_refine_ls_restr.pdbx_refine_id 
_refine_ls_restr.pdbx_restraint_function 
r_bond_refined_d         0.015  0.022  ? 1258 'X-RAY DIFFRACTION' ? 
r_angle_refined_deg      1.467  1.976  ? 1721 'X-RAY DIFFRACTION' ? 
r_dihedral_angle_1_deg   5.168  5.000  ? 166  'X-RAY DIFFRACTION' ? 
r_dihedral_angle_2_deg   41.492 24.898 ? 49   'X-RAY DIFFRACTION' ? 
r_dihedral_angle_3_deg   14.577 15.000 ? 192  'X-RAY DIFFRACTION' ? 
r_dihedral_angle_4_deg   18.574 15.000 ? 6    'X-RAY DIFFRACTION' ? 
r_chiral_restr           0.108  0.200  ? 202  'X-RAY DIFFRACTION' ? 
r_gen_planes_refined     0.006  0.020  ? 948  'X-RAY DIFFRACTION' ? 
r_nbd_refined            0.224  0.200  ? 578  'X-RAY DIFFRACTION' ? 
r_nbtor_refined          0.310  0.200  ? 889  'X-RAY DIFFRACTION' ? 
r_xyhbond_nbd_refined    0.196  0.200  ? 75   'X-RAY DIFFRACTION' ? 
r_symmetry_vdw_refined   0.218  0.200  ? 82   'X-RAY DIFFRACTION' ? 
r_symmetry_hbond_refined 0.165  0.200  ? 19   'X-RAY DIFFRACTION' ? 
r_mcbond_it              0.972  1.500  ? 842  'X-RAY DIFFRACTION' ? 
r_mcangle_it             1.507  2.000  ? 1317 'X-RAY DIFFRACTION' ? 
r_scbond_it              2.679  3.000  ? 461  'X-RAY DIFFRACTION' ? 
r_scangle_it             4.194  4.500  ? 402  'X-RAY DIFFRACTION' ? 
# 
_refine_ls_shell.pdbx_total_number_of_bins_used   20 
_refine_ls_shell.d_res_high                       1.80 
_refine_ls_shell.d_res_low                        1.91 
_refine_ls_shell.number_reflns_R_work             629 
_refine_ls_shell.R_factor_R_work                  0.237 
_refine_ls_shell.percent_reflns_obs               77.1 
_refine_ls_shell.R_factor_R_free                  0.271 
_refine_ls_shell.R_factor_R_free_error            ? 
_refine_ls_shell.percent_reflns_R_free            ? 
_refine_ls_shell.number_reflns_R_free             156 
_refine_ls_shell.number_reflns_all                ? 
_refine_ls_shell.R_factor_all                     ? 
_refine_ls_shell.number_reflns_obs                ? 
_refine_ls_shell.redundancy_reflns_obs            ? 
_refine_ls_shell.pdbx_refine_id                   'X-RAY DIFFRACTION' 
# 
_struct.entry_id                  2NSH 
_struct.title                     'E. coli PurE H45Q mutant complexed with nitro-AIR' 
_struct.pdbx_model_details        ? 
_struct.pdbx_CASP_flag            ? 
_struct.pdbx_model_type_details   ? 
# 
_struct_keywords.entry_id        2NSH 
_struct_keywords.pdbx_keywords   LYASE 
_struct_keywords.text            'central three-layer alpha-beta-alpha sandwich, kinked C-terminal helix, LYASE' 
# 
loop_
_struct_asym.id 
_struct_asym.pdbx_blank_PDB_chainid_flag 
_struct_asym.pdbx_modified 
_struct_asym.entity_id 
_struct_asym.details 
A N N 1 ? 
B N N 2 ? 
C N N 3 ? 
# 
_struct_ref.id                         1 
_struct_ref.db_name                    UNP 
_struct_ref.db_code                    PUR6_ECOLI 
_struct_ref.pdbx_db_accession          P0AG18 
_struct_ref.entity_id                  1 
_struct_ref.pdbx_seq_one_letter_code   
;MSSRNNPARVAIVMGSKSDWATMQFAAEIFEILNVPHHVEVVSAHRTPDKLFSFAESAEENGYQVIIAGAGGAAHLPGMI
AAKTLVPVLGVPVQSAALSGVDSLYSIVQMPRGIPVGTLAIGKAGAANAALLAAQILATHDKELHQRLNDWRKAQTDEVL
ENPDPRGAA
;
_struct_ref.pdbx_align_begin           0 
_struct_ref.pdbx_db_isoform            ? 
# 
_struct_ref_seq.align_id                      1 
_struct_ref_seq.ref_id                        1 
_struct_ref_seq.pdbx_PDB_id_code              2NSH 
_struct_ref_seq.pdbx_strand_id                A 
_struct_ref_seq.seq_align_beg                 1 
_struct_ref_seq.pdbx_seq_align_beg_ins_code   ? 
_struct_ref_seq.seq_align_end                 169 
_struct_ref_seq.pdbx_seq_align_end_ins_code   ? 
_struct_ref_seq.pdbx_db_accession             P0AG18 
_struct_ref_seq.db_align_beg                  0 
_struct_ref_seq.pdbx_db_align_beg_ins_code    ? 
_struct_ref_seq.db_align_end                  168 
_struct_ref_seq.pdbx_db_align_end_ins_code    ? 
_struct_ref_seq.pdbx_auth_seq_align_beg       1 
_struct_ref_seq.pdbx_auth_seq_align_end       169 
# 
_struct_ref_seq_dif.align_id                     1 
_struct_ref_seq_dif.pdbx_pdb_id_code             2NSH 
_struct_ref_seq_dif.mon_id                       GLN 
_struct_ref_seq_dif.pdbx_pdb_strand_id           A 
_struct_ref_seq_dif.seq_num                      45 
_struct_ref_seq_dif.pdbx_pdb_ins_code            ? 
_struct_ref_seq_dif.pdbx_seq_db_name             UNP 
_struct_ref_seq_dif.pdbx_seq_db_accession_code   P0AG18 
_struct_ref_seq_dif.db_mon_id                    HIS 
_struct_ref_seq_dif.pdbx_seq_db_seq_num          44 
_struct_ref_seq_dif.details                      'engineered mutation' 
_struct_ref_seq_dif.pdbx_auth_seq_num            45 
_struct_ref_seq_dif.pdbx_ordinal                 1 
# 
_pdbx_struct_assembly.id                   1 
_pdbx_struct_assembly.details              author_and_software_defined_assembly 
_pdbx_struct_assembly.method_details       PISA,PQS 
_pdbx_struct_assembly.oligomeric_details   octameric 
_pdbx_struct_assembly.oligomeric_count     8 
# 
loop_
_pdbx_struct_assembly_prop.biol_id 
_pdbx_struct_assembly_prop.type 
_pdbx_struct_assembly_prop.value 
_pdbx_struct_assembly_prop.details 
1 'ABSA (A^2)' 37810 ? 
1 MORE         -150  ? 
1 'SSA (A^2)'  39920 ? 
# 
_pdbx_struct_assembly_gen.assembly_id       1 
_pdbx_struct_assembly_gen.oper_expression   1,2,3,4,5,6,7,8 
_pdbx_struct_assembly_gen.asym_id_list      A,B,C 
# 
loop_
_pdbx_struct_oper_list.id 
_pdbx_struct_oper_list.type 
_pdbx_struct_oper_list.name 
_pdbx_struct_oper_list.symmetry_operation 
_pdbx_struct_oper_list.matrix[1][1] 
_pdbx_struct_oper_list.matrix[1][2] 
_pdbx_struct_oper_list.matrix[1][3] 
_pdbx_struct_oper_list.vector[1] 
_pdbx_struct_oper_list.matrix[2][1] 
_pdbx_struct_oper_list.matrix[2][2] 
_pdbx_struct_oper_list.matrix[2][3] 
_pdbx_struct_oper_list.vector[2] 
_pdbx_struct_oper_list.matrix[3][1] 
_pdbx_struct_oper_list.matrix[3][2] 
_pdbx_struct_oper_list.matrix[3][3] 
_pdbx_struct_oper_list.vector[3] 
1 'identity operation'         1_555 x,y,z      1.0000000000  0.0000000000  0.0000000000  0.0000000000   0.0000000000  1.0000000000  0.0000000000  0.0000000000   0.0000000000  0.0000000000  1.0000000000  0.0000000000   
2 'crystal symmetry operation' 2_555 -x,-y,z    -0.8812149737 -0.1813664054 0.4365391130  17.4200626809  -0.1813664054 -0.7230814858 -0.6665278628 -40.2680213395 0.4365391130  -0.6665278628 0.6042964595  -21.4700323683 
3 'crystal symmetry operation' 3_555 -y,x,z     0.0593925132  -0.9863104855 -0.1538315818 -13.3170496695 0.8049440801  0.1384592571  -0.5769697236 -30.5511379961 0.5903706948  -0.0895581392 0.8021482297  -9.0692537396  
4 'crystal symmetry operation' 4_555 y,-x,z     0.0593925132  0.8049440801  0.5903706948  30.7371123504  -0.9863104855 0.1384592571  -0.0895581392 -9.7168833434  -0.1538315818 -0.5769697236 0.8021482297  -12.4007786287 
5 'crystal symmetry operation' 5_554 -x,y,-z-1  -0.8892750572 -0.4109132128 -0.2008487097 1.7303449478   -0.4109132128 0.5249469920  0.7453730523  8.5750438704   -0.2008487097 0.7453730523  -0.6356719348 -16.5896334936 
6 'crystal symmetry operation' 6_554 x,-y,-z-1  0.7704900309  0.5922796182  -0.2356904033 7.0980080307   0.5922796182  -0.8018655062 -0.0788451895 -35.7248502881 -0.2356904033 -0.0788451895 -0.9686245247 -36.4552315684 
7 'crystal symmetry operation' 7_554 y,x,-z-1   -0.5021536309 0.8381942119  0.2127726346  27.9482792346  0.8381942119  0.4112175574  0.3582325831  -8.7505097995  0.2127726346  0.3582325831  -0.9090639265 -30.9218461599 
8 'crystal symmetry operation' 8_554 -y,-x,-z-1 0.3833686046  -0.6568278066 -0.6493117476 -19.1199262561 -0.6568278066 -0.6881360716 0.3082952797  -18.3992966182 -0.6493117476 0.3082952797  -0.6952325330 -22.1230189020 
# 
_struct_biol.id   1 
# 
loop_
_struct_conf.conf_type_id 
_struct_conf.id 
_struct_conf.pdbx_PDB_helix_id 
_struct_conf.beg_label_comp_id 
_struct_conf.beg_label_asym_id 
_struct_conf.beg_label_seq_id 
_struct_conf.pdbx_beg_PDB_ins_code 
_struct_conf.end_label_comp_id 
_struct_conf.end_label_asym_id 
_struct_conf.end_label_seq_id 
_struct_conf.pdbx_end_PDB_ins_code 
_struct_conf.beg_auth_comp_id 
_struct_conf.beg_auth_asym_id 
_struct_conf.beg_auth_seq_id 
_struct_conf.end_auth_comp_id 
_struct_conf.end_auth_asym_id 
_struct_conf.end_auth_seq_id 
_struct_conf.pdbx_PDB_helix_class 
_struct_conf.details 
_struct_conf.pdbx_PDB_helix_length 
HELX_P HELX_P1 1 SER A 16  ? SER A 18  ? SER A 16  SER A 18  5 ? 3  
HELX_P HELX_P2 2 ASP A 19  ? ASN A 34  ? ASP A 19  ASN A 34  1 ? 16 
HELX_P HELX_P3 3 THR A 47  ? ALA A 58  ? THR A 47  ALA A 58  1 ? 12 
HELX_P HELX_P4 4 HIS A 75  ? THR A 84  ? HIS A 75  THR A 84  1 ? 10 
HELX_P HELX_P5 5 GLY A 100 ? GLN A 109 ? GLY A 100 GLN A 109 1 ? 10 
HELX_P HELX_P6 6 GLY A 122 ? THR A 139 ? GLY A 122 THR A 139 1 ? 18 
HELX_P HELX_P7 7 ASP A 141 ? GLU A 161 ? ASP A 141 GLU A 161 1 ? 21 
# 
_struct_conf_type.id          HELX_P 
_struct_conf_type.criteria    ? 
_struct_conf_type.reference   ? 
# 
_struct_sheet.id               A 
_struct_sheet.type             ? 
_struct_sheet.number_strands   5 
_struct_sheet.details          ? 
# 
loop_
_struct_sheet_order.sheet_id 
_struct_sheet_order.range_id_1 
_struct_sheet_order.range_id_2 
_struct_sheet_order.offset 
_struct_sheet_order.sense 
A 1 2 ? parallel 
A 2 3 ? parallel 
A 3 4 ? parallel 
A 4 5 ? parallel 
# 
loop_
_struct_sheet_range.sheet_id 
_struct_sheet_range.id 
_struct_sheet_range.beg_label_comp_id 
_struct_sheet_range.beg_label_asym_id 
_struct_sheet_range.beg_label_seq_id 
_struct_sheet_range.pdbx_beg_PDB_ins_code 
_struct_sheet_range.end_label_comp_id 
_struct_sheet_range.end_label_asym_id 
_struct_sheet_range.end_label_seq_id 
_struct_sheet_range.pdbx_end_PDB_ins_code 
_struct_sheet_range.beg_auth_comp_id 
_struct_sheet_range.beg_auth_asym_id 
_struct_sheet_range.beg_auth_seq_id 
_struct_sheet_range.end_auth_comp_id 
_struct_sheet_range.end_auth_asym_id 
_struct_sheet_range.end_auth_seq_id 
A 1 HIS A 37  ? VAL A 41  ? HIS A 37  VAL A 41  
A 2 VAL A 10  ? MET A 14  ? VAL A 10  MET A 14  
A 3 VAL A 65  ? GLY A 71  ? VAL A 65  GLY A 71  
A 4 VAL A 88  ? VAL A 93  ? VAL A 88  VAL A 93  
A 5 GLY A 117 ? THR A 118 ? GLY A 117 THR A 118 
# 
loop_
_pdbx_struct_sheet_hbond.sheet_id 
_pdbx_struct_sheet_hbond.range_id_1 
_pdbx_struct_sheet_hbond.range_id_2 
_pdbx_struct_sheet_hbond.range_1_label_atom_id 
_pdbx_struct_sheet_hbond.range_1_label_comp_id 
_pdbx_struct_sheet_hbond.range_1_label_asym_id 
_pdbx_struct_sheet_hbond.range_1_label_seq_id 
_pdbx_struct_sheet_hbond.range_1_PDB_ins_code 
_pdbx_struct_sheet_hbond.range_1_auth_atom_id 
_pdbx_struct_sheet_hbond.range_1_auth_comp_id 
_pdbx_struct_sheet_hbond.range_1_auth_asym_id 
_pdbx_struct_sheet_hbond.range_1_auth_seq_id 
_pdbx_struct_sheet_hbond.range_2_label_atom_id 
_pdbx_struct_sheet_hbond.range_2_label_comp_id 
_pdbx_struct_sheet_hbond.range_2_label_asym_id 
_pdbx_struct_sheet_hbond.range_2_label_seq_id 
_pdbx_struct_sheet_hbond.range_2_PDB_ins_code 
_pdbx_struct_sheet_hbond.range_2_auth_atom_id 
_pdbx_struct_sheet_hbond.range_2_auth_comp_id 
_pdbx_struct_sheet_hbond.range_2_auth_asym_id 
_pdbx_struct_sheet_hbond.range_2_auth_seq_id 
A 1 2 O HIS A 38 ? O HIS A 38 N ILE A 12  ? N ILE A 12  
A 2 3 N VAL A 13 ? N VAL A 13 O ILE A 67  ? O ILE A 67  
A 3 4 N ALA A 68 ? N ALA A 68 O LEU A 89  ? O LEU A 89  
A 4 5 N GLY A 90 ? N GLY A 90 O GLY A 117 ? O GLY A 117 
# 
_struct_site.id                   AC1 
_struct_site.pdbx_evidence_code   Software 
_struct_site.pdbx_auth_asym_id    A 
_struct_site.pdbx_auth_comp_id    NIA 
_struct_site.pdbx_auth_seq_id     300 
_struct_site.pdbx_auth_ins_code   ? 
_struct_site.pdbx_num_residues    17 
_struct_site.details              'BINDING SITE FOR RESIDUE NIA A 300' 
# 
loop_
_struct_site_gen.id 
_struct_site_gen.site_id 
_struct_site_gen.pdbx_num_res 
_struct_site_gen.label_comp_id 
_struct_site_gen.label_asym_id 
_struct_site_gen.label_seq_id 
_struct_site_gen.pdbx_auth_ins_code 
_struct_site_gen.auth_comp_id 
_struct_site_gen.auth_asym_id 
_struct_site_gen.auth_seq_id 
_struct_site_gen.label_atom_id 
_struct_site_gen.label_alt_id 
_struct_site_gen.symmetry 
_struct_site_gen.details 
1  AC1 17 GLY A 15  ? GLY A 15  . ? 1_555 ? 
2  AC1 17 SER A 16  ? SER A 16  . ? 1_555 ? 
3  AC1 17 SER A 18  ? SER A 18  . ? 1_555 ? 
4  AC1 17 ASP A 19  ? ASP A 19  . ? 1_555 ? 
5  AC1 17 SER A 43  ? SER A 43  . ? 1_555 ? 
6  AC1 17 ALA A 44  ? ALA A 44  . ? 1_555 ? 
7  AC1 17 GLN A 45  ? GLN A 45  . ? 1_555 ? 
8  AC1 17 ARG A 46  ? ARG A 46  . ? 1_555 ? 
9  AC1 17 ALA A 70  ? ALA A 70  . ? 1_555 ? 
10 AC1 17 GLY A 71  ? GLY A 71  . ? 1_555 ? 
11 AC1 17 ALA A 73  ? ALA A 73  . ? 1_555 ? 
12 AC1 17 ALA A 74  ? ALA A 74  . ? 1_555 ? 
13 AC1 17 HIS A 75  ? HIS A 75  . ? 1_555 ? 
14 AC1 17 LEU A 76  ? LEU A 76  . ? 1_555 ? 
15 AC1 17 PRO A 111 ? PRO A 111 . ? 8_554 ? 
16 AC1 17 HOH C .   ? HOH A 327 . ? 1_555 ? 
17 AC1 17 HOH C .   ? HOH A 346 . ? 1_555 ? 
# 
_pdbx_validate_rmsd_bond.id                        1 
_pdbx_validate_rmsd_bond.PDB_model_num             1 
_pdbx_validate_rmsd_bond.auth_atom_id_1            CB 
_pdbx_validate_rmsd_bond.auth_asym_id_1            A 
_pdbx_validate_rmsd_bond.auth_comp_id_1            SER 
_pdbx_validate_rmsd_bond.auth_seq_id_1             16 
_pdbx_validate_rmsd_bond.PDB_ins_code_1            ? 
_pdbx_validate_rmsd_bond.label_alt_id_1            A 
_pdbx_validate_rmsd_bond.auth_atom_id_2            OG 
_pdbx_validate_rmsd_bond.auth_asym_id_2            A 
_pdbx_validate_rmsd_bond.auth_comp_id_2            SER 
_pdbx_validate_rmsd_bond.auth_seq_id_2             16 
_pdbx_validate_rmsd_bond.PDB_ins_code_2            ? 
_pdbx_validate_rmsd_bond.label_alt_id_2            A 
_pdbx_validate_rmsd_bond.bond_value                1.134 
_pdbx_validate_rmsd_bond.bond_target_value         1.418 
_pdbx_validate_rmsd_bond.bond_deviation            -0.284 
_pdbx_validate_rmsd_bond.bond_standard_deviation   0.013 
_pdbx_validate_rmsd_bond.linker_flag               N 
# 
loop_
_pdbx_validate_torsion.id 
_pdbx_validate_torsion.PDB_model_num 
_pdbx_validate_torsion.auth_comp_id 
_pdbx_validate_torsion.auth_asym_id 
_pdbx_validate_torsion.auth_seq_id 
_pdbx_validate_torsion.PDB_ins_code 
_pdbx_validate_torsion.label_alt_id 
_pdbx_validate_torsion.phi 
_pdbx_validate_torsion.psi 
1 1 ALA A 73  ? ? -64.92 89.79 
2 1 GLN A 109 ? ? -87.31 42.62 
# 
_pdbx_struct_special_symmetry.id              1 
_pdbx_struct_special_symmetry.PDB_model_num   1 
_pdbx_struct_special_symmetry.auth_asym_id    A 
_pdbx_struct_special_symmetry.auth_comp_id    HOH 
_pdbx_struct_special_symmetry.auth_seq_id     312 
_pdbx_struct_special_symmetry.PDB_ins_code    ? 
_pdbx_struct_special_symmetry.label_asym_id   C 
_pdbx_struct_special_symmetry.label_comp_id   HOH 
_pdbx_struct_special_symmetry.label_seq_id    . 
# 
_pdbx_refine_tls.id               1 
_pdbx_refine_tls.details          ? 
_pdbx_refine_tls.method           refined 
_pdbx_refine_tls.origin_x         0.0342 
_pdbx_refine_tls.origin_y         0.5727 
_pdbx_refine_tls.origin_z         0.1550 
_pdbx_refine_tls.T[1][1]          -0.0658 
_pdbx_refine_tls.T[2][2]          -0.1174 
_pdbx_refine_tls.T[3][3]          -0.1380 
_pdbx_refine_tls.T[1][2]          0.0272 
_pdbx_refine_tls.T[1][3]          0.0318 
_pdbx_refine_tls.T[2][3]          -0.0046 
_pdbx_refine_tls.L[1][1]          0.9746 
_pdbx_refine_tls.L[2][2]          0.1420 
_pdbx_refine_tls.L[3][3]          0.2063 
_pdbx_refine_tls.L[1][2]          0.2981 
_pdbx_refine_tls.L[1][3]          0.1013 
_pdbx_refine_tls.L[2][3]          0.0344 
_pdbx_refine_tls.S[1][1]          0.0285 
_pdbx_refine_tls.S[1][2]          -0.0671 
_pdbx_refine_tls.S[1][3]          0.0127 
_pdbx_refine_tls.S[2][1]          0.0991 
_pdbx_refine_tls.S[2][2]          0.0140 
_pdbx_refine_tls.S[2][3]          0.0612 
_pdbx_refine_tls.S[3][1]          -0.0908 
_pdbx_refine_tls.S[3][2]          -0.0265 
_pdbx_refine_tls.S[3][3]          -0.0425 
_pdbx_refine_tls.pdbx_refine_id   'X-RAY DIFFRACTION' 
# 
_pdbx_refine_tls_group.id                  1 
_pdbx_refine_tls_group.refine_tls_id       1 
_pdbx_refine_tls_group.beg_auth_asym_id    A 
_pdbx_refine_tls_group.beg_auth_seq_id     7 
_pdbx_refine_tls_group.beg_label_asym_id   A 
_pdbx_refine_tls_group.beg_label_seq_id    7 
_pdbx_refine_tls_group.end_auth_asym_id    A 
_pdbx_refine_tls_group.end_auth_seq_id     168 
_pdbx_refine_tls_group.end_label_asym_id   A 
_pdbx_refine_tls_group.end_label_seq_id    168 
_pdbx_refine_tls_group.selection           ? 
_pdbx_refine_tls_group.pdbx_refine_id      'X-RAY DIFFRACTION' 
_pdbx_refine_tls_group.selection_details   ? 
# 
loop_
_pdbx_unobs_or_zero_occ_residues.id 
_pdbx_unobs_or_zero_occ_residues.PDB_model_num 
_pdbx_unobs_or_zero_occ_residues.polymer_flag 
_pdbx_unobs_or_zero_occ_residues.occupancy_flag 
_pdbx_unobs_or_zero_occ_residues.auth_asym_id 
_pdbx_unobs_or_zero_occ_residues.auth_comp_id 
_pdbx_unobs_or_zero_occ_residues.auth_seq_id 
_pdbx_unobs_or_zero_occ_residues.PDB_ins_code 
_pdbx_unobs_or_zero_occ_residues.label_asym_id 
_pdbx_unobs_or_zero_occ_residues.label_comp_id 
_pdbx_unobs_or_zero_occ_residues.label_seq_id 
1 1 Y 1 A MET 1 ? A MET 1 
2 1 Y 1 A SER 2 ? A SER 2 
3 1 Y 1 A SER 3 ? A SER 3 
4 1 Y 1 A ARG 4 ? A ARG 4 
5 1 Y 1 A ASN 5 ? A ASN 5 
6 1 Y 1 A ASN 6 ? A ASN 6 
# 
loop_
_chem_comp_atom.comp_id 
_chem_comp_atom.atom_id 
_chem_comp_atom.type_symbol 
_chem_comp_atom.pdbx_aromatic_flag 
_chem_comp_atom.pdbx_stereo_config 
_chem_comp_atom.pdbx_ordinal 
ALA N      N N N 1   
ALA CA     C N S 2   
ALA C      C N N 3   
ALA O      O N N 4   
ALA CB     C N N 5   
ALA OXT    O N N 6   
ALA H      H N N 7   
ALA H2     H N N 8   
ALA HA     H N N 9   
ALA HB1    H N N 10  
ALA HB2    H N N 11  
ALA HB3    H N N 12  
ALA HXT    H N N 13  
ARG N      N N N 14  
ARG CA     C N S 15  
ARG C      C N N 16  
ARG O      O N N 17  
ARG CB     C N N 18  
ARG CG     C N N 19  
ARG CD     C N N 20  
ARG NE     N N N 21  
ARG CZ     C N N 22  
ARG NH1    N N N 23  
ARG NH2    N N N 24  
ARG OXT    O N N 25  
ARG H      H N N 26  
ARG H2     H N N 27  
ARG HA     H N N 28  
ARG HB2    H N N 29  
ARG HB3    H N N 30  
ARG HG2    H N N 31  
ARG HG3    H N N 32  
ARG HD2    H N N 33  
ARG HD3    H N N 34  
ARG HE     H N N 35  
ARG HH11   H N N 36  
ARG HH12   H N N 37  
ARG HH21   H N N 38  
ARG HH22   H N N 39  
ARG HXT    H N N 40  
ASN N      N N N 41  
ASN CA     C N S 42  
ASN C      C N N 43  
ASN O      O N N 44  
ASN CB     C N N 45  
ASN CG     C N N 46  
ASN OD1    O N N 47  
ASN ND2    N N N 48  
ASN OXT    O N N 49  
ASN H      H N N 50  
ASN H2     H N N 51  
ASN HA     H N N 52  
ASN HB2    H N N 53  
ASN HB3    H N N 54  
ASN HD21   H N N 55  
ASN HD22   H N N 56  
ASN HXT    H N N 57  
ASP N      N N N 58  
ASP CA     C N S 59  
ASP C      C N N 60  
ASP O      O N N 61  
ASP CB     C N N 62  
ASP CG     C N N 63  
ASP OD1    O N N 64  
ASP OD2    O N N 65  
ASP OXT    O N N 66  
ASP H      H N N 67  
ASP H2     H N N 68  
ASP HA     H N N 69  
ASP HB2    H N N 70  
ASP HB3    H N N 71  
ASP HD2    H N N 72  
ASP HXT    H N N 73  
GLN N      N N N 74  
GLN CA     C N S 75  
GLN C      C N N 76  
GLN O      O N N 77  
GLN CB     C N N 78  
GLN CG     C N N 79  
GLN CD     C N N 80  
GLN OE1    O N N 81  
GLN NE2    N N N 82  
GLN OXT    O N N 83  
GLN H      H N N 84  
GLN H2     H N N 85  
GLN HA     H N N 86  
GLN HB2    H N N 87  
GLN HB3    H N N 88  
GLN HG2    H N N 89  
GLN HG3    H N N 90  
GLN HE21   H N N 91  
GLN HE22   H N N 92  
GLN HXT    H N N 93  
GLU N      N N N 94  
GLU CA     C N S 95  
GLU C      C N N 96  
GLU O      O N N 97  
GLU CB     C N N 98  
GLU CG     C N N 99  
GLU CD     C N N 100 
GLU OE1    O N N 101 
GLU OE2    O N N 102 
GLU OXT    O N N 103 
GLU H      H N N 104 
GLU H2     H N N 105 
GLU HA     H N N 106 
GLU HB2    H N N 107 
GLU HB3    H N N 108 
GLU HG2    H N N 109 
GLU HG3    H N N 110 
GLU HE2    H N N 111 
GLU HXT    H N N 112 
GLY N      N N N 113 
GLY CA     C N N 114 
GLY C      C N N 115 
GLY O      O N N 116 
GLY OXT    O N N 117 
GLY H      H N N 118 
GLY H2     H N N 119 
GLY HA2    H N N 120 
GLY HA3    H N N 121 
GLY HXT    H N N 122 
HIS N      N N N 123 
HIS CA     C N S 124 
HIS C      C N N 125 
HIS O      O N N 126 
HIS CB     C N N 127 
HIS CG     C Y N 128 
HIS ND1    N Y N 129 
HIS CD2    C Y N 130 
HIS CE1    C Y N 131 
HIS NE2    N Y N 132 
HIS OXT    O N N 133 
HIS H      H N N 134 
HIS H2     H N N 135 
HIS HA     H N N 136 
HIS HB2    H N N 137 
HIS HB3    H N N 138 
HIS HD1    H N N 139 
HIS HD2    H N N 140 
HIS HE1    H N N 141 
HIS HE2    H N N 142 
HIS HXT    H N N 143 
HOH O      O N N 144 
HOH H1     H N N 145 
HOH H2     H N N 146 
ILE N      N N N 147 
ILE CA     C N S 148 
ILE C      C N N 149 
ILE O      O N N 150 
ILE CB     C N S 151 
ILE CG1    C N N 152 
ILE CG2    C N N 153 
ILE CD1    C N N 154 
ILE OXT    O N N 155 
ILE H      H N N 156 
ILE H2     H N N 157 
ILE HA     H N N 158 
ILE HB     H N N 159 
ILE HG12   H N N 160 
ILE HG13   H N N 161 
ILE HG21   H N N 162 
ILE HG22   H N N 163 
ILE HG23   H N N 164 
ILE HD11   H N N 165 
ILE HD12   H N N 166 
ILE HD13   H N N 167 
ILE HXT    H N N 168 
LEU N      N N N 169 
LEU CA     C N S 170 
LEU C      C N N 171 
LEU O      O N N 172 
LEU CB     C N N 173 
LEU CG     C N N 174 
LEU CD1    C N N 175 
LEU CD2    C N N 176 
LEU OXT    O N N 177 
LEU H      H N N 178 
LEU H2     H N N 179 
LEU HA     H N N 180 
LEU HB2    H N N 181 
LEU HB3    H N N 182 
LEU HG     H N N 183 
LEU HD11   H N N 184 
LEU HD12   H N N 185 
LEU HD13   H N N 186 
LEU HD21   H N N 187 
LEU HD22   H N N 188 
LEU HD23   H N N 189 
LEU HXT    H N N 190 
LYS N      N N N 191 
LYS CA     C N S 192 
LYS C      C N N 193 
LYS O      O N N 194 
LYS CB     C N N 195 
LYS CG     C N N 196 
LYS CD     C N N 197 
LYS CE     C N N 198 
LYS NZ     N N N 199 
LYS OXT    O N N 200 
LYS H      H N N 201 
LYS H2     H N N 202 
LYS HA     H N N 203 
LYS HB2    H N N 204 
LYS HB3    H N N 205 
LYS HG2    H N N 206 
LYS HG3    H N N 207 
LYS HD2    H N N 208 
LYS HD3    H N N 209 
LYS HE2    H N N 210 
LYS HE3    H N N 211 
LYS HZ1    H N N 212 
LYS HZ2    H N N 213 
LYS HZ3    H N N 214 
LYS HXT    H N N 215 
MET N      N N N 216 
MET CA     C N S 217 
MET C      C N N 218 
MET O      O N N 219 
MET CB     C N N 220 
MET CG     C N N 221 
MET SD     S N N 222 
MET CE     C N N 223 
MET OXT    O N N 224 
MET H      H N N 225 
MET H2     H N N 226 
MET HA     H N N 227 
MET HB2    H N N 228 
MET HB3    H N N 229 
MET HG2    H N N 230 
MET HG3    H N N 231 
MET HE1    H N N 232 
MET HE2    H N N 233 
MET HE3    H N N 234 
MET HXT    H N N 235 
NIA O8     O N N 236 
NIA P      P N N 237 
NIA O6     O N N 238 
NIA O7     O N N 239 
NIA "O5'"  O N N 240 
NIA "C5'"  C N N 241 
NIA "C4'"  C N R 242 
NIA "C3'"  C N S 243 
NIA "O3'"  O N N 244 
NIA "C2'"  C N R 245 
NIA "O2'"  O N N 246 
NIA "O4'"  O N N 247 
NIA "C1'"  C N R 248 
NIA N1     N Y N 249 
NIA C5     C Y N 250 
NIA N6     N N N 251 
NIA C4     C Y N 252 
NIA N7     N N N 253 
NIA O72    O N N 254 
NIA O71    O N N 255 
NIA N3     N Y N 256 
NIA C2     C Y N 257 
NIA HO8    H N N 258 
NIA HO7    H N N 259 
NIA "H5'1" H N N 260 
NIA "H5'2" H N N 261 
NIA "H4'"  H N N 262 
NIA "H3'"  H N N 263 
NIA H1     H N N 264 
NIA "H2'"  H N N 265 
NIA H2     H N N 266 
NIA "H1'"  H N N 267 
NIA HN61   H N N 268 
NIA HN62   H N N 269 
NIA H3     H N N 270 
PHE N      N N N 271 
PHE CA     C N S 272 
PHE C      C N N 273 
PHE O      O N N 274 
PHE CB     C N N 275 
PHE CG     C Y N 276 
PHE CD1    C Y N 277 
PHE CD2    C Y N 278 
PHE CE1    C Y N 279 
PHE CE2    C Y N 280 
PHE CZ     C Y N 281 
PHE OXT    O N N 282 
PHE H      H N N 283 
PHE H2     H N N 284 
PHE HA     H N N 285 
PHE HB2    H N N 286 
PHE HB3    H N N 287 
PHE HD1    H N N 288 
PHE HD2    H N N 289 
PHE HE1    H N N 290 
PHE HE2    H N N 291 
PHE HZ     H N N 292 
PHE HXT    H N N 293 
PRO N      N N N 294 
PRO CA     C N S 295 
PRO C      C N N 296 
PRO O      O N N 297 
PRO CB     C N N 298 
PRO CG     C N N 299 
PRO CD     C N N 300 
PRO OXT    O N N 301 
PRO H      H N N 302 
PRO HA     H N N 303 
PRO HB2    H N N 304 
PRO HB3    H N N 305 
PRO HG2    H N N 306 
PRO HG3    H N N 307 
PRO HD2    H N N 308 
PRO HD3    H N N 309 
PRO HXT    H N N 310 
SER N      N N N 311 
SER CA     C N S 312 
SER C      C N N 313 
SER O      O N N 314 
SER CB     C N N 315 
SER OG     O N N 316 
SER OXT    O N N 317 
SER H      H N N 318 
SER H2     H N N 319 
SER HA     H N N 320 
SER HB2    H N N 321 
SER HB3    H N N 322 
SER HG     H N N 323 
SER HXT    H N N 324 
THR N      N N N 325 
THR CA     C N S 326 
THR C      C N N 327 
THR O      O N N 328 
THR CB     C N R 329 
THR OG1    O N N 330 
THR CG2    C N N 331 
THR OXT    O N N 332 
THR H      H N N 333 
THR H2     H N N 334 
THR HA     H N N 335 
THR HB     H N N 336 
THR HG1    H N N 337 
THR HG21   H N N 338 
THR HG22   H N N 339 
THR HG23   H N N 340 
THR HXT    H N N 341 
TRP N      N N N 342 
TRP CA     C N S 343 
TRP C      C N N 344 
TRP O      O N N 345 
TRP CB     C N N 346 
TRP CG     C Y N 347 
TRP CD1    C Y N 348 
TRP CD2    C Y N 349 
TRP NE1    N Y N 350 
TRP CE2    C Y N 351 
TRP CE3    C Y N 352 
TRP CZ2    C Y N 353 
TRP CZ3    C Y N 354 
TRP CH2    C Y N 355 
TRP OXT    O N N 356 
TRP H      H N N 357 
TRP H2     H N N 358 
TRP HA     H N N 359 
TRP HB2    H N N 360 
TRP HB3    H N N 361 
TRP HD1    H N N 362 
TRP HE1    H N N 363 
TRP HE3    H N N 364 
TRP HZ2    H N N 365 
TRP HZ3    H N N 366 
TRP HH2    H N N 367 
TRP HXT    H N N 368 
TYR N      N N N 369 
TYR CA     C N S 370 
TYR C      C N N 371 
TYR O      O N N 372 
TYR CB     C N N 373 
TYR CG     C Y N 374 
TYR CD1    C Y N 375 
TYR CD2    C Y N 376 
TYR CE1    C Y N 377 
TYR CE2    C Y N 378 
TYR CZ     C Y N 379 
TYR OH     O N N 380 
TYR OXT    O N N 381 
TYR H      H N N 382 
TYR H2     H N N 383 
TYR HA     H N N 384 
TYR HB2    H N N 385 
TYR HB3    H N N 386 
TYR HD1    H N N 387 
TYR HD2    H N N 388 
TYR HE1    H N N 389 
TYR HE2    H N N 390 
TYR HH     H N N 391 
TYR HXT    H N N 392 
VAL N      N N N 393 
VAL CA     C N S 394 
VAL C      C N N 395 
VAL O      O N N 396 
VAL CB     C N N 397 
VAL CG1    C N N 398 
VAL CG2    C N N 399 
VAL OXT    O N N 400 
VAL H      H N N 401 
VAL H2     H N N 402 
VAL HA     H N N 403 
VAL HB     H N N 404 
VAL HG11   H N N 405 
VAL HG12   H N N 406 
VAL HG13   H N N 407 
VAL HG21   H N N 408 
VAL HG22   H N N 409 
VAL HG23   H N N 410 
VAL HXT    H N N 411 
# 
loop_
_chem_comp_bond.comp_id 
_chem_comp_bond.atom_id_1 
_chem_comp_bond.atom_id_2 
_chem_comp_bond.value_order 
_chem_comp_bond.pdbx_aromatic_flag 
_chem_comp_bond.pdbx_stereo_config 
_chem_comp_bond.pdbx_ordinal 
ALA N     CA     sing N N 1   
ALA N     H      sing N N 2   
ALA N     H2     sing N N 3   
ALA CA    C      sing N N 4   
ALA CA    CB     sing N N 5   
ALA CA    HA     sing N N 6   
ALA C     O      doub N N 7   
ALA C     OXT    sing N N 8   
ALA CB    HB1    sing N N 9   
ALA CB    HB2    sing N N 10  
ALA CB    HB3    sing N N 11  
ALA OXT   HXT    sing N N 12  
ARG N     CA     sing N N 13  
ARG N     H      sing N N 14  
ARG N     H2     sing N N 15  
ARG CA    C      sing N N 16  
ARG CA    CB     sing N N 17  
ARG CA    HA     sing N N 18  
ARG C     O      doub N N 19  
ARG C     OXT    sing N N 20  
ARG CB    CG     sing N N 21  
ARG CB    HB2    sing N N 22  
ARG CB    HB3    sing N N 23  
ARG CG    CD     sing N N 24  
ARG CG    HG2    sing N N 25  
ARG CG    HG3    sing N N 26  
ARG CD    NE     sing N N 27  
ARG CD    HD2    sing N N 28  
ARG CD    HD3    sing N N 29  
ARG NE    CZ     sing N N 30  
ARG NE    HE     sing N N 31  
ARG CZ    NH1    sing N N 32  
ARG CZ    NH2    doub N N 33  
ARG NH1   HH11   sing N N 34  
ARG NH1   HH12   sing N N 35  
ARG NH2   HH21   sing N N 36  
ARG NH2   HH22   sing N N 37  
ARG OXT   HXT    sing N N 38  
ASN N     CA     sing N N 39  
ASN N     H      sing N N 40  
ASN N     H2     sing N N 41  
ASN CA    C      sing N N 42  
ASN CA    CB     sing N N 43  
ASN CA    HA     sing N N 44  
ASN C     O      doub N N 45  
ASN C     OXT    sing N N 46  
ASN CB    CG     sing N N 47  
ASN CB    HB2    sing N N 48  
ASN CB    HB3    sing N N 49  
ASN CG    OD1    doub N N 50  
ASN CG    ND2    sing N N 51  
ASN ND2   HD21   sing N N 52  
ASN ND2   HD22   sing N N 53  
ASN OXT   HXT    sing N N 54  
ASP N     CA     sing N N 55  
ASP N     H      sing N N 56  
ASP N     H2     sing N N 57  
ASP CA    C      sing N N 58  
ASP CA    CB     sing N N 59  
ASP CA    HA     sing N N 60  
ASP C     O      doub N N 61  
ASP C     OXT    sing N N 62  
ASP CB    CG     sing N N 63  
ASP CB    HB2    sing N N 64  
ASP CB    HB3    sing N N 65  
ASP CG    OD1    doub N N 66  
ASP CG    OD2    sing N N 67  
ASP OD2   HD2    sing N N 68  
ASP OXT   HXT    sing N N 69  
GLN N     CA     sing N N 70  
GLN N     H      sing N N 71  
GLN N     H2     sing N N 72  
GLN CA    C      sing N N 73  
GLN CA    CB     sing N N 74  
GLN CA    HA     sing N N 75  
GLN C     O      doub N N 76  
GLN C     OXT    sing N N 77  
GLN CB    CG     sing N N 78  
GLN CB    HB2    sing N N 79  
GLN CB    HB3    sing N N 80  
GLN CG    CD     sing N N 81  
GLN CG    HG2    sing N N 82  
GLN CG    HG3    sing N N 83  
GLN CD    OE1    doub N N 84  
GLN CD    NE2    sing N N 85  
GLN NE2   HE21   sing N N 86  
GLN NE2   HE22   sing N N 87  
GLN OXT   HXT    sing N N 88  
GLU N     CA     sing N N 89  
GLU N     H      sing N N 90  
GLU N     H2     sing N N 91  
GLU CA    C      sing N N 92  
GLU CA    CB     sing N N 93  
GLU CA    HA     sing N N 94  
GLU C     O      doub N N 95  
GLU C     OXT    sing N N 96  
GLU CB    CG     sing N N 97  
GLU CB    HB2    sing N N 98  
GLU CB    HB3    sing N N 99  
GLU CG    CD     sing N N 100 
GLU CG    HG2    sing N N 101 
GLU CG    HG3    sing N N 102 
GLU CD    OE1    doub N N 103 
GLU CD    OE2    sing N N 104 
GLU OE2   HE2    sing N N 105 
GLU OXT   HXT    sing N N 106 
GLY N     CA     sing N N 107 
GLY N     H      sing N N 108 
GLY N     H2     sing N N 109 
GLY CA    C      sing N N 110 
GLY CA    HA2    sing N N 111 
GLY CA    HA3    sing N N 112 
GLY C     O      doub N N 113 
GLY C     OXT    sing N N 114 
GLY OXT   HXT    sing N N 115 
HIS N     CA     sing N N 116 
HIS N     H      sing N N 117 
HIS N     H2     sing N N 118 
HIS CA    C      sing N N 119 
HIS CA    CB     sing N N 120 
HIS CA    HA     sing N N 121 
HIS C     O      doub N N 122 
HIS C     OXT    sing N N 123 
HIS CB    CG     sing N N 124 
HIS CB    HB2    sing N N 125 
HIS CB    HB3    sing N N 126 
HIS CG    ND1    sing Y N 127 
HIS CG    CD2    doub Y N 128 
HIS ND1   CE1    doub Y N 129 
HIS ND1   HD1    sing N N 130 
HIS CD2   NE2    sing Y N 131 
HIS CD2   HD2    sing N N 132 
HIS CE1   NE2    sing Y N 133 
HIS CE1   HE1    sing N N 134 
HIS NE2   HE2    sing N N 135 
HIS OXT   HXT    sing N N 136 
HOH O     H1     sing N N 137 
HOH O     H2     sing N N 138 
ILE N     CA     sing N N 139 
ILE N     H      sing N N 140 
ILE N     H2     sing N N 141 
ILE CA    C      sing N N 142 
ILE CA    CB     sing N N 143 
ILE CA    HA     sing N N 144 
ILE C     O      doub N N 145 
ILE C     OXT    sing N N 146 
ILE CB    CG1    sing N N 147 
ILE CB    CG2    sing N N 148 
ILE CB    HB     sing N N 149 
ILE CG1   CD1    sing N N 150 
ILE CG1   HG12   sing N N 151 
ILE CG1   HG13   sing N N 152 
ILE CG2   HG21   sing N N 153 
ILE CG2   HG22   sing N N 154 
ILE CG2   HG23   sing N N 155 
ILE CD1   HD11   sing N N 156 
ILE CD1   HD12   sing N N 157 
ILE CD1   HD13   sing N N 158 
ILE OXT   HXT    sing N N 159 
LEU N     CA     sing N N 160 
LEU N     H      sing N N 161 
LEU N     H2     sing N N 162 
LEU CA    C      sing N N 163 
LEU CA    CB     sing N N 164 
LEU CA    HA     sing N N 165 
LEU C     O      doub N N 166 
LEU C     OXT    sing N N 167 
LEU CB    CG     sing N N 168 
LEU CB    HB2    sing N N 169 
LEU CB    HB3    sing N N 170 
LEU CG    CD1    sing N N 171 
LEU CG    CD2    sing N N 172 
LEU CG    HG     sing N N 173 
LEU CD1   HD11   sing N N 174 
LEU CD1   HD12   sing N N 175 
LEU CD1   HD13   sing N N 176 
LEU CD2   HD21   sing N N 177 
LEU CD2   HD22   sing N N 178 
LEU CD2   HD23   sing N N 179 
LEU OXT   HXT    sing N N 180 
LYS N     CA     sing N N 181 
LYS N     H      sing N N 182 
LYS N     H2     sing N N 183 
LYS CA    C      sing N N 184 
LYS CA    CB     sing N N 185 
LYS CA    HA     sing N N 186 
LYS C     O      doub N N 187 
LYS C     OXT    sing N N 188 
LYS CB    CG     sing N N 189 
LYS CB    HB2    sing N N 190 
LYS CB    HB3    sing N N 191 
LYS CG    CD     sing N N 192 
LYS CG    HG2    sing N N 193 
LYS CG    HG3    sing N N 194 
LYS CD    CE     sing N N 195 
LYS CD    HD2    sing N N 196 
LYS CD    HD3    sing N N 197 
LYS CE    NZ     sing N N 198 
LYS CE    HE2    sing N N 199 
LYS CE    HE3    sing N N 200 
LYS NZ    HZ1    sing N N 201 
LYS NZ    HZ2    sing N N 202 
LYS NZ    HZ3    sing N N 203 
LYS OXT   HXT    sing N N 204 
MET N     CA     sing N N 205 
MET N     H      sing N N 206 
MET N     H2     sing N N 207 
MET CA    C      sing N N 208 
MET CA    CB     sing N N 209 
MET CA    HA     sing N N 210 
MET C     O      doub N N 211 
MET C     OXT    sing N N 212 
MET CB    CG     sing N N 213 
MET CB    HB2    sing N N 214 
MET CB    HB3    sing N N 215 
MET CG    SD     sing N N 216 
MET CG    HG2    sing N N 217 
MET CG    HG3    sing N N 218 
MET SD    CE     sing N N 219 
MET CE    HE1    sing N N 220 
MET CE    HE2    sing N N 221 
MET CE    HE3    sing N N 222 
MET OXT   HXT    sing N N 223 
NIA O8    P      sing N N 224 
NIA O8    HO8    sing N N 225 
NIA P     O6     doub N N 226 
NIA P     O7     sing N N 227 
NIA P     "O5'"  sing N N 228 
NIA O7    HO7    sing N N 229 
NIA "O5'" "C5'"  sing N N 230 
NIA "C5'" "C4'"  sing N N 231 
NIA "C5'" "H5'1" sing N N 232 
NIA "C5'" "H5'2" sing N N 233 
NIA "C4'" "C3'"  sing N N 234 
NIA "C4'" "O4'"  sing N N 235 
NIA "C4'" "H4'"  sing N N 236 
NIA "C3'" "O3'"  sing N N 237 
NIA "C3'" "C2'"  sing N N 238 
NIA "C3'" "H3'"  sing N N 239 
NIA "O3'" H1     sing N N 240 
NIA "C2'" "O2'"  sing N N 241 
NIA "C2'" "C1'"  sing N N 242 
NIA "C2'" "H2'"  sing N N 243 
NIA "O2'" H2     sing N N 244 
NIA "O4'" "C1'"  sing N N 245 
NIA "C1'" N1     sing N N 246 
NIA "C1'" "H1'"  sing N N 247 
NIA N1    C5     sing Y N 248 
NIA N1    C2     sing Y N 249 
NIA C5    N6     sing N N 250 
NIA C5    C4     doub Y N 251 
NIA N6    HN61   sing N N 252 
NIA N6    HN62   sing N N 253 
NIA C4    N7     sing N N 254 
NIA C4    N3     sing Y N 255 
NIA N7    O72    doub N N 256 
NIA N7    O71    sing N N 257 
NIA N3    C2     doub Y N 258 
NIA C2    H3     sing N N 259 
PHE N     CA     sing N N 260 
PHE N     H      sing N N 261 
PHE N     H2     sing N N 262 
PHE CA    C      sing N N 263 
PHE CA    CB     sing N N 264 
PHE CA    HA     sing N N 265 
PHE C     O      doub N N 266 
PHE C     OXT    sing N N 267 
PHE CB    CG     sing N N 268 
PHE CB    HB2    sing N N 269 
PHE CB    HB3    sing N N 270 
PHE CG    CD1    doub Y N 271 
PHE CG    CD2    sing Y N 272 
PHE CD1   CE1    sing Y N 273 
PHE CD1   HD1    sing N N 274 
PHE CD2   CE2    doub Y N 275 
PHE CD2   HD2    sing N N 276 
PHE CE1   CZ     doub Y N 277 
PHE CE1   HE1    sing N N 278 
PHE CE2   CZ     sing Y N 279 
PHE CE2   HE2    sing N N 280 
PHE CZ    HZ     sing N N 281 
PHE OXT   HXT    sing N N 282 
PRO N     CA     sing N N 283 
PRO N     CD     sing N N 284 
PRO N     H      sing N N 285 
PRO CA    C      sing N N 286 
PRO CA    CB     sing N N 287 
PRO CA    HA     sing N N 288 
PRO C     O      doub N N 289 
PRO C     OXT    sing N N 290 
PRO CB    CG     sing N N 291 
PRO CB    HB2    sing N N 292 
PRO CB    HB3    sing N N 293 
PRO CG    CD     sing N N 294 
PRO CG    HG2    sing N N 295 
PRO CG    HG3    sing N N 296 
PRO CD    HD2    sing N N 297 
PRO CD    HD3    sing N N 298 
PRO OXT   HXT    sing N N 299 
SER N     CA     sing N N 300 
SER N     H      sing N N 301 
SER N     H2     sing N N 302 
SER CA    C      sing N N 303 
SER CA    CB     sing N N 304 
SER CA    HA     sing N N 305 
SER C     O      doub N N 306 
SER C     OXT    sing N N 307 
SER CB    OG     sing N N 308 
SER CB    HB2    sing N N 309 
SER CB    HB3    sing N N 310 
SER OG    HG     sing N N 311 
SER OXT   HXT    sing N N 312 
THR N     CA     sing N N 313 
THR N     H      sing N N 314 
THR N     H2     sing N N 315 
THR CA    C      sing N N 316 
THR CA    CB     sing N N 317 
THR CA    HA     sing N N 318 
THR C     O      doub N N 319 
THR C     OXT    sing N N 320 
THR CB    OG1    sing N N 321 
THR CB    CG2    sing N N 322 
THR CB    HB     sing N N 323 
THR OG1   HG1    sing N N 324 
THR CG2   HG21   sing N N 325 
THR CG2   HG22   sing N N 326 
THR CG2   HG23   sing N N 327 
THR OXT   HXT    sing N N 328 
TRP N     CA     sing N N 329 
TRP N     H      sing N N 330 
TRP N     H2     sing N N 331 
TRP CA    C      sing N N 332 
TRP CA    CB     sing N N 333 
TRP CA    HA     sing N N 334 
TRP C     O      doub N N 335 
TRP C     OXT    sing N N 336 
TRP CB    CG     sing N N 337 
TRP CB    HB2    sing N N 338 
TRP CB    HB3    sing N N 339 
TRP CG    CD1    doub Y N 340 
TRP CG    CD2    sing Y N 341 
TRP CD1   NE1    sing Y N 342 
TRP CD1   HD1    sing N N 343 
TRP CD2   CE2    doub Y N 344 
TRP CD2   CE3    sing Y N 345 
TRP NE1   CE2    sing Y N 346 
TRP NE1   HE1    sing N N 347 
TRP CE2   CZ2    sing Y N 348 
TRP CE3   CZ3    doub Y N 349 
TRP CE3   HE3    sing N N 350 
TRP CZ2   CH2    doub Y N 351 
TRP CZ2   HZ2    sing N N 352 
TRP CZ3   CH2    sing Y N 353 
TRP CZ3   HZ3    sing N N 354 
TRP CH2   HH2    sing N N 355 
TRP OXT   HXT    sing N N 356 
TYR N     CA     sing N N 357 
TYR N     H      sing N N 358 
TYR N     H2     sing N N 359 
TYR CA    C      sing N N 360 
TYR CA    CB     sing N N 361 
TYR CA    HA     sing N N 362 
TYR C     O      doub N N 363 
TYR C     OXT    sing N N 364 
TYR CB    CG     sing N N 365 
TYR CB    HB2    sing N N 366 
TYR CB    HB3    sing N N 367 
TYR CG    CD1    doub Y N 368 
TYR CG    CD2    sing Y N 369 
TYR CD1   CE1    sing Y N 370 
TYR CD1   HD1    sing N N 371 
TYR CD2   CE2    doub Y N 372 
TYR CD2   HD2    sing N N 373 
TYR CE1   CZ     doub Y N 374 
TYR CE1   HE1    sing N N 375 
TYR CE2   CZ     sing Y N 376 
TYR CE2   HE2    sing N N 377 
TYR CZ    OH     sing N N 378 
TYR OH    HH     sing N N 379 
TYR OXT   HXT    sing N N 380 
VAL N     CA     sing N N 381 
VAL N     H      sing N N 382 
VAL N     H2     sing N N 383 
VAL CA    C      sing N N 384 
VAL CA    CB     sing N N 385 
VAL CA    HA     sing N N 386 
VAL C     O      doub N N 387 
VAL C     OXT    sing N N 388 
VAL CB    CG1    sing N N 389 
VAL CB    CG2    sing N N 390 
VAL CB    HB     sing N N 391 
VAL CG1   HG11   sing N N 392 
VAL CG1   HG12   sing N N 393 
VAL CG1   HG13   sing N N 394 
VAL CG2   HG21   sing N N 395 
VAL CG2   HG22   sing N N 396 
VAL CG2   HG23   sing N N 397 
VAL OXT   HXT    sing N N 398 
# 
_atom_sites.entry_id                    2NSH 
_atom_sites.fract_transf_matrix[1][1]   -0.00842459 
_atom_sites.fract_transf_matrix[1][2]   -0.00281827 
_atom_sites.fract_transf_matrix[1][3]   0.00112149 
_atom_sites.fract_transf_matrix[2][1]   0.00210681 
_atom_sites.fract_transf_matrix[2][2]   -0.00781861 
_atom_sites.fract_transf_matrix[2][3]   -0.00382163 
_atom_sites.fract_transf_matrix[3][1]   0.00493212 
_atom_sites.fract_transf_matrix[3][2]   -0.00753058 
_atom_sites.fract_transf_matrix[3][3]   0.01812570 
_atom_sites.fract_transf_vector[1]      0.028675 
_atom_sites.fract_transf_vector[2]      -0.216796 
_atom_sites.fract_transf_vector[3]      -0.321630 
# 
loop_
_atom_type.symbol 
C 
N 
O 
P 
S 
# 
loop_
_atom_site.group_PDB 
_atom_site.id 
_atom_site.type_symbol 
_atom_site.label_atom_id 
_atom_site.label_alt_id 
_atom_site.label_comp_id 
_atom_site.label_asym_id 
_atom_site.label_entity_id 
_atom_site.label_seq_id 
_atom_site.pdbx_PDB_ins_code 
_atom_site.Cartn_x 
_atom_site.Cartn_y 
_atom_site.Cartn_z 
_atom_site.occupancy 
_atom_site.B_iso_or_equiv 
_atom_site.pdbx_formal_charge 
_atom_site.auth_seq_id 
_atom_site.auth_comp_id 
_atom_site.auth_asym_id 
_atom_site.auth_atom_id 
_atom_site.pdbx_PDB_model_num 
ATOM   1    N N     . PRO A 1 7   ? -6.493  13.028  11.962  1.00 48.59  ? 7   PRO A N     1 
ATOM   2    C CA    . PRO A 1 7   ? -7.296  11.931  11.408  1.00 48.08  ? 7   PRO A CA    1 
ATOM   3    C C     . PRO A 1 7   ? -6.526  11.087  10.386  1.00 46.85  ? 7   PRO A C     1 
ATOM   4    O O     . PRO A 1 7   ? -5.553  11.562  9.787   1.00 47.15  ? 7   PRO A O     1 
ATOM   5    C CB    . PRO A 1 7   ? -8.486  12.645  10.749  1.00 48.56  ? 7   PRO A CB    1 
ATOM   6    C CG    . PRO A 1 7   ? -8.081  14.095  10.600  1.00 48.96  ? 7   PRO A CG    1 
ATOM   7    C CD    . PRO A 1 7   ? -6.759  14.321  11.301  1.00 49.24  ? 7   PRO A CD    1 
ATOM   8    N N     . ALA A 1 8   ? -6.953  9.836   10.207  1.00 44.98  ? 8   ALA A N     1 
ATOM   9    C CA    . ALA A 1 8   ? -6.294  8.933   9.261   1.00 42.55  ? 8   ALA A CA    1 
ATOM   10   C C     . ALA A 1 8   ? -6.627  9.333   7.828   1.00 41.24  ? 8   ALA A C     1 
ATOM   11   O O     . ALA A 1 8   ? -7.791  9.393   7.453   1.00 41.67  ? 8   ALA A O     1 
ATOM   12   C CB    . ALA A 1 8   ? -6.713  7.492   9.528   1.00 43.26  ? 8   ALA A CB    1 
ATOM   13   N N     . ARG A 1 9   ? -5.640  9.620   7.047   1.00 39.01  ? 9   ARG A N     1 
ATOM   14   C CA    A ARG A 1 9   ? -5.800  10.043  5.613   0.50 30.77  ? 9   ARG A CA    1 
ATOM   15   C CA    B ARG A 1 9   ? -5.757  9.958   5.671   0.50 37.86  ? 9   ARG A CA    1 
ATOM   16   C C     . ARG A 1 9   ? -5.439  8.839   4.656   1.00 36.57  ? 9   ARG A C     1 
ATOM   17   O O     . ARG A 1 9   ? -5.581  9.048   3.568   1.00 35.29  ? 9   ARG A O     1 
ATOM   18   C CB    A ARG A 1 9   ? -4.902  11.239  5.289   0.50 29.91  ? 9   ARG A CB    1 
ATOM   19   C CB    B ARG A 1 9   ? -4.853  11.106  5.382   0.50 38.04  ? 9   ARG A CB    1 
ATOM   20   C CG    A ARG A 1 9   ? -5.230  12.494  6.082   0.50 30.43  ? 9   ARG A CG    1 
ATOM   21   C CG    B ARG A 1 9   ? -5.002  12.354  6.133   0.50 42.99  ? 9   ARG A CG    1 
ATOM   22   C CD    A ARG A 1 9   ? -4.153  12.796  7.110   0.50 32.46  ? 9   ARG A CD    1 
ATOM   23   C CD    B ARG A 1 9   ? -3.861  13.203  6.035   0.50 51.75  ? 9   ARG A CD    1 
ATOM   24   N NE    A ARG A 1 9   ? -3.050  13.562  6.537   0.50 33.90  ? 9   ARG A NE    1 
ATOM   25   N NE    B ARG A 1 9   ? -3.936  14.539  6.557   0.50 56.93  ? 9   ARG A NE    1 
ATOM   26   C CZ    A ARG A 1 9   ? -1.766  13.328  6.791   0.50 32.30  ? 9   ARG A CZ    1 
ATOM   27   C CZ    B ARG A 1 9   ? -5.042  15.117  6.914   0.50 60.29  ? 9   ARG A CZ    1 
ATOM   28   N NH1   A ARG A 1 9   ? -1.420  12.345  7.611   0.50 28.25  ? 9   ARG A NH1   1 
ATOM   29   N NH1   B ARG A 1 9   ? -6.178  14.516  6.720   0.50 61.76  ? 9   ARG A NH1   1 
ATOM   30   N NH2   A ARG A 1 9   ? -0.829  14.075  6.226   0.50 31.23  ? 9   ARG A NH2   1 
ATOM   31   N NH2   B ARG A 1 9   ? -4.971  16.298  7.424   0.50 61.93  ? 9   ARG A NH2   1 
ATOM   32   N N     . VAL A 1 10  ? -5.055  7.728   5.218   1.00 35.21  ? 10  VAL A N     1 
ATOM   33   C CA    . VAL A 1 10  ? -4.792  6.544   4.428   1.00 36.16  ? 10  VAL A CA    1 
ATOM   34   C C     . VAL A 1 10  ? -5.430  5.310   5.078   1.00 35.16  ? 10  VAL A C     1 
ATOM   35   O O     . VAL A 1 10  ? -5.435  5.167   6.310   1.00 34.84  ? 10  VAL A O     1 
ATOM   36   C CB    . VAL A 1 10  ? -3.257  6.378   4.135   1.00 35.71  ? 10  VAL A CB    1 
ATOM   37   C CG1   . VAL A 1 10  ? -2.474  6.322   5.435   1.00 38.67  ? 10  VAL A CG1   1 
ATOM   38   C CG2   . VAL A 1 10  ? -2.977  5.127   3.252   1.00 38.36  ? 10  VAL A CG2   1 
ATOM   39   N N     . ALA A 1 11  ? -6.002  4.456   4.235   1.00 35.00  ? 11  ALA A N     1 
ATOM   40   C CA    . ALA A 1 11  ? -6.540  3.153   4.635   1.00 35.16  ? 11  ALA A CA    1 
ATOM   41   C C     . ALA A 1 11  ? -5.677  2.069   3.987   1.00 34.30  ? 11  ALA A C     1 
ATOM   42   O O     . ALA A 1 11  ? -5.332  2.181   2.796   1.00 34.56  ? 11  ALA A O     1 
ATOM   43   C CB    . ALA A 1 11  ? -7.919  2.998   4.165   1.00 34.90  ? 11  ALA A CB    1 
ATOM   44   N N     . ILE A 1 12  ? -5.361  1.027   4.758   1.00 33.14  ? 12  ILE A N     1 
ATOM   45   C CA    . ILE A 1 12  ? -4.657  -0.132  4.244   1.00 33.55  ? 12  ILE A CA    1 
ATOM   46   C C     . ILE A 1 12  ? -5.700  -1.261  4.302   1.00 33.69  ? 12  ILE A C     1 
ATOM   47   O O     . ILE A 1 12  ? -6.181  -1.613  5.400   1.00 35.06  ? 12  ILE A O     1 
ATOM   48   C CB    . ILE A 1 12  ? -3.448  -0.513  5.155   1.00 33.79  ? 12  ILE A CB    1 
ATOM   49   C CG1   . ILE A 1 12  ? -2.417  0.630   5.200   1.00 34.50  ? 12  ILE A CG1   1 
ATOM   50   C CG2   . ILE A 1 12  ? -2.797  -1.844  4.672   1.00 33.37  ? 12  ILE A CG2   1 
ATOM   51   C CD1   . ILE A 1 12  ? -1.313  0.417   6.233   1.00 34.35  ? 12  ILE A CD1   1 
ATOM   52   N N     . VAL A 1 13  ? -6.075  -1.810  3.159   1.00 32.33  ? 13  VAL A N     1 
ATOM   53   C CA    . VAL A 1 13  ? -7.059  -2.900  3.178   1.00 32.83  ? 13  VAL A CA    1 
ATOM   54   C C     . VAL A 1 13  ? -6.478  -4.111  2.480   1.00 32.07  ? 13  VAL A C     1 
ATOM   55   O O     . VAL A 1 13  ? -5.498  -3.976  1.728   1.00 33.58  ? 13  VAL A O     1 
ATOM   56   C CB    . VAL A 1 13  ? -8.414  -2.464  2.568   1.00 32.64  ? 13  VAL A CB    1 
ATOM   57   C CG1   . VAL A 1 13  ? -9.035  -1.271  3.354   1.00 35.13  ? 13  VAL A CG1   1 
ATOM   58   C CG2   . VAL A 1 13  ? -8.233  -2.114  1.110   1.00 31.83  ? 13  VAL A CG2   1 
ATOM   59   N N     . MET A 1 14  ? -7.040  -5.308  2.712   1.00 32.80  ? 14  MET A N     1 
ATOM   60   C CA    . MET A 1 14  ? -6.440  -6.499  2.154   1.00 32.84  ? 14  MET A CA    1 
ATOM   61   C C     . MET A 1 14  ? -7.524  -7.548  2.071   1.00 33.17  ? 14  MET A C     1 
ATOM   62   O O     . MET A 1 14  ? -8.508  -7.480  2.813   1.00 32.65  ? 14  MET A O     1 
ATOM   63   C CB    . MET A 1 14  ? -5.273  -6.999  2.997   1.00 33.06  ? 14  MET A CB    1 
ATOM   64   C CG    . MET A 1 14  ? -5.652  -7.458  4.393   1.00 33.13  ? 14  MET A CG    1 
ATOM   65   S SD    . MET A 1 14  ? -4.352  -7.160  5.623   1.00 34.89  ? 14  MET A SD    1 
ATOM   66   C CE    . MET A 1 14  ? -4.409  -5.374  5.667   1.00 34.94  ? 14  MET A CE    1 
ATOM   67   N N     . GLY A 1 15  ? -7.364  -8.480  1.147   1.00 33.37  ? 15  GLY A N     1 
ATOM   68   C CA    . GLY A 1 15  ? -8.439  -9.426  0.838   1.00 33.60  ? 15  GLY A CA    1 
ATOM   69   C C     . GLY A 1 15  ? -8.654  -10.449 1.933   1.00 35.11  ? 15  GLY A C     1 
ATOM   70   O O     . GLY A 1 15  ? -9.766  -10.987 2.077   1.00 35.85  ? 15  GLY A O     1 
ATOM   71   N N     . SER A 1 16  ? -7.602  -10.702 2.725   1.00 34.78  ? 16  SER A N     1 
ATOM   72   C CA    A SER A 1 16  ? -7.608  -11.779 3.710   0.50 35.26  ? 16  SER A CA    1 
ATOM   73   C CA    B SER A 1 16  ? -7.657  -11.754 3.754   0.50 36.10  ? 16  SER A CA    1 
ATOM   74   C C     . SER A 1 16  ? -6.715  -11.494 4.919   1.00 35.78  ? 16  SER A C     1 
ATOM   75   O O     . SER A 1 16  ? -5.753  -10.750 4.822   1.00 34.36  ? 16  SER A O     1 
ATOM   76   C CB    A SER A 1 16  ? -7.138  -13.059 3.023   0.50 35.45  ? 16  SER A CB    1 
ATOM   77   C CB    B SER A 1 16  ? -7.385  -13.137 3.140   0.50 36.22  ? 16  SER A CB    1 
ATOM   78   O OG    A SER A 1 16  ? -6.043  -13.354 3.017   0.00 31.06  ? 16  SER A OG    1 
ATOM   79   O OG    B SER A 1 16  ? -7.180  -14.130 4.132   1.00 41.69  ? 16  SER A OG    1 
ATOM   80   N N     . LYS A 1 17  ? -7.032  -12.088 6.064   1.00 36.40  ? 17  LYS A N     1 
ATOM   81   C CA    . LYS A 1 17  ? -6.165  -11.997 7.226   1.00 37.17  ? 17  LYS A CA    1 
ATOM   82   C C     . LYS A 1 17  ? -4.750  -12.511 6.880   1.00 36.63  ? 17  LYS A C     1 
ATOM   83   O O     . LYS A 1 17  ? -3.766  -11.978 7.377   1.00 35.53  ? 17  LYS A O     1 
ATOM   84   C CB    . LYS A 1 17  ? -6.744  -12.853 8.350   1.00 37.58  ? 17  LYS A CB    1 
ATOM   85   C CG    . LYS A 1 17  ? -5.892  -12.932 9.597   1.00 40.77  ? 17  LYS A CG    1 
ATOM   86   C CD    . LYS A 1 17  ? -6.695  -13.511 10.787  1.00 40.60  ? 17  LYS A CD    1 
ATOM   87   C CE    . LYS A 1 17  ? -5.829  -13.679 12.052  1.00 45.40  ? 17  LYS A CE    1 
ATOM   88   N NZ    . LYS A 1 17  ? -5.201  -12.395 12.512  1.00 50.32  ? 17  LYS A NZ    1 
ATOM   89   N N     . SER A 1 18  ? -4.669  -13.549 6.055   1.00 35.99  ? 18  SER A N     1 
ATOM   90   C CA    . SER A 1 18  ? -3.355  -14.114 5.690   1.00 36.88  ? 18  SER A CA    1 
ATOM   91   C C     . SER A 1 18  ? -2.457  -13.114 4.971   1.00 36.95  ? 18  SER A C     1 
ATOM   92   O O     . SER A 1 18  ? -1.228  -13.241 4.994   1.00 37.64  ? 18  SER A O     1 
ATOM   93   C CB    . SER A 1 18  ? -3.516  -15.393 4.887   1.00 37.16  ? 18  SER A CB    1 
ATOM   94   O OG    . SER A 1 18  ? -4.121  -15.152 3.618   1.00 42.17  ? 18  SER A OG    1 
ATOM   95   N N     . ASP A 1 19  ? -3.069  -12.114 4.345   1.00 34.81  ? 19  ASP A N     1 
ATOM   96   C CA    . ASP A 1 19  ? -2.335  -11.064 3.643   1.00 34.36  ? 19  ASP A CA    1 
ATOM   97   C C     . ASP A 1 19  ? -1.597  -10.136 4.610   1.00 33.32  ? 19  ASP A C     1 
ATOM   98   O O     . ASP A 1 19  ? -0.688  -9.422  4.186   1.00 31.61  ? 19  ASP A O     1 
ATOM   99   C CB    . ASP A 1 19  ? -3.306  -10.195 2.821   1.00 33.15  ? 19  ASP A CB    1 
ATOM   100  C CG    . ASP A 1 19  ? -3.908  -10.925 1.649   1.00 36.08  ? 19  ASP A CG    1 
ATOM   101  O OD1   . ASP A 1 19  ? -3.298  -11.909 1.138   1.00 36.74  ? 19  ASP A OD1   1 
ATOM   102  O OD2   . ASP A 1 19  ? -4.997  -10.500 1.215   1.00 38.77  ? 19  ASP A OD2   1 
ATOM   103  N N     . TRP A 1 20  ? -1.999  -10.143 5.887   1.00 33.21  ? 20  TRP A N     1 
ATOM   104  C CA    . TRP A 1 20  ? -1.370  -9.277  6.907   1.00 33.68  ? 20  TRP A CA    1 
ATOM   105  C C     . TRP A 1 20  ? 0.124   -9.548  7.056   1.00 32.89  ? 20  TRP A C     1 
ATOM   106  O O     . TRP A 1 20  ? 0.915   -8.622  7.286   1.00 32.43  ? 20  TRP A O     1 
ATOM   107  C CB    . TRP A 1 20  ? -2.111  -9.331  8.261   1.00 34.28  ? 20  TRP A CB    1 
ATOM   108  C CG    . TRP A 1 20  ? -1.529  -8.377  9.276   1.00 35.33  ? 20  TRP A CG    1 
ATOM   109  C CD1   . TRP A 1 20  ? -0.969  -8.712  10.482  1.00 35.60  ? 20  TRP A CD1   1 
ATOM   110  C CD2   . TRP A 1 20  ? -1.432  -6.943  9.171   1.00 34.40  ? 20  TRP A CD2   1 
ATOM   111  N NE1   . TRP A 1 20  ? -0.536  -7.568  11.133  1.00 35.34  ? 20  TRP A NE1   1 
ATOM   112  C CE2   . TRP A 1 20  ? -0.799  -6.479  10.347  1.00 35.96  ? 20  TRP A CE2   1 
ATOM   113  C CE3   . TRP A 1 20  ? -1.829  -6.004  8.201   1.00 35.93  ? 20  TRP A CE3   1 
ATOM   114  C CZ2   . TRP A 1 20  ? -0.562  -5.124  10.583  1.00 35.73  ? 20  TRP A CZ2   1 
ATOM   115  C CZ3   . TRP A 1 20  ? -1.573  -4.648  8.430   1.00 34.71  ? 20  TRP A CZ3   1 
ATOM   116  C CH2   . TRP A 1 20  ? -0.953  -4.228  9.619   1.00 36.42  ? 20  TRP A CH2   1 
ATOM   117  N N     . ALA A 1 21  ? 0.534   -10.792 6.879   1.00 32.30  ? 21  ALA A N     1 
ATOM   118  C CA    . ALA A 1 21  ? 1.982   -11.084 6.900   1.00 33.84  ? 21  ALA A CA    1 
ATOM   119  C C     . ALA A 1 21  ? 2.785   -10.161 5.958   1.00 33.87  ? 21  ALA A C     1 
ATOM   120  O O     . ALA A 1 21  ? 3.907   -9.761  6.278   1.00 33.82  ? 21  ALA A O     1 
ATOM   121  C CB    . ALA A 1 21  ? 2.250   -12.527 6.581   1.00 33.55  ? 21  ALA A CB    1 
ATOM   122  N N     . THR A 1 22  ? 2.178   -9.824  4.803   1.00 33.34  ? 22  THR A N     1 
ATOM   123  C CA    . THR A 1 22  ? 2.741   -8.903  3.808   1.00 33.44  ? 22  THR A CA    1 
ATOM   124  C C     . THR A 1 22  ? 2.426   -7.465  4.071   1.00 33.37  ? 22  THR A C     1 
ATOM   125  O O     . THR A 1 22  ? 3.318   -6.633  4.030   1.00 32.43  ? 22  THR A O     1 
ATOM   126  C CB    . THR A 1 22  ? 2.225   -9.247  2.385   1.00 33.79  ? 22  THR A CB    1 
ATOM   127  O OG1   . THR A 1 22  ? 2.559   -10.594 2.096   1.00 32.98  ? 22  THR A OG1   1 
ATOM   128  C CG2   . THR A 1 22  ? 2.913   -8.361  1.336   1.00 33.14  ? 22  THR A CG2   1 
ATOM   129  N N     . MET A 1 23  ? 1.144   -7.160  4.335   1.00 33.40  ? 23  MET A N     1 
ATOM   130  C CA    . MET A 1 23  ? 0.720   -5.778  4.456   1.00 33.79  ? 23  MET A CA    1 
ATOM   131  C C     . MET A 1 23  ? 1.195   -5.112  5.735   1.00 33.46  ? 23  MET A C     1 
ATOM   132  O O     . MET A 1 23  ? 1.246   -3.896  5.799   1.00 34.09  ? 23  MET A O     1 
ATOM   133  C CB    . MET A 1 23  ? -0.808  -5.645  4.325   1.00 34.52  ? 23  MET A CB    1 
ATOM   134  C CG    . MET A 1 23  ? -1.392  -6.211  3.027   1.00 35.89  ? 23  MET A CG    1 
ATOM   135  S SD    . MET A 1 23  ? -0.605  -5.558  1.537   1.00 37.39  ? 23  MET A SD    1 
ATOM   136  C CE    . MET A 1 23  ? -0.926  -3.793  1.666   1.00 39.11  ? 23  MET A CE    1 
ATOM   137  N N     . GLN A 1 24  ? 1.526   -5.886  6.762   1.00 32.69  ? 24  GLN A N     1 
ATOM   138  C CA    . GLN A 1 24  ? 2.166   -5.309  7.942   1.00 33.27  ? 24  GLN A CA    1 
ATOM   139  C C     . GLN A 1 24  ? 3.331   -4.401  7.626   1.00 33.26  ? 24  GLN A C     1 
ATOM   140  O O     . GLN A 1 24  ? 3.597   -3.451  8.371   1.00 34.21  ? 24  GLN A O     1 
ATOM   141  C CB    . GLN A 1 24  ? 2.599   -6.394  8.930   1.00 32.37  ? 24  GLN A CB    1 
ATOM   142  C CG    . GLN A 1 24  ? 3.778   -7.268  8.469   1.00 31.85  ? 24  GLN A CG    1 
ATOM   143  C CD    . GLN A 1 24  ? 4.068   -8.402  9.434   1.00 36.18  ? 24  GLN A CD    1 
ATOM   144  O OE1   . GLN A 1 24  ? 4.212   -9.576  9.039   1.00 41.38  ? 24  GLN A OE1   1 
ATOM   145  N NE2   . GLN A 1 24  ? 4.152   -8.063  10.704  1.00 34.24  ? 24  GLN A NE2   1 
ATOM   146  N N     . PHE A 1 25  ? 4.053   -4.701  6.544   1.00 34.16  ? 25  PHE A N     1 
ATOM   147  C CA    . PHE A 1 25  ? 5.180   -3.880  6.143   1.00 34.51  ? 25  PHE A CA    1 
ATOM   148  C C     . PHE A 1 25  ? 4.779   -2.463  5.660   1.00 34.62  ? 25  PHE A C     1 
ATOM   149  O O     . PHE A 1 25  ? 5.583   -1.536  5.747   1.00 35.10  ? 25  PHE A O     1 
ATOM   150  C CB    . PHE A 1 25  ? 6.119   -4.648  5.169   1.00 35.33  ? 25  PHE A CB    1 
ATOM   151  C CG    . PHE A 1 25  ? 6.775   -5.836  5.803   1.00 37.02  ? 25  PHE A CG    1 
ATOM   152  C CD1   . PHE A 1 25  ? 6.186   -7.100  5.755   1.00 36.19  ? 25  PHE A CD1   1 
ATOM   153  C CD2   . PHE A 1 25  ? 7.936   -5.689  6.541   1.00 41.31  ? 25  PHE A CD2   1 
ATOM   154  C CE1   . PHE A 1 25  ? 6.791   -8.191  6.368   1.00 37.05  ? 25  PHE A CE1   1 
ATOM   155  C CE2   . PHE A 1 25  ? 8.533   -6.781  7.169   1.00 37.76  ? 25  PHE A CE2   1 
ATOM   156  C CZ    . PHE A 1 25  ? 7.962   -8.032  7.080   1.00 37.94  ? 25  PHE A CZ    1 
ATOM   157  N N     . ALA A 1 26  ? 3.537   -2.274  5.218   1.00 34.61  ? 26  ALA A N     1 
ATOM   158  C CA    . ALA A 1 26  ? 3.029   -0.924  4.893   1.00 34.84  ? 26  ALA A CA    1 
ATOM   159  C C     . ALA A 1 26  ? 2.750   -0.150  6.171   1.00 35.45  ? 26  ALA A C     1 
ATOM   160  O O     . ALA A 1 26  ? 3.163   1.010   6.317   1.00 35.66  ? 26  ALA A O     1 
ATOM   161  C CB    . ALA A 1 26  ? 1.749   -1.027  4.061   1.00 34.49  ? 26  ALA A CB    1 
ATOM   162  N N     . ALA A 1 27  ? 2.063   -0.818  7.098   1.00 35.74  ? 27  ALA A N     1 
ATOM   163  C CA    . ALA A 1 27  ? 1.773   -0.314  8.434   1.00 36.10  ? 27  ALA A CA    1 
ATOM   164  C C     . ALA A 1 27  ? 3.047   0.112   9.166   1.00 36.81  ? 27  ALA A C     1 
ATOM   165  O O     . ALA A 1 27  ? 3.081   1.173   9.803   1.00 37.06  ? 27  ALA A O     1 
ATOM   166  C CB    . ALA A 1 27  ? 0.993   -1.403  9.257   1.00 36.55  ? 27  ALA A CB    1 
ATOM   167  N N     . GLU A 1 28  ? 4.121   -0.687  9.040   1.00 37.01  ? 28  GLU A N     1 
ATOM   168  C CA    . GLU A 1 28  ? 5.409   -0.353  9.658   1.00 37.75  ? 28  GLU A CA    1 
ATOM   169  C C     . GLU A 1 28  ? 5.956   0.991   9.174   1.00 36.12  ? 28  GLU A C     1 
ATOM   170  O O     . GLU A 1 28  ? 6.490   1.773   9.976   1.00 35.10  ? 28  GLU A O     1 
ATOM   171  C CB    . GLU A 1 28  ? 6.452   -1.450  9.382   1.00 37.94  ? 28  GLU A CB    1 
ATOM   172  C CG    . GLU A 1 28  ? 7.793   -1.209  10.077  1.00 40.27  ? 28  GLU A CG    1 
ATOM   173  C CD    . GLU A 1 28  ? 8.908   -2.150  9.653   1.00 41.54  ? 28  GLU A CD    1 
ATOM   174  O OE1   . GLU A 1 28  ? 9.114   -2.374  8.441   1.00 44.59  ? 28  GLU A OE1   1 
ATOM   175  O OE2   . GLU A 1 28  ? 9.620   -2.643  10.565  1.00 50.36  ? 28  GLU A OE2   1 
ATOM   176  N N     . ILE A 1 29  ? 5.860   1.253   7.868   1.00 34.84  ? 29  ILE A N     1 
ATOM   177  C CA    . ILE A 1 29  ? 6.321   2.537   7.330   1.00 35.08  ? 29  ILE A CA    1 
ATOM   178  C C     . ILE A 1 29  ? 5.558   3.685   7.988   1.00 34.55  ? 29  ILE A C     1 
ATOM   179  O O     . ILE A 1 29  ? 6.140   4.712   8.387   1.00 35.71  ? 29  ILE A O     1 
ATOM   180  C CB    . ILE A 1 29  ? 6.157   2.604   5.784   1.00 33.97  ? 29  ILE A CB    1 
ATOM   181  C CG1   . ILE A 1 29  ? 7.102   1.606   5.094   1.00 35.92  ? 29  ILE A CG1   1 
ATOM   182  C CG2   . ILE A 1 29  ? 6.371   4.035   5.261   1.00 36.66  ? 29  ILE A CG2   1 
ATOM   183  C CD1   . ILE A 1 29  ? 8.541   1.780   5.475   1.00 36.89  ? 29  ILE A CD1   1 
ATOM   184  N N     . PHE A 1 30  ? 4.249   3.531   8.103   1.00 35.20  ? 30  PHE A N     1 
ATOM   185  C CA    . PHE A 1 30  ? 3.435   4.588   8.670   1.00 35.95  ? 30  PHE A CA    1 
ATOM   186  C C     . PHE A 1 30  ? 3.730   4.795   10.163  1.00 37.69  ? 30  PHE A C     1 
ATOM   187  O O     . PHE A 1 30  ? 3.663   5.933   10.670  1.00 37.90  ? 30  PHE A O     1 
ATOM   188  C CB    . PHE A 1 30  ? 1.963   4.291   8.456   1.00 36.03  ? 30  PHE A CB    1 
ATOM   189  C CG    . PHE A 1 30  ? 1.505   4.438   7.010   1.00 35.49  ? 30  PHE A CG    1 
ATOM   190  C CD1   . PHE A 1 30  ? 0.511   3.611   6.507   1.00 35.09  ? 30  PHE A CD1   1 
ATOM   191  C CD2   . PHE A 1 30  ? 2.018   5.440   6.190   1.00 34.15  ? 30  PHE A CD2   1 
ATOM   192  C CE1   . PHE A 1 30  ? 0.051   3.746   5.196   1.00 34.77  ? 30  PHE A CE1   1 
ATOM   193  C CE2   . PHE A 1 30  ? 1.554   5.587   4.882   1.00 34.20  ? 30  PHE A CE2   1 
ATOM   194  C CZ    . PHE A 1 30  ? 0.576   4.725   4.385   1.00 33.16  ? 30  PHE A CZ    1 
ATOM   195  N N     . GLU A 1 31  ? 4.060   3.717   10.870  1.00 38.26  ? 31  GLU A N     1 
ATOM   196  C CA    . GLU A 1 31  ? 4.433   3.861   12.288  1.00 40.59  ? 31  GLU A CA    1 
ATOM   197  C C     . GLU A 1 31  ? 5.709   4.687   12.363  1.00 39.54  ? 31  GLU A C     1 
ATOM   198  O O     . GLU A 1 31  ? 5.815   5.616   13.164  1.00 39.12  ? 31  GLU A O     1 
ATOM   199  C CB    . GLU A 1 31  ? 4.664   2.501   12.940  1.00 39.93  ? 31  GLU A CB    1 
ATOM   200  C CG    . GLU A 1 31  ? 3.428   1.644   13.126  1.00 43.48  ? 31  GLU A CG    1 
ATOM   201  C CD    . GLU A 1 31  ? 3.779   0.178   13.514  1.00 46.43  ? 31  GLU A CD    1 
ATOM   202  O OE1   . GLU A 1 31  ? 2.966   -0.746  13.206  1.00 53.54  ? 31  GLU A OE1   1 
ATOM   203  O OE2   . GLU A 1 31  ? 4.876   -0.069  14.094  1.00 52.42  ? 31  GLU A OE2   1 
ATOM   204  N N     . ILE A 1 32  ? 6.680   4.351   11.507  1.00 39.41  ? 32  ILE A N     1 
ATOM   205  C CA    . ILE A 1 32  ? 7.958   5.069   11.459  1.00 39.64  ? 32  ILE A CA    1 
ATOM   206  C C     . ILE A 1 32  ? 7.759   6.565   11.170  1.00 39.67  ? 32  ILE A C     1 
ATOM   207  O O     . ILE A 1 32  ? 8.358   7.408   11.841  1.00 38.73  ? 32  ILE A O     1 
ATOM   208  C CB    . ILE A 1 32  ? 8.944   4.418   10.465  1.00 39.91  ? 32  ILE A CB    1 
ATOM   209  C CG1   . ILE A 1 32  ? 9.370   3.034   10.973  1.00 39.45  ? 32  ILE A CG1   1 
ATOM   210  C CG2   . ILE A 1 32  ? 10.145  5.318   10.232  1.00 42.27  ? 32  ILE A CG2   1 
ATOM   211  C CD1   . ILE A 1 32  ? 10.217  2.236   9.984   1.00 41.05  ? 32  ILE A CD1   1 
ATOM   212  N N     . LEU A 1 33  ? 6.904   6.883   10.195  1.00 38.94  ? 33  LEU A N     1 
ATOM   213  C CA    . LEU A 1 33  ? 6.658   8.262   9.777   1.00 39.52  ? 33  LEU A CA    1 
ATOM   214  C C     . LEU A 1 33  ? 5.555   8.970   10.554  1.00 39.88  ? 33  LEU A C     1 
ATOM   215  O O     . LEU A 1 33  ? 5.204   10.107  10.227  1.00 40.57  ? 33  LEU A O     1 
ATOM   216  C CB    . LEU A 1 33  ? 6.304   8.308   8.284   1.00 39.09  ? 33  LEU A CB    1 
ATOM   217  C CG    . LEU A 1 33  ? 7.345   7.777   7.281   1.00 38.62  ? 33  LEU A CG    1 
ATOM   218  C CD1   . LEU A 1 33  ? 6.793   7.798   5.836   1.00 37.08  ? 33  LEU A CD1   1 
ATOM   219  C CD2   . LEU A 1 33  ? 8.647   8.569   7.374   1.00 40.13  ? 33  LEU A CD2   1 
ATOM   220  N N     . ASN A 1 34  ? 4.991   8.277   11.538  1.00 40.28  ? 34  ASN A N     1 
ATOM   221  C CA    A ASN A 1 34  ? 3.918   8.826   12.371  0.50 40.47  ? 34  ASN A CA    1 
ATOM   222  C CA    B ASN A 1 34  ? 3.902   8.804   12.369  0.50 40.63  ? 34  ASN A CA    1 
ATOM   223  C C     . ASN A 1 34  ? 2.719   9.300   11.541  1.00 40.98  ? 34  ASN A C     1 
ATOM   224  O O     . ASN A 1 34  ? 2.213   10.429  11.728  1.00 41.30  ? 34  ASN A O     1 
ATOM   225  C CB    A ASN A 1 34  ? 4.466   9.955   13.267  0.50 40.74  ? 34  ASN A CB    1 
ATOM   226  C CB    B ASN A 1 34  ? 4.421   9.884   13.335  0.50 41.10  ? 34  ASN A CB    1 
ATOM   227  C CG    A ASN A 1 34  ? 3.556   10.275  14.443  0.50 41.28  ? 34  ASN A CG    1 
ATOM   228  C CG    B ASN A 1 34  ? 5.481   9.358   14.291  0.50 42.25  ? 34  ASN A CG    1 
ATOM   229  O OD1   A ASN A 1 34  ? 2.866   9.402   14.966  0.50 43.38  ? 34  ASN A OD1   1 
ATOM   230  O OD1   B ASN A 1 34  ? 5.465   8.185   14.675  0.50 45.78  ? 34  ASN A OD1   1 
ATOM   231  N ND2   A ASN A 1 34  ? 3.567   11.533  14.872  0.50 41.82  ? 34  ASN A ND2   1 
ATOM   232  N ND2   B ASN A 1 34  ? 6.412   10.227  14.684  0.50 43.58  ? 34  ASN A ND2   1 
ATOM   233  N N     . VAL A 1 35  ? 2.265   8.445   10.618  1.00 40.22  ? 35  VAL A N     1 
ATOM   234  C CA    . VAL A 1 35  ? 1.131   8.764   9.754   1.00 39.60  ? 35  VAL A CA    1 
ATOM   235  C C     . VAL A 1 35  ? -0.041  7.919   10.224  1.00 39.35  ? 35  VAL A C     1 
ATOM   236  O O     . VAL A 1 35  ? 0.028   6.677   10.177  1.00 39.10  ? 35  VAL A O     1 
ATOM   237  C CB    . VAL A 1 35  ? 1.437   8.433   8.288   1.00 39.53  ? 35  VAL A CB    1 
ATOM   238  C CG1   . VAL A 1 35  ? 0.202   8.568   7.427   1.00 39.79  ? 35  VAL A CG1   1 
ATOM   239  C CG2   . VAL A 1 35  ? 2.557   9.325   7.764   1.00 39.76  ? 35  VAL A CG2   1 
ATOM   240  N N     . PRO A 1 36  ? -1.115  8.578   10.718  1.00 39.00  ? 36  PRO A N     1 
ATOM   241  C CA    . PRO A 1 36  ? -2.290  7.843   11.143  1.00 38.03  ? 36  PRO A CA    1 
ATOM   242  C C     . PRO A 1 36  ? -2.879  7.077   9.987   1.00 37.25  ? 36  PRO A C     1 
ATOM   243  O O     . PRO A 1 36  ? -2.957  7.584   8.854   1.00 37.77  ? 36  PRO A O     1 
ATOM   244  C CB    . PRO A 1 36  ? -3.247  8.943   11.635  1.00 38.92  ? 36  PRO A CB    1 
ATOM   245  C CG    . PRO A 1 36  ? -2.363  10.101  11.951  1.00 39.69  ? 36  PRO A CG    1 
ATOM   246  C CD    . PRO A 1 36  ? -1.256  10.028  10.946  1.00 38.92  ? 36  PRO A CD    1 
ATOM   247  N N     . HIS A 1 37  ? -3.293  5.851   10.267  1.00 36.45  ? 37  HIS A N     1 
ATOM   248  C CA    . HIS A 1 37  ? -3.814  5.012   9.215   1.00 35.88  ? 37  HIS A CA    1 
ATOM   249  C C     . HIS A 1 37  ? -4.867  4.054   9.777   1.00 35.90  ? 37  HIS A C     1 
ATOM   250  O O     . HIS A 1 37  ? -4.903  3.753   10.972  1.00 36.68  ? 37  HIS A O     1 
ATOM   251  C CB    . HIS A 1 37  ? -2.647  4.269   8.512   1.00 35.33  ? 37  HIS A CB    1 
ATOM   252  C CG    . HIS A 1 37  ? -1.832  3.419   9.438   1.00 36.77  ? 37  HIS A CG    1 
ATOM   253  N ND1   . HIS A 1 37  ? -0.883  3.944   10.293  1.00 39.31  ? 37  HIS A ND1   1 
ATOM   254  C CD2   . HIS A 1 37  ? -1.876  2.092   9.697   1.00 38.31  ? 37  HIS A CD2   1 
ATOM   255  C CE1   . HIS A 1 37  ? -0.341  2.967   11.002  1.00 38.46  ? 37  HIS A CE1   1 
ATOM   256  N NE2   . HIS A 1 37  ? -0.926  1.832   10.656  1.00 38.16  ? 37  HIS A NE2   1 
ATOM   257  N N     . HIS A 1 38  ? -5.718  3.577   8.890   1.00 35.84  ? 38  HIS A N     1 
ATOM   258  C CA    . HIS A 1 38  ? -6.755  2.622   9.211   1.00 36.71  ? 38  HIS A CA    1 
ATOM   259  C C     . HIS A 1 38  ? -6.381  1.314   8.536   1.00 35.19  ? 38  HIS A C     1 
ATOM   260  O O     . HIS A 1 38  ? -5.817  1.324   7.457   1.00 35.35  ? 38  HIS A O     1 
ATOM   261  C CB    . HIS A 1 38  ? -8.077  3.150   8.667   1.00 37.52  ? 38  HIS A CB    1 
ATOM   262  C CG    . HIS A 1 38  ? -9.227  2.197   8.809   1.00 42.86  ? 38  HIS A CG    1 
ATOM   263  N ND1   . HIS A 1 38  ? -9.798  1.889   10.029  1.00 46.81  ? 38  HIS A ND1   1 
ATOM   264  C CD2   . HIS A 1 38  ? -9.935  1.512   7.877   1.00 44.48  ? 38  HIS A CD2   1 
ATOM   265  C CE1   . HIS A 1 38  ? -10.794 1.038   9.842   1.00 45.74  ? 38  HIS A CE1   1 
ATOM   266  N NE2   . HIS A 1 38  ? -10.912 0.811   8.545   1.00 45.50  ? 38  HIS A NE2   1 
ATOM   267  N N     . VAL A 1 39  ? -6.662  0.197   9.196   1.00 34.64  ? 39  VAL A N     1 
ATOM   268  C CA    . VAL A 1 39  ? -6.353  -1.116  8.640   1.00 34.01  ? 39  VAL A CA    1 
ATOM   269  C C     . VAL A 1 39  ? -7.594  -2.006  8.692   1.00 33.90  ? 39  VAL A C     1 
ATOM   270  O O     . VAL A 1 39  ? -8.249  -2.104  9.746   1.00 34.01  ? 39  VAL A O     1 
ATOM   271  C CB    . VAL A 1 39  ? -5.171  -1.815  9.437   1.00 34.04  ? 39  VAL A CB    1 
ATOM   272  C CG1   . VAL A 1 39  ? -4.939  -3.226  8.941   1.00 34.20  ? 39  VAL A CG1   1 
ATOM   273  C CG2   . VAL A 1 39  ? -3.865  -0.999  9.347   1.00 32.73  ? 39  VAL A CG2   1 
ATOM   274  N N     . GLU A 1 40  ? -7.902  -2.684  7.595   1.00 33.14  ? 40  GLU A N     1 
ATOM   275  C CA    . GLU A 1 40  ? -9.124  -3.496  7.537   1.00 34.85  ? 40  GLU A CA    1 
ATOM   276  C C     . GLU A 1 40  ? -9.067  -4.608  6.519   1.00 34.03  ? 40  GLU A C     1 
ATOM   277  O O     . GLU A 1 40  ? -8.495  -4.437  5.449   1.00 33.98  ? 40  GLU A O     1 
ATOM   278  C CB    . GLU A 1 40  ? -10.343 -2.614  7.237   1.00 36.09  ? 40  GLU A CB    1 
ATOM   279  C CG    . GLU A 1 40  ? -11.663 -3.323  7.478   1.00 40.18  ? 40  GLU A CG    1 
ATOM   280  C CD    . GLU A 1 40  ? -12.813 -2.350  7.646   1.00 45.51  ? 40  GLU A CD    1 
ATOM   281  O OE1   . GLU A 1 40  ? -13.806 -2.719  8.304   1.00 48.05  ? 40  GLU A OE1   1 
ATOM   282  O OE2   . GLU A 1 40  ? -12.711 -1.206  7.144   1.00 49.27  ? 40  GLU A OE2   1 
ATOM   283  N N     . VAL A 1 41  ? -9.650  -5.755  6.861   1.00 33.72  ? 41  VAL A N     1 
ATOM   284  C CA    . VAL A 1 41  ? -9.819  -6.831  5.887   1.00 33.88  ? 41  VAL A CA    1 
ATOM   285  C C     . VAL A 1 41  ? -11.113 -6.583  5.136   1.00 36.19  ? 41  VAL A C     1 
ATOM   286  O O     . VAL A 1 41  ? -12.189 -6.481  5.735   1.00 36.60  ? 41  VAL A O     1 
ATOM   287  C CB    . VAL A 1 41  ? -9.836  -8.205  6.541   1.00 33.38  ? 41  VAL A CB    1 
ATOM   288  C CG1   . VAL A 1 41  ? -10.049 -9.279  5.478   1.00 31.57  ? 41  VAL A CG1   1 
ATOM   289  C CG2   . VAL A 1 41  ? -8.509  -8.442  7.339   1.00 31.74  ? 41  VAL A CG2   1 
ATOM   290  N N     . VAL A 1 42  ? -10.994 -6.449  3.820   1.00 36.45  ? 42  VAL A N     1 
ATOM   291  C CA    . VAL A 1 42  ? -12.145 -6.171  2.956   1.00 38.36  ? 42  VAL A CA    1 
ATOM   292  C C     . VAL A 1 42  ? -11.914 -7.074  1.768   1.00 38.06  ? 42  VAL A C     1 
ATOM   293  O O     . VAL A 1 42  ? -10.858 -6.997  1.146   1.00 38.26  ? 42  VAL A O     1 
ATOM   294  C CB    . VAL A 1 42  ? -12.150 -4.674  2.470   1.00 38.26  ? 42  VAL A CB    1 
ATOM   295  C CG1   . VAL A 1 42  ? -13.231 -4.425  1.381   1.00 39.50  ? 42  VAL A CG1   1 
ATOM   296  C CG2   . VAL A 1 42  ? -12.333 -3.737  3.613   1.00 40.73  ? 42  VAL A CG2   1 
ATOM   297  N N     . SER A 1 43  ? -12.846 -7.977  1.486   1.00 38.17  ? 43  SER A N     1 
ATOM   298  C CA    . SER A 1 43  ? -12.666 -8.885  0.355   1.00 37.76  ? 43  SER A CA    1 
ATOM   299  C C     . SER A 1 43  ? -13.650 -8.569  -0.764  1.00 37.17  ? 43  SER A C     1 
ATOM   300  O O     . SER A 1 43  ? -14.848 -8.417  -0.519  1.00 36.85  ? 43  SER A O     1 
ATOM   301  C CB    . SER A 1 43  ? -12.849 -10.314 0.797   1.00 37.65  ? 43  SER A CB    1 
ATOM   302  O OG    . SER A 1 43  ? -12.857 -11.185 -0.320  1.00 39.57  ? 43  SER A OG    1 
ATOM   303  N N     . ALA A 1 44  ? -13.145 -8.461  -1.996  1.00 37.40  ? 44  ALA A N     1 
ATOM   304  C CA    . ALA A 1 44  ? -14.008 -8.200  -3.140  1.00 37.34  ? 44  ALA A CA    1 
ATOM   305  C C     . ALA A 1 44  ? -14.862 -9.433  -3.358  1.00 37.36  ? 44  ALA A C     1 
ATOM   306  O O     . ALA A 1 44  ? -16.020 -9.351  -3.745  1.00 37.29  ? 44  ALA A O     1 
ATOM   307  C CB    . ALA A 1 44  ? -13.186 -7.907  -4.393  1.00 38.16  ? 44  ALA A CB    1 
ATOM   308  N N     . GLN A 1 45  ? -14.277 -10.576 -3.084  1.00 36.43  ? 45  GLN A N     1 
ATOM   309  C CA    . GLN A 1 45  ? -14.936 -11.838 -3.359  1.00 37.33  ? 45  GLN A CA    1 
ATOM   310  C C     . GLN A 1 45  ? -15.823 -12.326 -2.210  1.00 36.91  ? 45  GLN A C     1 
ATOM   311  O O     . GLN A 1 45  ? -16.913 -12.867 -2.447  1.00 37.51  ? 45  GLN A O     1 
ATOM   312  C CB    . GLN A 1 45  ? -13.882 -12.855 -3.726  1.00 37.75  ? 45  GLN A CB    1 
ATOM   313  C CG    . GLN A 1 45  ? -13.162 -12.419 -5.011  1.00 40.60  ? 45  GLN A CG    1 
ATOM   314  C CD    . GLN A 1 45  ? -11.743 -12.927 -5.081  1.00 45.86  ? 45  GLN A CD    1 
ATOM   315  O OE1   . GLN A 1 45  ? -11.344 -13.764 -4.287  1.00 49.87  ? 45  GLN A OE1   1 
ATOM   316  N NE2   . GLN A 1 45  ? -10.971 -12.415 -6.030  1.00 47.75  ? 45  GLN A NE2   1 
ATOM   317  N N     . ARG A 1 46  ? -15.377 -12.134 -0.973  1.00 36.58  ? 46  ARG A N     1 
ATOM   318  C CA    . ARG A 1 46  ? -16.091 -12.742 0.181   1.00 35.57  ? 46  ARG A CA    1 
ATOM   319  C C     . ARG A 1 46  ? -16.978 -11.727 0.871   1.00 35.04  ? 46  ARG A C     1 
ATOM   320  O O     . ARG A 1 46  ? -17.919 -12.097 1.553   1.00 35.42  ? 46  ARG A O     1 
ATOM   321  C CB    . ARG A 1 46  ? -15.126 -13.371 1.194   1.00 35.94  ? 46  ARG A CB    1 
ATOM   322  C CG    . ARG A 1 46  ? -14.146 -14.381 0.550   1.00 35.46  ? 46  ARG A CG    1 
ATOM   323  C CD    . ARG A 1 46  ? -13.293 -15.115 1.547   0.50 35.02  ? 46  ARG A CD    1 
ATOM   324  N NE    . ARG A 1 46  ? -12.462 -16.091 0.845   0.50 36.13  ? 46  ARG A NE    1 
ATOM   325  C CZ    . ARG A 1 46  ? -11.137 -16.120 0.882   0.50 33.55  ? 46  ARG A CZ    1 
ATOM   326  N NH1   . ARG A 1 46  ? -10.463 -15.253 1.626   0.50 31.34  ? 46  ARG A NH1   1 
ATOM   327  N NH2   . ARG A 1 46  ? -10.490 -17.053 0.211   0.50 33.81  ? 46  ARG A NH2   1 
ATOM   328  N N     . THR A 1 47  ? -16.655 -10.438 0.729   1.00 34.21  ? 47  THR A N     1 
ATOM   329  C CA    . THR A 1 47  ? -17.515 -9.382  1.263   1.00 33.67  ? 47  THR A CA    1 
ATOM   330  C C     . THR A 1 47  ? -17.764 -8.278  0.231   1.00 33.13  ? 47  THR A C     1 
ATOM   331  O O     . THR A 1 47  ? -17.350 -7.129  0.427   1.00 32.19  ? 47  THR A O     1 
ATOM   332  C CB    . THR A 1 47  ? -16.929 -8.773  2.541   1.00 34.37  ? 47  THR A CB    1 
ATOM   333  O OG1   . THR A 1 47  ? -15.721 -8.060  2.243   1.00 33.97  ? 47  THR A OG1   1 
ATOM   334  C CG2   . THR A 1 47  ? -16.611 -9.859  3.545   1.00 35.04  ? 47  THR A CG2   1 
ATOM   335  N N     . PRO A 1 48  ? -18.434 -8.618  -0.870  1.00 33.00  ? 48  PRO A N     1 
ATOM   336  C CA    . PRO A 1 48  ? -18.587 -7.638  -1.953  1.00 32.69  ? 48  PRO A CA    1 
ATOM   337  C C     . PRO A 1 48  ? -19.401 -6.384  -1.562  1.00 33.27  ? 48  PRO A C     1 
ATOM   338  O O     . PRO A 1 48  ? -19.084 -5.251  -1.997  1.00 33.40  ? 48  PRO A O     1 
ATOM   339  C CB    . PRO A 1 48  ? -19.270 -8.440  -3.064  1.00 32.99  ? 48  PRO A CB    1 
ATOM   340  C CG    . PRO A 1 48  ? -19.896 -9.567  -2.413  1.00 32.84  ? 48  PRO A CG    1 
ATOM   341  C CD    . PRO A 1 48  ? -19.083 -9.903  -1.185  1.00 32.59  ? 48  PRO A CD    1 
ATOM   342  N N     . ASP A 1 49  ? -20.401 -6.558  -0.715  1.00 34.85  ? 49  ASP A N     1 
ATOM   343  C CA    . ASP A 1 49  ? -21.244 -5.415  -0.341  1.00 35.73  ? 49  ASP A CA    1 
ATOM   344  C C     . ASP A 1 49  ? -20.486 -4.460  0.597   1.00 36.35  ? 49  ASP A C     1 
ATOM   345  O O     . ASP A 1 49  ? -20.610 -3.234  0.474   1.00 35.93  ? 49  ASP A O     1 
ATOM   346  C CB    . ASP A 1 49  ? -22.553 -5.875  0.282   1.00 36.74  ? 49  ASP A CB    1 
ATOM   347  C CG    . ASP A 1 49  ? -23.404 -6.661  -0.672  1.00 41.21  ? 49  ASP A CG    1 
ATOM   348  O OD1   . ASP A 1 49  ? -23.418 -6.358  -1.891  1.00 42.77  ? 49  ASP A OD1   1 
ATOM   349  O OD2   . ASP A 1 49  ? -24.070 -7.601  -0.199  1.00 46.53  ? 49  ASP A OD2   1 
ATOM   350  N N     . LYS A 1 50  ? -19.674 -5.015  1.495   1.00 36.67  ? 50  LYS A N     1 
ATOM   351  C CA    . LYS A 1 50  ? -18.808 -4.182  2.339   1.00 37.38  ? 50  LYS A CA    1 
ATOM   352  C C     . LYS A 1 50  ? -17.795 -3.414  1.505   1.00 37.20  ? 50  LYS A C     1 
ATOM   353  O O     . LYS A 1 50  ? -17.530 -2.241  1.783   1.00 37.24  ? 50  LYS A O     1 
ATOM   354  C CB    . LYS A 1 50  ? -18.047 -5.006  3.364   1.00 38.26  ? 50  LYS A CB    1 
ATOM   355  C CG    . LYS A 1 50  ? -17.253 -4.141  4.340   1.00 40.86  ? 50  LYS A CG    1 
ATOM   356  C CD    . LYS A 1 50  ? -16.241 -4.978  5.120   1.00 47.05  ? 50  LYS A CD    1 
ATOM   357  C CE    . LYS A 1 50  ? -15.964 -4.363  6.479   1.00 50.41  ? 50  LYS A CE    1 
ATOM   358  N NZ    . LYS A 1 50  ? -15.081 -5.209  7.352   1.00 52.32  ? 50  LYS A NZ    1 
ATOM   359  N N     . LEU A 1 51  ? -17.208 -4.077  0.507   1.00 36.72  ? 51  LEU A N     1 
ATOM   360  C CA    . LEU A 1 51  ? -16.279 -3.403  -0.387  1.00 37.31  ? 51  LEU A CA    1 
ATOM   361  C C     . LEU A 1 51  ? -16.940 -2.172  -0.969  1.00 37.02  ? 51  LEU A C     1 
ATOM   362  O O     . LEU A 1 51  ? -16.376 -1.084  -0.930  1.00 36.80  ? 51  LEU A O     1 
ATOM   363  C CB    . LEU A 1 51  ? -15.802 -4.323  -1.534  1.00 37.44  ? 51  LEU A CB    1 
ATOM   364  C CG    . LEU A 1 51  ? -14.685 -3.747  -2.438  1.00 38.29  ? 51  LEU A CG    1 
ATOM   365  C CD1   . LEU A 1 51  ? -13.973 -4.836  -3.154  1.00 40.35  ? 51  LEU A CD1   1 
ATOM   366  C CD2   . LEU A 1 51  ? -15.152 -2.772  -3.472  1.00 43.13  ? 51  LEU A CD2   1 
ATOM   367  N N     . PHE A 1 52  ? -18.124 -2.355  -1.530  1.00 37.39  ? 52  PHE A N     1 
ATOM   368  C CA    . PHE A 1 52  ? -18.856 -1.247  -2.153  1.00 38.05  ? 52  PHE A CA    1 
ATOM   369  C C     . PHE A 1 52  ? -19.111 -0.121  -1.176  1.00 37.99  ? 52  PHE A C     1 
ATOM   370  O O     . PHE A 1 52  ? -18.841 1.054   -1.499  1.00 37.97  ? 52  PHE A O     1 
ATOM   371  C CB    . PHE A 1 52  ? -20.170 -1.732  -2.777  1.00 38.91  ? 52  PHE A CB    1 
ATOM   372  C CG    . PHE A 1 52  ? -20.071 -2.003  -4.243  1.00 41.89  ? 52  PHE A CG    1 
ATOM   373  C CD1   . PHE A 1 52  ? -18.949 -2.648  -4.770  1.00 41.80  ? 52  PHE A CD1   1 
ATOM   374  C CD2   . PHE A 1 52  ? -21.100 -1.623  -5.105  1.00 43.02  ? 52  PHE A CD2   1 
ATOM   375  C CE1   . PHE A 1 52  ? -18.843 -2.901  -6.152  1.00 44.33  ? 52  PHE A CE1   1 
ATOM   376  C CE2   . PHE A 1 52  ? -21.012 -1.880  -6.477  1.00 41.53  ? 52  PHE A CE2   1 
ATOM   377  C CZ    . PHE A 1 52  ? -19.890 -2.526  -6.998  1.00 42.59  ? 52  PHE A CZ    1 
ATOM   378  N N     . SER A 1 53  ? -19.556 -0.455  0.040   1.00 37.62  ? 53  SER A N     1 
ATOM   379  C CA    . SER A 1 53  ? -19.801 0.610   1.001   1.00 38.53  ? 53  SER A CA    1 
ATOM   380  C C     . SER A 1 53  ? -18.511 1.250   1.503   1.00 37.87  ? 53  SER A C     1 
ATOM   381  O O     . SER A 1 53  ? -18.465 2.469   1.656   1.00 37.47  ? 53  SER A O     1 
ATOM   382  C CB    . SER A 1 53  ? -20.722 0.179   2.141   1.00 38.66  ? 53  SER A CB    1 
ATOM   383  O OG    . SER A 1 53  ? -20.098 -0.836  2.874   1.00 43.98  ? 53  SER A OG    1 
ATOM   384  N N     . PHE A 1 54  ? -17.453 0.452   1.697   1.00 37.86  ? 54  PHE A N     1 
ATOM   385  C CA    . PHE A 1 54  ? -16.134 1.006   2.002   1.00 37.97  ? 54  PHE A CA    1 
ATOM   386  C C     . PHE A 1 54  ? -15.653 2.024   0.941   1.00 37.15  ? 54  PHE A C     1 
ATOM   387  O O     . PHE A 1 54  ? -15.180 3.115   1.282   1.00 37.21  ? 54  PHE A O     1 
ATOM   388  C CB    . PHE A 1 54  ? -15.057 -0.105  2.162   1.00 38.47  ? 54  PHE A CB    1 
ATOM   389  C CG    . PHE A 1 54  ? -13.661 0.452   2.331   1.00 39.25  ? 54  PHE A CG    1 
ATOM   390  C CD1   . PHE A 1 54  ? -13.247 0.967   3.568   1.00 41.90  ? 54  PHE A CD1   1 
ATOM   391  C CD2   . PHE A 1 54  ? -12.789 0.520   1.249   1.00 41.44  ? 54  PHE A CD2   1 
ATOM   392  C CE1   . PHE A 1 54  ? -11.967 1.537   3.721   1.00 42.33  ? 54  PHE A CE1   1 
ATOM   393  C CE2   . PHE A 1 54  ? -11.510 1.063   1.398   1.00 43.62  ? 54  PHE A CE2   1 
ATOM   394  C CZ    . PHE A 1 54  ? -11.100 1.572   2.640   1.00 40.27  ? 54  PHE A CZ    1 
ATOM   395  N N     . ALA A 1 55  ? -15.694 1.636   -0.331  1.00 37.55  ? 55  ALA A N     1 
ATOM   396  C CA    . ALA A 1 55  ? -15.187 2.508   -1.379  1.00 37.73  ? 55  ALA A CA    1 
ATOM   397  C C     . ALA A 1 55  ? -16.097 3.730   -1.522  1.00 37.86  ? 55  ALA A C     1 
ATOM   398  O O     . ALA A 1 55  ? -15.619 4.847   -1.631  1.00 37.88  ? 55  ALA A O     1 
ATOM   399  C CB    . ALA A 1 55  ? -15.053 1.760   -2.687  1.00 38.72  ? 55  ALA A CB    1 
ATOM   400  N N     . GLU A 1 56  ? -17.406 3.525   -1.494  1.00 38.70  ? 56  GLU A N     1 
ATOM   401  C CA    . GLU A 1 56  ? -18.348 4.665   -1.569  1.00 39.40  ? 56  GLU A CA    1 
ATOM   402  C C     . GLU A 1 56  ? -18.166 5.740   -0.489  1.00 39.52  ? 56  GLU A C     1 
ATOM   403  O O     . GLU A 1 56  ? -18.369 6.933   -0.748  1.00 40.08  ? 56  GLU A O     1 
ATOM   404  C CB    . GLU A 1 56  ? -19.782 4.168   -1.555  1.00 40.25  ? 56  GLU A CB    1 
ATOM   405  C CG    . GLU A 1 56  ? -20.152 3.396   -2.805  1.00 44.08  ? 56  GLU A CG    1 
ATOM   406  C CD    . GLU A 1 56  ? -21.636 3.364   -3.072  1.00 51.96  ? 56  GLU A CD    1 
ATOM   407  O OE1   . GLU A 1 56  ? -22.304 2.393   -2.641  1.00 54.57  ? 56  GLU A OE1   1 
ATOM   408  O OE2   . GLU A 1 56  ? -22.129 4.310   -3.723  1.00 56.36  ? 56  GLU A OE2   1 
ATOM   409  N N     . SER A 1 57  ? -17.788 5.328   0.711   1.00 38.10  ? 57  SER A N     1 
ATOM   410  C CA    . SER A 1 57  ? -17.662 6.253   1.815   1.00 38.03  ? 57  SER A CA    1 
ATOM   411  C C     . SER A 1 57  ? -16.253 6.763   2.048   1.00 36.28  ? 57  SER A C     1 
ATOM   412  O O     . SER A 1 57  ? -16.033 7.534   2.962   1.00 35.12  ? 57  SER A O     1 
ATOM   413  C CB    . SER A 1 57  ? -18.190 5.607   3.096   1.00 38.73  ? 57  SER A CB    1 
ATOM   414  O OG    . SER A 1 57  ? -17.458 4.422   3.388   1.00 44.07  ? 57  SER A OG    1 
ATOM   415  N N     . ALA A 1 58  ? -15.274 6.321   1.243   1.00 35.06  ? 58  ALA A N     1 
ATOM   416  C CA    . ALA A 1 58  ? -13.890 6.620   1.567   1.00 36.00  ? 58  ALA A CA    1 
ATOM   417  C C     . ALA A 1 58  ? -13.617 8.123   1.585   1.00 36.87  ? 58  ALA A C     1 
ATOM   418  O O     . ALA A 1 58  ? -12.928 8.623   2.482   1.00 36.96  ? 58  ALA A O     1 
ATOM   419  C CB    . ALA A 1 58  ? -12.913 5.881   0.570   1.00 34.14  ? 58  ALA A CB    1 
ATOM   420  N N     . GLU A 1 59  ? -14.180 8.831   0.608   1.00 38.47  ? 59  GLU A N     1 
ATOM   421  C CA    . GLU A 1 59  ? -14.011 10.278  0.476   1.00 40.94  ? 59  GLU A CA    1 
ATOM   422  C C     . GLU A 1 59  ? -14.550 10.975  1.703   1.00 42.14  ? 59  GLU A C     1 
ATOM   423  O O     . GLU A 1 59  ? -13.886 11.819  2.304   1.00 42.70  ? 59  GLU A O     1 
ATOM   424  C CB    . GLU A 1 59  ? -14.803 10.784  -0.722  1.00 41.60  ? 59  GLU A CB    1 
ATOM   425  C CG    . GLU A 1 59  ? -14.176 10.443  -2.030  1.00 43.97  ? 59  GLU A CG    1 
ATOM   426  C CD    . GLU A 1 59  ? -14.371 11.539  -3.060  1.00 49.32  ? 59  GLU A CD    1 
ATOM   427  O OE1   . GLU A 1 59  ? -13.467 11.691  -3.922  1.00 48.61  ? 59  GLU A OE1   1 
ATOM   428  O OE2   . GLU A 1 59  ? -15.432 12.229  -3.007  1.00 49.78  ? 59  GLU A OE2   1 
ATOM   429  N N     . GLU A 1 60  ? -15.760 10.593  2.072   1.00 43.79  ? 60  GLU A N     1 
ATOM   430  C CA    . GLU A 1 60  ? -16.438 11.182  3.218   1.00 45.76  ? 60  GLU A CA    1 
ATOM   431  C C     . GLU A 1 60  ? -15.777 10.769  4.537   1.00 44.68  ? 60  GLU A C     1 
ATOM   432  O O     . GLU A 1 60  ? -15.873 11.496  5.532   1.00 44.78  ? 60  GLU A O     1 
ATOM   433  C CB    . GLU A 1 60  ? -17.940 10.857  3.159   1.00 45.98  ? 60  GLU A CB    1 
ATOM   434  C CG    . GLU A 1 60  ? -18.624 10.490  4.478   1.00 49.45  ? 60  GLU A CG    1 
ATOM   435  C CD    . GLU A 1 60  ? -20.054 9.989   4.265   1.00 50.21  ? 60  GLU A CD    1 
ATOM   436  O OE1   . GLU A 1 60  ? -20.279 8.740   4.237   1.00 54.59  ? 60  GLU A OE1   1 
ATOM   437  O OE2   . GLU A 1 60  ? -20.945 10.856  4.097   1.00 55.37  ? 60  GLU A OE2   1 
ATOM   438  N N     . ASN A 1 61  ? -15.062 9.647   4.546   1.00 43.44  ? 61  ASN A N     1 
ATOM   439  C CA    . ASN A 1 61  ? -14.352 9.240   5.769   1.00 43.18  ? 61  ASN A CA    1 
ATOM   440  C C     . ASN A 1 61  ? -12.994 9.877   5.914   1.00 42.11  ? 61  ASN A C     1 
ATOM   441  O O     . ASN A 1 61  ? -12.317 9.668   6.912   1.00 43.53  ? 61  ASN A O     1 
ATOM   442  C CB    . ASN A 1 61  ? -14.214 7.726   5.905   1.00 42.96  ? 61  ASN A CB    1 
ATOM   443  C CG    . ASN A 1 61  ? -15.519 7.041   6.191   1.00 44.62  ? 61  ASN A CG    1 
ATOM   444  O OD1   . ASN A 1 61  ? -15.683 5.868   5.869   1.00 47.22  ? 61  ASN A OD1   1 
ATOM   445  N ND2   . ASN A 1 61  ? -16.456 7.755   6.801   1.00 44.57  ? 61  ASN A ND2   1 
ATOM   446  N N     . GLY A 1 62  ? -12.591 10.633  4.910   1.00 41.18  ? 62  GLY A N     1 
ATOM   447  C CA    . GLY A 1 62  ? -11.380 11.437  4.991   1.00 39.59  ? 62  GLY A CA    1 
ATOM   448  C C     . GLY A 1 62  ? -10.137 10.812  4.374   1.00 38.24  ? 62  GLY A C     1 
ATOM   449  O O     . GLY A 1 62  ? -9.063  11.366  4.507   1.00 37.67  ? 62  GLY A O     1 
ATOM   450  N N     . TYR A 1 63  ? -10.278 9.676   3.686   1.00 36.94  ? 63  TYR A N     1 
ATOM   451  C CA    . TYR A 1 63  ? -9.113  9.027   3.058   1.00 36.08  ? 63  TYR A CA    1 
ATOM   452  C C     . TYR A 1 63  ? -8.682  9.787   1.823   1.00 36.08  ? 63  TYR A C     1 
ATOM   453  O O     . TYR A 1 63  ? -9.520  10.260  1.038   1.00 36.65  ? 63  TYR A O     1 
ATOM   454  C CB    . TYR A 1 63  ? -9.416  7.568   2.717   1.00 35.94  ? 63  TYR A CB    1 
ATOM   455  C CG    . TYR A 1 63  ? -9.801  6.762   3.937   1.00 36.46  ? 63  TYR A CG    1 
ATOM   456  C CD1   . TYR A 1 63  ? -10.897 5.911   3.912   1.00 34.48  ? 63  TYR A CD1   1 
ATOM   457  C CD2   . TYR A 1 63  ? -9.064  6.847   5.116   1.00 39.37  ? 63  TYR A CD2   1 
ATOM   458  C CE1   . TYR A 1 63  ? -11.254 5.169   5.017   1.00 35.62  ? 63  TYR A CE1   1 
ATOM   459  C CE2   . TYR A 1 63  ? -9.427  6.108   6.266   1.00 37.61  ? 63  TYR A CE2   1 
ATOM   460  C CZ    . TYR A 1 63  ? -10.513 5.263   6.189   1.00 37.26  ? 63  TYR A CZ    1 
ATOM   461  O OH    . TYR A 1 63  ? -10.875 4.518   7.276   1.00 38.06  ? 63  TYR A OH    1 
ATOM   462  N N     . GLN A 1 64  ? -7.372  9.927   1.666   1.00 35.12  ? 64  GLN A N     1 
ATOM   463  C CA    . GLN A 1 64  ? -6.789  10.587  0.503   1.00 34.42  ? 64  GLN A CA    1 
ATOM   464  C C     . GLN A 1 64  ? -5.975  9.605   -0.318  1.00 33.65  ? 64  GLN A C     1 
ATOM   465  O O     . GLN A 1 64  ? -5.666  9.866   -1.493  1.00 33.30  ? 64  GLN A O     1 
ATOM   466  C CB    . GLN A 1 64  ? -5.921  11.755  0.953   1.00 34.01  ? 64  GLN A CB    1 
ATOM   467  C CG    . GLN A 1 64  ? -6.759  12.836  1.655   1.00 37.34  ? 64  GLN A CG    1 
ATOM   468  C CD    . GLN A 1 64  ? -5.966  14.071  1.978   1.00 40.79  ? 64  GLN A CD    1 
ATOM   469  O OE1   . GLN A 1 64  ? -4.752  14.145  1.711   1.00 42.45  ? 64  GLN A OE1   1 
ATOM   470  N NE2   . GLN A 1 64  ? -6.648  15.068  2.542   1.00 42.65  ? 64  GLN A NE2   1 
ATOM   471  N N     . VAL A 1 65  ? -5.621  8.479   0.302   1.00 32.81  ? 65  VAL A N     1 
ATOM   472  C CA    . VAL A 1 65  ? -5.012  7.347   -0.414  1.00 32.03  ? 65  VAL A CA    1 
ATOM   473  C C     . VAL A 1 65  ? -5.511  6.053   0.197   1.00 32.09  ? 65  VAL A C     1 
ATOM   474  O O     . VAL A 1 65  ? -5.699  5.950   1.423   1.00 31.44  ? 65  VAL A O     1 
ATOM   475  C CB    . VAL A 1 65  ? -3.463  7.345   -0.344  1.00 32.65  ? 65  VAL A CB    1 
ATOM   476  C CG1   . VAL A 1 65  ? -2.864  6.337   -1.352  1.00 31.67  ? 65  VAL A CG1   1 
ATOM   477  C CG2   . VAL A 1 65  ? -2.874  8.734   -0.533  1.00 32.28  ? 65  VAL A CG2   1 
ATOM   478  N N     . ILE A 1 66  ? -5.751  5.075   -0.664  1.00 31.76  ? 66  ILE A N     1 
ATOM   479  C CA    . ILE A 1 66  ? -6.082  3.725   -0.232  1.00 31.20  ? 66  ILE A CA    1 
ATOM   480  C C     . ILE A 1 66  ? -5.012  2.782   -0.764  1.00 30.70  ? 66  ILE A C     1 
ATOM   481  O O     . ILE A 1 66  ? -4.685  2.829   -1.935  1.00 31.74  ? 66  ILE A O     1 
ATOM   482  C CB    . ILE A 1 66  ? -7.432  3.286   -0.766  1.00 31.03  ? 66  ILE A CB    1 
ATOM   483  C CG1   . ILE A 1 66  ? -8.548  4.139   -0.156  1.00 31.41  ? 66  ILE A CG1   1 
ATOM   484  C CG2   . ILE A 1 66  ? -7.717  1.779   -0.392  1.00 31.18  ? 66  ILE A CG2   1 
ATOM   485  C CD1   . ILE A 1 66  ? -9.730  4.170   -1.029  1.00 33.70  ? 66  ILE A CD1   1 
ATOM   486  N N     . ILE A 1 67  ? -4.471  1.951   0.111   1.00 29.75  ? 67  ILE A N     1 
ATOM   487  C CA    . ILE A 1 67  ? -3.545  0.888   -0.272  1.00 29.83  ? 67  ILE A CA    1 
ATOM   488  C C     . ILE A 1 67  ? -4.288  -0.424  -0.126  1.00 30.75  ? 67  ILE A C     1 
ATOM   489  O O     . ILE A 1 67  ? -4.827  -0.734  0.959   1.00 31.43  ? 67  ILE A O     1 
ATOM   490  C CB    . ILE A 1 67  ? -2.345  0.880   0.639   1.00 30.91  ? 67  ILE A CB    1 
ATOM   491  C CG1   . ILE A 1 67  ? -1.544  2.192   0.474   1.00 31.34  ? 67  ILE A CG1   1 
ATOM   492  C CG2   . ILE A 1 67  ? -1.501  -0.375  0.378   1.00 30.63  ? 67  ILE A CG2   1 
ATOM   493  C CD1   . ILE A 1 67  ? -0.488  2.412   1.571   1.00 31.47  ? 67  ILE A CD1   1 
ATOM   494  N N     . ALA A 1 68  ? -4.345  -1.174  -1.200  1.00 28.60  ? 68  ALA A N     1 
ATOM   495  C CA    . ALA A 1 68  ? -5.085  -2.466  -1.208  1.00 28.44  ? 68  ALA A CA    1 
ATOM   496  C C     . ALA A 1 68  ? -4.187  -3.605  -1.597  1.00 29.10  ? 68  ALA A C     1 
ATOM   497  O O     . ALA A 1 68  ? -3.557  -3.563  -2.663  1.00 29.56  ? 68  ALA A O     1 
ATOM   498  C CB    . ALA A 1 68  ? -6.231  -2.376  -2.176  1.00 28.50  ? 68  ALA A CB    1 
ATOM   499  N N     . GLY A 1 69  ? -4.151  -4.658  -0.770  1.00 29.31  ? 69  GLY A N     1 
ATOM   500  C CA    . GLY A 1 69  ? -3.302  -5.793  -1.081  1.00 30.12  ? 69  GLY A CA    1 
ATOM   501  C C     . GLY A 1 69  ? -4.160  -7.022  -1.290  1.00 31.05  ? 69  GLY A C     1 
ATOM   502  O O     . GLY A 1 69  ? -5.176  -7.175  -0.622  1.00 30.81  ? 69  GLY A O     1 
ATOM   503  N N     . ALA A 1 70  ? -3.768  -7.857  -2.240  1.00 31.20  ? 70  ALA A N     1 
ATOM   504  C CA    . ALA A 1 70  ? -4.469  -9.133  -2.481  1.00 31.61  ? 70  ALA A CA    1 
ATOM   505  C C     . ALA A 1 70  ? -3.602  -10.054 -3.308  1.00 32.78  ? 70  ALA A C     1 
ATOM   506  O O     . ALA A 1 70  ? -2.727  -9.597  -4.023  1.00 32.60  ? 70  ALA A O     1 
ATOM   507  C CB    . ALA A 1 70  ? -5.786  -8.898  -3.192  1.00 33.53  ? 70  ALA A CB    1 
ATOM   508  N N     . GLY A 1 71  ? -3.926  -11.342 -3.257  1.00 32.95  ? 71  GLY A N     1 
ATOM   509  C CA    . GLY A 1 71  ? -3.163  -12.383 -3.903  1.00 34.19  ? 71  GLY A CA    1 
ATOM   510  C C     . GLY A 1 71  ? -4.068  -13.188 -4.811  1.00 34.61  ? 71  GLY A C     1 
ATOM   511  O O     . GLY A 1 71  ? -5.290  -13.178 -4.675  1.00 33.75  ? 71  GLY A O     1 
ATOM   512  N N     . GLY A 1 72  ? -3.453  -13.851 -5.771  1.00 33.73  ? 72  GLY A N     1 
ATOM   513  C CA    . GLY A 1 72  ? -4.199  -14.676 -6.717  1.00 35.16  ? 72  GLY A CA    1 
ATOM   514  C C     . GLY A 1 72  ? -4.893  -13.778 -7.701  1.00 36.16  ? 72  GLY A C     1 
ATOM   515  O O     . GLY A 1 72  ? -4.334  -12.746 -8.098  1.00 37.97  ? 72  GLY A O     1 
ATOM   516  N N     . ALA A 1 73  ? -6.082  -14.176 -8.121  1.00 36.04  ? 73  ALA A N     1 
ATOM   517  C CA    . ALA A 1 73  ? -6.972  -13.284 -8.904  1.00 37.17  ? 73  ALA A CA    1 
ATOM   518  C C     . ALA A 1 73  ? -7.354  -12.136 -7.997  1.00 38.29  ? 73  ALA A C     1 
ATOM   519  O O     . ALA A 1 73  ? -8.335  -12.206 -7.249  1.00 39.78  ? 73  ALA A O     1 
ATOM   520  C CB    . ALA A 1 73  ? -8.217  -14.051 -9.416  1.00 36.72  ? 73  ALA A CB    1 
ATOM   521  N N     . ALA A 1 74  ? -6.534  -11.089 -8.038  1.00 38.20  ? 74  ALA A N     1 
ATOM   522  C CA    . ALA A 1 74  ? -6.580  -9.985  -7.073  1.00 38.38  ? 74  ALA A CA    1 
ATOM   523  C C     . ALA A 1 74  ? -7.539  -8.887  -7.521  1.00 39.17  ? 74  ALA A C     1 
ATOM   524  O O     . ALA A 1 74  ? -7.105  -7.936  -8.172  1.00 41.38  ? 74  ALA A O     1 
ATOM   525  C CB    . ALA A 1 74  ? -5.180  -9.401  -6.904  1.00 37.14  ? 74  ALA A CB    1 
ATOM   526  N N     . HIS A 1 75  ? -8.814  -8.993  -7.174  1.00 37.62  ? 75  HIS A N     1 
ATOM   527  C CA    . HIS A 1 75  ? -9.815  -8.043  -7.661  1.00 37.54  ? 75  HIS A CA    1 
ATOM   528  C C     . HIS A 1 75  ? -10.006 -6.818  -6.787  1.00 35.71  ? 75  HIS A C     1 
ATOM   529  O O     . HIS A 1 75  ? -10.538 -5.804  -7.233  1.00 35.91  ? 75  HIS A O     1 
ATOM   530  C CB    . HIS A 1 75  ? -11.149 -8.750  -7.804  1.00 38.60  ? 75  HIS A CB    1 
ATOM   531  C CG    . HIS A 1 75  ? -11.137 -9.825  -8.846  1.00 41.76  ? 75  HIS A CG    1 
ATOM   532  N ND1   . HIS A 1 75  ? -12.152 -10.744 -8.978  1.00 44.69  ? 75  HIS A ND1   1 
ATOM   533  C CD2   . HIS A 1 75  ? -10.221 -10.140 -9.793  1.00 43.43  ? 75  HIS A CD2   1 
ATOM   534  C CE1   . HIS A 1 75  ? -11.874 -11.571 -9.969  1.00 42.60  ? 75  HIS A CE1   1 
ATOM   535  N NE2   . HIS A 1 75  ? -10.706 -11.229 -10.482 1.00 45.88  ? 75  HIS A NE2   1 
ATOM   536  N N     . LEU A 1 76  ? -9.636  -6.946  -5.522  1.00 33.81  ? 76  LEU A N     1 
ATOM   537  C CA    . LEU A 1 76  ? -9.860  -5.907  -4.533  1.00 30.99  ? 76  LEU A CA    1 
ATOM   538  C C     . LEU A 1 76  ? -9.445  -4.477  -4.951  1.00 31.26  ? 76  LEU A C     1 
ATOM   539  O O     . LEU A 1 76  ? -10.279 -3.571  -4.858  1.00 31.02  ? 76  LEU A O     1 
ATOM   540  C CB    . LEU A 1 76  ? -9.201  -6.292  -3.188  1.00 30.33  ? 76  LEU A CB    1 
ATOM   541  C CG    . LEU A 1 76  ? -9.283  -5.317  -2.020  1.00 30.51  ? 76  LEU A CG    1 
ATOM   542  C CD1   . LEU A 1 76  ? -10.728 -5.108  -1.610  1.00 29.13  ? 76  LEU A CD1   1 
ATOM   543  C CD2   . LEU A 1 76  ? -8.521  -5.838  -0.818  1.00 30.44  ? 76  LEU A CD2   1 
ATOM   544  N N     . PRO A 1 77  ? -8.184  -4.264  -5.346  1.00 30.41  ? 77  PRO A N     1 
ATOM   545  C CA    . PRO A 1 77  ? -7.731  -2.878  -5.632  1.00 30.13  ? 77  PRO A CA    1 
ATOM   546  C C     . PRO A 1 77  ? -8.528  -2.262  -6.781  1.00 30.17  ? 77  PRO A C     1 
ATOM   547  O O     . PRO A 1 77  ? -8.968  -1.123  -6.680  1.00 30.82  ? 77  PRO A O     1 
ATOM   548  C CB    . PRO A 1 77  ? -6.278  -3.085  -6.068  1.00 31.34  ? 77  PRO A CB    1 
ATOM   549  C CG    . PRO A 1 77  ? -5.870  -4.292  -5.382  1.00 30.97  ? 77  PRO A CG    1 
ATOM   550  C CD    . PRO A 1 77  ? -7.048  -5.209  -5.534  1.00 30.04  ? 77  PRO A CD    1 
ATOM   551  N N     . GLY A 1 78  ? -8.725  -3.020  -7.854  1.00 30.84  ? 78  GLY A N     1 
ATOM   552  C CA    . GLY A 1 78  ? -9.425  -2.489  -9.050  1.00 31.04  ? 78  GLY A CA    1 
ATOM   553  C C     . GLY A 1 78  ? -10.895 -2.201  -8.755  1.00 32.68  ? 78  GLY A C     1 
ATOM   554  O O     . GLY A 1 78  ? -11.467 -1.236  -9.262  1.00 32.28  ? 78  GLY A O     1 
ATOM   555  N N     . MET A 1 79  ? -11.536 -3.057  -7.956  1.00 32.83  ? 79  MET A N     1 
ATOM   556  C CA    . MET A 1 79  ? -12.948 -2.822  -7.579  1.00 32.19  ? 79  MET A CA    1 
ATOM   557  C C     . MET A 1 79  ? -13.166 -1.644  -6.643  1.00 32.24  ? 79  MET A C     1 
ATOM   558  O O     . MET A 1 79  ? -14.179 -0.936  -6.739  1.00 32.71  ? 79  MET A O     1 
ATOM   559  C CB    . MET A 1 79  ? -13.597 -4.085  -7.003  1.00 32.18  ? 79  MET A CB    1 
ATOM   560  C CG    . MET A 1 79  ? -13.751 -5.206  -8.048  1.00 32.40  ? 79  MET A CG    1 
ATOM   561  S SD    . MET A 1 79  ? -14.599 -4.666  -9.555  1.00 36.75  ? 79  MET A SD    1 
ATOM   562  C CE    . MET A 1 79  ? -16.123 -4.068  -8.802  1.00 29.22  ? 79  MET A CE    1 
ATOM   563  N N     . ILE A 1 80  ? -12.224 -1.422  -5.739  1.00 31.83  ? 80  ILE A N     1 
ATOM   564  C CA    . ILE A 1 80  ? -12.213 -0.185  -4.945  1.00 32.16  ? 80  ILE A CA    1 
ATOM   565  C C     . ILE A 1 80  ? -12.110 1.025   -5.880  1.00 30.95  ? 80  ILE A C     1 
ATOM   566  O O     . ILE A 1 80  ? -12.926 1.923   -5.813  1.00 29.49  ? 80  ILE A O     1 
ATOM   567  C CB    . ILE A 1 80  ? -11.067 -0.163  -3.922  1.00 31.90  ? 80  ILE A CB    1 
ATOM   568  C CG1   . ILE A 1 80  ? -11.315 -1.225  -2.853  1.00 34.08  ? 80  ILE A CG1   1 
ATOM   569  C CG2   . ILE A 1 80  ? -10.924 1.268   -3.305  1.00 31.33  ? 80  ILE A CG2   1 
ATOM   570  C CD1   . ILE A 1 80  ? -10.152 -1.470  -1.902  1.00 34.70  ? 80  ILE A CD1   1 
ATOM   571  N N     . ALA A 1 81  ? -11.121 1.009   -6.781  1.00 29.37  ? 81  ALA A N     1 
ATOM   572  C CA    . ALA A 1 81  ? -10.890 2.093   -7.723  1.00 30.11  ? 81  ALA A CA    1 
ATOM   573  C C     . ALA A 1 81  ? -12.112 2.351   -8.613  1.00 30.24  ? 81  ALA A C     1 
ATOM   574  O O     . ALA A 1 81  ? -12.363 3.475   -9.001  1.00 30.60  ? 81  ALA A O     1 
ATOM   575  C CB    . ALA A 1 81  ? -9.605  1.794   -8.612  1.00 30.13  ? 81  ALA A CB    1 
ATOM   576  N N     . ALA A 1 82  ? -12.906 1.323   -8.920  1.00 29.71  ? 82  ALA A N     1 
ATOM   577  C CA    . ALA A 1 82  ? -14.072 1.507   -9.761  1.00 31.07  ? 82  ALA A CA    1 
ATOM   578  C C     . ALA A 1 82  ? -15.144 2.330   -9.037  1.00 32.54  ? 82  ALA A C     1 
ATOM   579  O O     . ALA A 1 82  ? -16.016 2.931   -9.655  1.00 33.49  ? 82  ALA A O     1 
ATOM   580  C CB    . ALA A 1 82  ? -14.650 0.159   -10.116 1.00 31.78  ? 82  ALA A CB    1 
ATOM   581  N N     . LYS A 1 83  ? -15.070 2.344   -7.723  1.00 33.56  ? 83  LYS A N     1 
ATOM   582  C CA    . LYS A 1 83  ? -16.154 2.916   -6.922  1.00 34.23  ? 83  LYS A CA    1 
ATOM   583  C C     . LYS A 1 83  ? -15.789 4.212   -6.166  1.00 34.86  ? 83  LYS A C     1 
ATOM   584  O O     . LYS A 1 83  ? -16.638 4.793   -5.477  1.00 35.81  ? 83  LYS A O     1 
ATOM   585  C CB    . LYS A 1 83  ? -16.704 1.833   -5.998  1.00 35.10  ? 83  LYS A CB    1 
ATOM   586  C CG    . LYS A 1 83  ? -17.651 0.793   -6.678  1.00 37.12  ? 83  LYS A CG    1 
ATOM   587  C CD    . LYS A 1 83  ? -19.047 1.407   -6.987  1.00 39.06  ? 83  LYS A CD    1 
ATOM   588  C CE    . LYS A 1 83  ? -19.870 1.601   -5.738  1.00 42.48  ? 83  LYS A CE    1 
ATOM   589  N NZ    . LYS A 1 83  ? -21.201 2.251   -6.012  1.00 44.79  ? 83  LYS A NZ    1 
ATOM   590  N N     . THR A 1 84  ? -14.544 4.663   -6.283  1.00 33.69  ? 84  THR A N     1 
ATOM   591  C CA    . THR A 1 84  ? -14.107 5.908   -5.643  1.00 33.81  ? 84  THR A CA    1 
ATOM   592  C C     . THR A 1 84  ? -13.099 6.693   -6.466  1.00 34.20  ? 84  THR A C     1 
ATOM   593  O O     . THR A 1 84  ? -12.315 6.116   -7.248  1.00 34.26  ? 84  THR A O     1 
ATOM   594  C CB    . THR A 1 84  ? -13.543 5.671   -4.200  1.00 34.14  ? 84  THR A CB    1 
ATOM   595  O OG1   . THR A 1 84  ? -13.238 6.933   -3.591  1.00 34.65  ? 84  THR A OG1   1 
ATOM   596  C CG2   . THR A 1 84  ? -12.282 4.826   -4.226  1.00 33.65  ? 84  THR A CG2   1 
ATOM   597  N N     . LEU A 1 85  ? -13.079 8.006   -6.267  1.00 33.92  ? 85  LEU A N     1 
ATOM   598  C CA    . LEU A 1 85  ? -12.041 8.817   -6.876  1.00 34.27  ? 85  LEU A CA    1 
ATOM   599  C C     . LEU A 1 85  ? -10.780 8.930   -6.029  1.00 34.26  ? 85  LEU A C     1 
ATOM   600  O O     . LEU A 1 85  ? -9.770  9.484   -6.497  1.00 34.99  ? 85  LEU A O     1 
ATOM   601  C CB    . LEU A 1 85  ? -12.566 10.207  -7.251  1.00 34.39  ? 85  LEU A CB    1 
ATOM   602  C CG    . LEU A 1 85  ? -13.518 10.219  -8.450  1.00 36.02  ? 85  LEU A CG    1 
ATOM   603  C CD1   . LEU A 1 85  ? -14.117 11.607  -8.629  1.00 39.39  ? 85  LEU A CD1   1 
ATOM   604  C CD2   . LEU A 1 85  ? -12.768 9.825   -9.709  1.00 35.98  ? 85  LEU A CD2   1 
ATOM   605  N N     . VAL A 1 86  ? -10.817 8.396   -4.800  1.00 33.24  ? 86  VAL A N     1 
ATOM   606  C CA    . VAL A 1 86  ? -9.641  8.381   -3.957  1.00 31.52  ? 86  VAL A CA    1 
ATOM   607  C C     . VAL A 1 86  ? -8.607  7.489   -4.664  1.00 31.15  ? 86  VAL A C     1 
ATOM   608  O O     . VAL A 1 86  ? -8.935  6.356   -5.049  1.00 30.64  ? 86  VAL A O     1 
ATOM   609  C CB    . VAL A 1 86  ? -9.949  7.840   -2.562  1.00 31.52  ? 86  VAL A CB    1 
ATOM   610  C CG1   . VAL A 1 86  ? -8.696  7.767   -1.700  1.00 32.06  ? 86  VAL A CG1   1 
ATOM   611  C CG2   . VAL A 1 86  ? -11.029 8.747   -1.862  1.00 31.11  ? 86  VAL A CG2   1 
ATOM   612  N N     . PRO A 1 87  ? -7.384  7.983   -4.821  1.00 30.54  ? 87  PRO A N     1 
ATOM   613  C CA    . PRO A 1 87  ? -6.321  7.198   -5.486  1.00 30.64  ? 87  PRO A CA    1 
ATOM   614  C C     . PRO A 1 87  ? -6.107  5.864   -4.806  1.00 30.94  ? 87  PRO A C     1 
ATOM   615  O O     . PRO A 1 87  ? -6.122  5.827   -3.570  1.00 30.49  ? 87  PRO A O     1 
ATOM   616  C CB    . PRO A 1 87  ? -5.065  8.034   -5.282  1.00 30.68  ? 87  PRO A CB    1 
ATOM   617  C CG    . PRO A 1 87  ? -5.500  9.326   -4.901  1.00 32.97  ? 87  PRO A CG    1 
ATOM   618  C CD    . PRO A 1 87  ? -6.894  9.308   -4.378  1.00 29.12  ? 87  PRO A CD    1 
ATOM   619  N N     . VAL A 1 88  ? -5.923  4.779   -5.604  1.00 30.59  ? 88  VAL A N     1 
ATOM   620  C CA    . VAL A 1 88  ? -5.733  3.424   -5.073  1.00 28.46  ? 88  VAL A CA    1 
ATOM   621  C C     . VAL A 1 88  ? -4.364  2.928   -5.478  1.00 29.57  ? 88  VAL A C     1 
ATOM   622  O O     . VAL A 1 88  ? -4.049  2.999   -6.648  1.00 29.18  ? 88  VAL A O     1 
ATOM   623  C CB    . VAL A 1 88  ? -6.806  2.435   -5.568  1.00 27.91  ? 88  VAL A CB    1 
ATOM   624  C CG1   . VAL A 1 88  ? -6.526  1.088   -5.008  1.00 29.24  ? 88  VAL A CG1   1 
ATOM   625  C CG2   . VAL A 1 88  ? -8.238  2.864   -5.037  1.00 28.87  ? 88  VAL A CG2   1 
ATOM   626  N N     . LEU A 1 89  ? -3.576  2.476   -4.509  1.00 28.65  ? 89  LEU A N     1 
ATOM   627  C CA    . LEU A 1 89  ? -2.297  1.793   -4.787  1.00 28.89  ? 89  LEU A CA    1 
ATOM   628  C C     . LEU A 1 89  ? -2.522  0.310   -4.497  1.00 29.69  ? 89  LEU A C     1 
ATOM   629  O O     . LEU A 1 89  ? -3.102  -0.024  -3.462  1.00 32.98  ? 89  LEU A O     1 
ATOM   630  C CB    . LEU A 1 89  ? -1.216  2.342   -3.861  1.00 27.08  ? 89  LEU A CB    1 
ATOM   631  C CG    . LEU A 1 89  ? -1.033  3.865   -4.048  1.00 28.81  ? 89  LEU A CG    1 
ATOM   632  C CD1   . LEU A 1 89  ? 0.055   4.337   -3.044  1.00 30.45  ? 89  LEU A CD1   1 
ATOM   633  C CD2   . LEU A 1 89  ? -0.721  4.260   -5.514  1.00 28.63  ? 89  LEU A CD2   1 
ATOM   634  N N     . GLY A 1 90  ? -2.022  -0.558  -5.361  1.00 31.12  ? 90  GLY A N     1 
ATOM   635  C CA    . GLY A 1 90  ? -2.244  -1.999  -5.275  1.00 30.06  ? 90  GLY A CA    1 
ATOM   636  C C     . GLY A 1 90  ? -0.966  -2.742  -4.944  1.00 30.46  ? 90  GLY A C     1 
ATOM   637  O O     . GLY A 1 90  ? 0.073   -2.504  -5.574  1.00 30.84  ? 90  GLY A O     1 
ATOM   638  N N     . VAL A 1 91  ? -1.053  -3.674  -3.989  1.00 30.44  ? 91  VAL A N     1 
ATOM   639  C CA    . VAL A 1 91  ? 0.085   -4.503  -3.628  1.00 29.73  ? 91  VAL A CA    1 
ATOM   640  C C     . VAL A 1 91  ? -0.193  -5.952  -3.985  1.00 29.70  ? 91  VAL A C     1 
ATOM   641  O O     . VAL A 1 91  ? -1.103  -6.562  -3.437  1.00 29.66  ? 91  VAL A O     1 
ATOM   642  C CB    . VAL A 1 91  ? 0.429   -4.427  -2.138  1.00 29.77  ? 91  VAL A CB    1 
ATOM   643  C CG1   . VAL A 1 91  ? 1.608   -5.393  -1.881  1.00 29.26  ? 91  VAL A CG1   1 
ATOM   644  C CG2   . VAL A 1 91  ? 0.765   -2.910  -1.710  1.00 30.23  ? 91  VAL A CG2   1 
ATOM   645  N N     . PRO A 1 92  ? 0.587   -6.523  -4.925  1.00 30.33  ? 92  PRO A N     1 
ATOM   646  C CA    . PRO A 1 92  ? 0.339   -7.914  -5.269  1.00 30.54  ? 92  PRO A CA    1 
ATOM   647  C C     . PRO A 1 92  ? 0.934   -8.805  -4.181  1.00 31.60  ? 92  PRO A C     1 
ATOM   648  O O     . PRO A 1 92  ? 2.131   -8.739  -3.924  1.00 32.92  ? 92  PRO A O     1 
ATOM   649  C CB    . PRO A 1 92  ? 1.085   -8.081  -6.617  1.00 30.91  ? 92  PRO A CB    1 
ATOM   650  C CG    . PRO A 1 92  ? 1.493   -6.677  -7.025  1.00 32.36  ? 92  PRO A CG    1 
ATOM   651  C CD    . PRO A 1 92  ? 1.609   -5.897  -5.780  1.00 29.42  ? 92  PRO A CD    1 
ATOM   652  N N     . VAL A 1 93  ? 0.118   -9.623  -3.530  1.00 31.75  ? 93  VAL A N     1 
ATOM   653  C CA    . VAL A 1 93  ? 0.644   -10.560 -2.519  1.00 32.81  ? 93  VAL A CA    1 
ATOM   654  C C     . VAL A 1 93  ? 1.189   -11.809 -3.195  1.00 34.80  ? 93  VAL A C     1 
ATOM   655  O O     . VAL A 1 93  ? 0.587   -12.314 -4.149  1.00 34.98  ? 93  VAL A O     1 
ATOM   656  C CB    . VAL A 1 93  ? -0.466  -10.912 -1.491  1.00 32.95  ? 93  VAL A CB    1 
ATOM   657  C CG1   . VAL A 1 93  ? -0.007  -11.976 -0.530  1.00 34.05  ? 93  VAL A CG1   1 
ATOM   658  C CG2   . VAL A 1 93  ? -0.914  -9.648  -0.782  1.00 30.85  ? 93  VAL A CG2   1 
ATOM   659  N N     . GLN A 1 94  ? 2.319   -12.315 -2.708  1.00 35.13  ? 94  GLN A N     1 
ATOM   660  C CA    . GLN A 1 94  ? 2.907   -13.500 -3.282  1.00 38.79  ? 94  GLN A CA    1 
ATOM   661  C C     . GLN A 1 94  ? 1.982   -14.699 -3.059  1.00 39.52  ? 94  GLN A C     1 
ATOM   662  O O     . GLN A 1 94  ? 1.567   -15.008 -1.929  1.00 41.45  ? 94  GLN A O     1 
ATOM   663  C CB    . GLN A 1 94  ? 4.353   -13.733 -2.781  1.00 37.48  ? 94  GLN A CB    1 
ATOM   664  C CG    . GLN A 1 94  ? 5.190   -14.536 -3.786  1.00 40.87  ? 94  GLN A CG    1 
ATOM   665  C CD    . GLN A 1 94  ? 6.565   -14.916 -3.259  1.00 41.24  ? 94  GLN A CD    1 
ATOM   666  O OE1   . GLN A 1 94  ? 7.240   -14.114 -2.607  1.00 44.08  ? 94  GLN A OE1   1 
ATOM   667  N NE2   . GLN A 1 94  ? 6.985   -16.150 -3.537  1.00 42.48  ? 94  GLN A NE2   1 
ATOM   668  N N     . SER A 1 95  ? 1.592   -15.316 -4.168  1.00 40.89  ? 95  SER A N     1 
ATOM   669  C CA    . SER A 1 95  ? 0.705   -16.480 -4.189  1.00 41.46  ? 95  SER A CA    1 
ATOM   670  C C     . SER A 1 95  ? 1.584   -17.722 -4.228  1.00 42.98  ? 95  SER A C     1 
ATOM   671  O O     . SER A 1 95  ? 2.768   -17.628 -4.585  1.00 42.65  ? 95  SER A O     1 
ATOM   672  C CB    . SER A 1 95  ? -0.187  -16.415 -5.443  1.00 41.93  ? 95  SER A CB    1 
ATOM   673  O OG    . SER A 1 95  ? 0.587   -16.326 -6.654  1.00 39.07  ? 95  SER A OG    1 
ATOM   674  N N     . ALA A 1 96  ? 1.024   -18.875 -3.853  1.00 43.27  ? 96  ALA A N     1 
ATOM   675  C CA    . ALA A 1 96  ? 1.826   -20.094 -3.740  1.00 44.00  ? 96  ALA A CA    1 
ATOM   676  C C     . ALA A 1 96  ? 2.334   -20.570 -5.092  1.00 43.89  ? 96  ALA A C     1 
ATOM   677  O O     . ALA A 1 96  ? 3.555   -20.599 -5.318  1.00 46.04  ? 96  ALA A O     1 
ATOM   678  C CB    . ALA A 1 96  ? 1.049   -21.206 -3.045  1.00 43.62  ? 96  ALA A CB    1 
ATOM   679  N N     . ALA A 1 97  ? 1.415   -20.939 -5.992  1.00 42.57  ? 97  ALA A N     1 
ATOM   680  C CA    . ALA A 1 97  ? 1.828   -21.545 -7.247  1.00 40.47  ? 97  ALA A CA    1 
ATOM   681  C C     . ALA A 1 97  ? 2.518   -20.568 -8.184  1.00 39.36  ? 97  ALA A C     1 
ATOM   682  O O     . ALA A 1 97  ? 3.606   -20.870 -8.698  1.00 37.77  ? 97  ALA A O     1 
ATOM   683  C CB    . ALA A 1 97  ? 0.657   -22.250 -7.953  1.00 40.96  ? 97  ALA A CB    1 
ATOM   684  N N     . LEU A 1 98  ? 1.925   -19.386 -8.367  1.00 36.93  ? 98  LEU A N     1 
ATOM   685  C CA    . LEU A 1 98  ? 2.422   -18.470 -9.408  1.00 36.22  ? 98  LEU A CA    1 
ATOM   686  C C     . LEU A 1 98  ? 3.317   -17.340 -8.892  1.00 36.03  ? 98  LEU A C     1 
ATOM   687  O O     . LEU A 1 98  ? 3.717   -16.435 -9.655  1.00 35.25  ? 98  LEU A O     1 
ATOM   688  C CB    . LEU A 1 98  ? 1.254   -17.955 -10.245 1.00 35.77  ? 98  LEU A CB    1 
ATOM   689  C CG    . LEU A 1 98  ? 0.601   -19.141 -10.993 1.00 33.93  ? 98  LEU A CG    1 
ATOM   690  C CD1   . LEU A 1 98  ? -0.485  -18.628 -11.851 1.00 37.35  ? 98  LEU A CD1   1 
ATOM   691  C CD2   . LEU A 1 98  ? 1.668   -19.911 -11.821 1.00 36.28  ? 98  LEU A CD2   1 
ATOM   692  N N     . SER A 1 99  ? 3.622   -17.422 -7.604  1.00 36.39  ? 99  SER A N     1 
ATOM   693  C CA    . SER A 1 99  ? 4.593   -16.526 -6.951  1.00 36.41  ? 99  SER A CA    1 
ATOM   694  C C     . SER A 1 99  ? 4.258   -15.058 -7.114  1.00 36.11  ? 99  SER A C     1 
ATOM   695  O O     . SER A 1 99  ? 5.160   -14.205 -7.243  1.00 35.65  ? 99  SER A O     1 
ATOM   696  C CB    . SER A 1 99  ? 6.011   -16.814 -7.456  1.00 37.97  ? 99  SER A CB    1 
ATOM   697  O OG    . SER A 1 99  ? 6.506   -17.998 -6.857  1.00 39.99  ? 99  SER A OG    1 
ATOM   698  N N     . GLY A 1 100 ? 2.966   -14.744 -7.029  1.00 35.13  ? 100 GLY A N     1 
ATOM   699  C CA    . GLY A 1 100 ? 2.508   -13.377 -7.220  1.00 34.09  ? 100 GLY A CA    1 
ATOM   700  C C     . GLY A 1 100 ? 2.430   -12.832 -8.655  1.00 34.76  ? 100 GLY A C     1 
ATOM   701  O O     . GLY A 1 100 ? 2.038   -11.667 -8.833  1.00 33.86  ? 100 GLY A O     1 
ATOM   702  N N     . VAL A 1 101 ? 2.797   -13.621 -9.670  1.00 33.67  ? 101 VAL A N     1 
ATOM   703  C CA    . VAL A 1 101 ? 2.602   -13.179 -11.072 1.00 33.86  ? 101 VAL A CA    1 
ATOM   704  C C     . VAL A 1 101 ? 1.140   -12.994 -11.396 1.00 34.03  ? 101 VAL A C     1 
ATOM   705  O O     . VAL A 1 101 ? 0.774   -12.030 -12.060 1.00 33.69  ? 101 VAL A O     1 
ATOM   706  C CB    . VAL A 1 101 ? 3.259   -14.077 -12.133 1.00 34.41  ? 101 VAL A CB    1 
ATOM   707  C CG1   . VAL A 1 101 ? 2.854   -13.643 -13.510 1.00 33.83  ? 101 VAL A CG1   1 
ATOM   708  C CG2   . VAL A 1 101 ? 4.747   -13.994 -12.017 1.00 33.94  ? 101 VAL A CG2   1 
ATOM   709  N N     . ASP A 1 102 ? 0.298   -13.920 -10.945 1.00 32.48  ? 102 ASP A N     1 
ATOM   710  C CA    . ASP A 1 102 ? -1.133  -13.747 -11.086 1.00 33.20  ? 102 ASP A CA    1 
ATOM   711  C C     . ASP A 1 102 ? -1.605  -12.508 -10.399 1.00 33.50  ? 102 ASP A C     1 
ATOM   712  O O     . ASP A 1 102 ? -2.445  -11.754 -10.953 1.00 33.73  ? 102 ASP A O     1 
ATOM   713  C CB    . ASP A 1 102 ? -1.956  -14.986 -10.649 1.00 33.71  ? 102 ASP A CB    1 
ATOM   714  C CG    . ASP A 1 102 ? -1.520  -15.581 -9.311  1.00 33.34  ? 102 ASP A CG    1 
ATOM   715  O OD1   . ASP A 1 102 ? -0.622  -15.022 -8.634  1.00 32.12  ? 102 ASP A OD1   1 
ATOM   716  O OD2   . ASP A 1 102 ? -2.108  -16.647 -8.935  1.00 30.57  ? 102 ASP A OD2   1 
ATOM   717  N N     . SER A 1 103 ? -1.110  -12.275 -9.183  1.00 32.55  ? 103 SER A N     1 
ATOM   718  C CA    . SER A 1 103 ? -1.542  -11.110 -8.409  1.00 31.98  ? 103 SER A CA    1 
ATOM   719  C C     . SER A 1 103 ? -1.137  -9.843  -9.183  1.00 31.35  ? 103 SER A C     1 
ATOM   720  O O     . SER A 1 103 ? -1.908  -8.906  -9.279  1.00 31.25  ? 103 SER A O     1 
ATOM   721  C CB    . SER A 1 103 ? -0.889  -11.105 -7.025  1.00 31.82  ? 103 SER A CB    1 
ATOM   722  O OG    . SER A 1 103 ? -1.062  -12.374 -6.383  1.00 34.55  ? 103 SER A OG    1 
ATOM   723  N N     . LEU A 1 104 ? 0.087   -9.840  -9.698  1.00 29.54  ? 104 LEU A N     1 
ATOM   724  C CA    . LEU A 1 104 ? 0.630   -8.655  -10.354 1.00 31.30  ? 104 LEU A CA    1 
ATOM   725  C C     . LEU A 1 104 ? -0.217  -8.371  -11.606 1.00 32.33  ? 104 LEU A C     1 
ATOM   726  O O     . LEU A 1 104 ? -0.651  -7.251  -11.783 1.00 33.31  ? 104 LEU A O     1 
ATOM   727  C CB    . LEU A 1 104 ? 2.095   -8.895  -10.755 1.00 31.26  ? 104 LEU A CB    1 
ATOM   728  C CG    . LEU A 1 104 ? 2.672   -7.798  -11.657 1.00 30.46  ? 104 LEU A CG    1 
ATOM   729  C CD1   . LEU A 1 104 ? 2.662   -6.460  -10.974 1.00 28.96  ? 104 LEU A CD1   1 
ATOM   730  C CD2   . LEU A 1 104 ? 4.090   -8.223  -12.094 1.00 30.03  ? 104 LEU A CD2   1 
ATOM   731  N N     . TYR A 1 105 ? -0.478  -9.377  -12.451 1.00 33.42  ? 105 TYR A N     1 
ATOM   732  C CA    . TYR A 1 105 ? -1.217  -9.134  -13.711 1.00 33.51  ? 105 TYR A CA    1 
ATOM   733  C C     . TYR A 1 105 ? -2.648  -8.722  -13.472 1.00 33.69  ? 105 TYR A C     1 
ATOM   734  O O     . TYR A 1 105 ? -3.211  -7.929  -14.234 1.00 34.22  ? 105 TYR A O     1 
ATOM   735  C CB    . TYR A 1 105 ? -1.246  -10.347 -14.619 1.00 34.35  ? 105 TYR A CB    1 
ATOM   736  C CG    . TYR A 1 105 ? 0.068   -10.659 -15.265 1.00 34.11  ? 105 TYR A CG    1 
ATOM   737  C CD1   . TYR A 1 105 ? 1.109   -9.753  -15.216 1.00 37.59  ? 105 TYR A CD1   1 
ATOM   738  C CD2   . TYR A 1 105 ? 0.265   -11.845 -15.950 1.00 37.68  ? 105 TYR A CD2   1 
ATOM   739  C CE1   . TYR A 1 105 ? 2.344   -10.024 -15.820 1.00 39.03  ? 105 TYR A CE1   1 
ATOM   740  C CE2   . TYR A 1 105 ? 1.506   -12.119 -16.568 1.00 36.64  ? 105 TYR A CE2   1 
ATOM   741  C CZ    . TYR A 1 105 ? 2.536   -11.200 -16.467 1.00 39.22  ? 105 TYR A CZ    1 
ATOM   742  O OH    . TYR A 1 105 ? 3.771   -11.419 -17.060 1.00 41.02  ? 105 TYR A OH    1 
ATOM   743  N N     . SER A 1 106 ? -3.250  -9.287  -12.442 1.00 33.49  ? 106 SER A N     1 
ATOM   744  C CA    . SER A 1 106 ? -4.635  -8.971  -12.105 1.00 32.90  ? 106 SER A CA    1 
ATOM   745  C C     . SER A 1 106 ? -4.801  -7.586  -11.465 1.00 32.95  ? 106 SER A C     1 
ATOM   746  O O     . SER A 1 106 ? -5.919  -7.045  -11.426 1.00 33.85  ? 106 SER A O     1 
ATOM   747  C CB    . SER A 1 106 ? -5.248  -10.129 -11.270 1.00 34.30  ? 106 SER A CB    1 
ATOM   748  O OG    . SER A 1 106 ? -4.581  -10.258 -10.040 1.00 33.98  ? 106 SER A OG    1 
ATOM   749  N N     . ILE A 1 107 ? -3.713  -6.968  -10.998 1.00 31.48  ? 107 ILE A N     1 
ATOM   750  C CA    . ILE A 1 107 ? -3.778  -5.621  -10.390 1.00 31.76  ? 107 ILE A CA    1 
ATOM   751  C C     . ILE A 1 107 ? -3.337  -4.551  -11.405 1.00 31.94  ? 107 ILE A C     1 
ATOM   752  O O     . ILE A 1 107 ? -4.019  -3.562  -11.606 1.00 30.19  ? 107 ILE A O     1 
ATOM   753  C CB    . ILE A 1 107 ? -2.906  -5.515  -9.110  1.00 31.93  ? 107 ILE A CB    1 
ATOM   754  C CG1   . ILE A 1 107 ? -3.430  -6.445  -8.014  1.00 32.30  ? 107 ILE A CG1   1 
ATOM   755  C CG2   . ILE A 1 107 ? -2.872  -4.077  -8.555  1.00 31.48  ? 107 ILE A CG2   1 
ATOM   756  C CD1   . ILE A 1 107 ? -2.669  -6.341  -6.689  1.00 32.75  ? 107 ILE A CD1   1 
ATOM   757  N N     . VAL A 1 108 ? -2.216  -4.795  -12.072 1.00 30.72  ? 108 VAL A N     1 
ATOM   758  C CA    . VAL A 1 108 ? -1.590  -3.767  -12.914 1.00 30.04  ? 108 VAL A CA    1 
ATOM   759  C C     . VAL A 1 108 ? -2.265  -3.559  -14.268 1.00 29.97  ? 108 VAL A C     1 
ATOM   760  O O     . VAL A 1 108 ? -2.218  -2.443  -14.826 1.00 28.50  ? 108 VAL A O     1 
ATOM   761  C CB    . VAL A 1 108 ? -0.071  -4.038  -13.074 1.00 31.73  ? 108 VAL A CB    1 
ATOM   762  C CG1   . VAL A 1 108 ? 0.184   -5.155  -14.048 1.00 30.71  ? 108 VAL A CG1   1 
ATOM   763  C CG2   . VAL A 1 108 ? 0.702   -2.729  -13.502 1.00 31.96  ? 108 VAL A CG2   1 
ATOM   764  N N     . GLN A 1 109 ? -2.876  -4.616  -14.821 1.00 27.70  ? 109 GLN A N     1 
ATOM   765  C CA    . GLN A 1 109 ? -3.349  -4.545  -16.184 1.00 29.88  ? 109 GLN A CA    1 
ATOM   766  C C     . GLN A 1 109 ? -4.758  -3.977  -16.284 1.00 30.20  ? 109 GLN A C     1 
ATOM   767  O O     . GLN A 1 109 ? -5.561  -4.488  -17.061 1.00 32.15  ? 109 GLN A O     1 
ATOM   768  C CB    . GLN A 1 109 ? -3.273  -5.927  -16.855 1.00 28.55  ? 109 GLN A CB    1 
ATOM   769  C CG    . GLN A 1 109 ? -1.834  -6.366  -17.160 1.00 28.05  ? 109 GLN A CG    1 
ATOM   770  C CD    . GLN A 1 109 ? -1.260  -5.518  -18.270 1.00 33.60  ? 109 GLN A CD    1 
ATOM   771  O OE1   . GLN A 1 109 ? -1.619  -5.706  -19.428 1.00 35.77  ? 109 GLN A OE1   1 
ATOM   772  N NE2   . GLN A 1 109 ? -0.436  -4.552  -17.916 1.00 26.89  ? 109 GLN A NE2   1 
ATOM   773  N N     . MET A 1 110 ? -5.048  -2.927  -15.529 1.00 32.41  ? 110 MET A N     1 
ATOM   774  C CA    . MET A 1 110 ? -6.366  -2.288  -15.556 1.00 32.80  ? 110 MET A CA    1 
ATOM   775  C C     . MET A 1 110 ? -6.544  -1.630  -16.937 1.00 33.70  ? 110 MET A C     1 
ATOM   776  O O     . MET A 1 110 ? -5.624  -0.997  -17.433 1.00 34.52  ? 110 MET A O     1 
ATOM   777  C CB    . MET A 1 110 ? -6.508  -1.213  -14.447 1.00 33.14  ? 110 MET A CB    1 
ATOM   778  C CG    . MET A 1 110 ? -6.589  -1.717  -12.959 1.00 33.84  ? 110 MET A CG    1 
ATOM   779  S SD    . MET A 1 110 ? -7.982  -2.848  -12.752 1.00 38.41  ? 110 MET A SD    1 
ATOM   780  C CE    . MET A 1 110 ? -9.354  -1.690  -12.550 1.00 37.35  ? 110 MET A CE    1 
ATOM   781  N N     . PRO A 1 111 ? -7.748  -1.733  -17.534 1.00 34.68  ? 111 PRO A N     1 
ATOM   782  C CA    . PRO A 1 111 ? -8.012  -1.042  -18.801 1.00 35.63  ? 111 PRO A CA    1 
ATOM   783  C C     . PRO A 1 111 ? -8.193  0.455   -18.569 1.00 34.36  ? 111 PRO A C     1 
ATOM   784  O O     . PRO A 1 111 ? -8.376  0.887   -17.426 1.00 33.92  ? 111 PRO A O     1 
ATOM   785  C CB    . PRO A 1 111 ? -9.359  -1.612  -19.232 1.00 35.46  ? 111 PRO A CB    1 
ATOM   786  C CG    . PRO A 1 111 ? -10.082 -1.740  -17.926 1.00 37.42  ? 111 PRO A CG    1 
ATOM   787  C CD    . PRO A 1 111 ? -8.971  -2.402  -17.040 1.00 36.37  ? 111 PRO A CD    1 
ATOM   788  N N     . ARG A 1 112 ? -8.192  1.216   -19.665 1.00 33.98  ? 112 ARG A N     1 
ATOM   789  C CA    . ARG A 1 112 ? -8.282  2.682   -19.631 1.00 33.48  ? 112 ARG A CA    1 
ATOM   790  C C     . ARG A 1 112 ? -9.511  3.135   -18.871 1.00 32.93  ? 112 ARG A C     1 
ATOM   791  O O     . ARG A 1 112 ? -10.598 2.674   -19.181 1.00 34.00  ? 112 ARG A O     1 
ATOM   792  C CB    . ARG A 1 112 ? -8.447  3.193   -21.056 1.00 33.19  ? 112 ARG A CB    1 
ATOM   793  C CG    . ARG A 1 112 ? -8.501  4.710   -21.130 1.00 35.50  ? 112 ARG A CG    1 
ATOM   794  C CD    . ARG A 1 112 ? -8.427  5.100   -22.596 1.00 39.88  ? 112 ARG A CD    1 
ATOM   795  N NE    . ARG A 1 112 ? -8.390  6.540   -22.844 1.00 42.06  ? 112 ARG A NE    1 
ATOM   796  C CZ    . ARG A 1 112 ? -9.482  7.298   -22.911 1.00 44.31  ? 112 ARG A CZ    1 
ATOM   797  N NH1   . ARG A 1 112 ? -10.672 6.745   -22.698 1.00 42.33  ? 112 ARG A NH1   1 
ATOM   798  N NH2   . ARG A 1 112 ? -9.382  8.603   -23.180 1.00 40.69  ? 112 ARG A NH2   1 
ATOM   799  N N     . GLY A 1 113 ? -9.346  4.011   -17.888 1.00 32.70  ? 113 GLY A N     1 
ATOM   800  C CA    . GLY A 1 113 ? -10.499 4.625   -17.207 1.00 33.43  ? 113 GLY A CA    1 
ATOM   801  C C     . GLY A 1 113 ? -10.564 4.452   -15.719 1.00 33.59  ? 113 GLY A C     1 
ATOM   802  O O     . GLY A 1 113 ? -11.191 5.250   -15.016 1.00 35.69  ? 113 GLY A O     1 
ATOM   803  N N     . ILE A 1 114 ? -9.917  3.408   -15.214 1.00 32.71  ? 114 ILE A N     1 
ATOM   804  C CA    . ILE A 1 114 ? -9.977  3.102   -13.789 1.00 32.11  ? 114 ILE A CA    1 
ATOM   805  C C     . ILE A 1 114 ? -8.632  2.616   -13.263 1.00 32.04  ? 114 ILE A C     1 
ATOM   806  O O     . ILE A 1 114 ? -8.380  1.413   -13.199 1.00 32.67  ? 114 ILE A O     1 
ATOM   807  C CB    . ILE A 1 114 ? -11.050 2.041   -13.485 1.00 32.08  ? 114 ILE A CB    1 
ATOM   808  C CG1   . ILE A 1 114 ? -10.561 1.084   -12.395 1.00 33.51  ? 114 ILE A CG1   1 
ATOM   809  C CG2   . ILE A 1 114 ? -11.417 1.275   -14.747 1.00 32.64  ? 114 ILE A CG2   1 
ATOM   810  C CD1   . ILE A 1 114 ? -11.207 1.311   -11.047 1.00 35.83  ? 114 ILE A CD1   1 
ATOM   811  N N     . PRO A 1 115 ? -7.769  3.555   -12.887 1.00 30.41  ? 115 PRO A N     1 
ATOM   812  C CA    . PRO A 1 115 ? -6.361  3.223   -12.609 1.00 30.37  ? 115 PRO A CA    1 
ATOM   813  C C     . PRO A 1 115 ? -6.127  2.605   -11.233 1.00 30.47  ? 115 PRO A C     1 
ATOM   814  O O     . PRO A 1 115 ? -6.895  2.867   -10.289 1.00 30.93  ? 115 PRO A O     1 
ATOM   815  C CB    . PRO A 1 115 ? -5.673  4.604   -12.666 1.00 30.13  ? 115 PRO A CB    1 
ATOM   816  C CG    . PRO A 1 115 ? -6.758  5.561   -12.209 1.00 30.09  ? 115 PRO A CG    1 
ATOM   817  C CD    . PRO A 1 115 ? -8.080  4.970   -12.606 1.00 31.41  ? 115 PRO A CD    1 
ATOM   818  N N     . VAL A 1 116 ? -5.068  1.804   -11.114 1.00 30.11  ? 116 VAL A N     1 
ATOM   819  C CA    . VAL A 1 116 ? -4.523  1.377   -9.794  1.00 29.86  ? 116 VAL A CA    1 
ATOM   820  C C     . VAL A 1 116 ? -3.005  1.474   -9.911  1.00 30.34  ? 116 VAL A C     1 
ATOM   821  O O     . VAL A 1 116 ? -2.390  0.760   -10.738 1.00 31.78  ? 116 VAL A O     1 
ATOM   822  C CB    . VAL A 1 116 ? -4.895  -0.119  -9.466  1.00 29.72  ? 116 VAL A CB    1 
ATOM   823  C CG1   . VAL A 1 116 ? -4.183  -0.585  -8.169  1.00 30.36  ? 116 VAL A CG1   1 
ATOM   824  C CG2   . VAL A 1 116 ? -6.393  -0.240  -9.278  1.00 33.02  ? 116 VAL A CG2   1 
ATOM   825  N N     . GLY A 1 117 ? -2.375  2.351   -9.119  1.00 31.27  ? 117 GLY A N     1 
ATOM   826  C CA    . GLY A 1 117 ? -0.908  2.427   -9.124  1.00 30.40  ? 117 GLY A CA    1 
ATOM   827  C C     . GLY A 1 117 ? -0.342  1.189   -8.406  1.00 30.15  ? 117 GLY A C     1 
ATOM   828  O O     . GLY A 1 117 ? -0.552  1.023   -7.194  1.00 30.32  ? 117 GLY A O     1 
ATOM   829  N N     . THR A 1 118 ? 0.408   0.350   -9.135  1.00 29.40  ? 118 THR A N     1 
ATOM   830  C CA    . THR A 1 118 ? 0.853   -0.956  -8.607  1.00 30.22  ? 118 THR A CA    1 
ATOM   831  C C     . THR A 1 118 ? 2.314   -0.950  -8.128  1.00 30.51  ? 118 THR A C     1 
ATOM   832  O O     . THR A 1 118 ? 3.202   -0.363  -8.777  1.00 31.93  ? 118 THR A O     1 
ATOM   833  C CB    . THR A 1 118 ? 0.593   -2.068  -9.658  1.00 30.40  ? 118 THR A CB    1 
ATOM   834  O OG1   . THR A 1 118 ? -0.758  -1.912  -10.126 1.00 30.28  ? 118 THR A OG1   1 
ATOM   835  C CG2   . THR A 1 118 ? 0.831   -3.474  -9.079  1.00 30.43  ? 118 THR A CG2   1 
ATOM   836  N N     . LEU A 1 119 ? 2.560   -1.574  -6.969  1.00 30.34  ? 119 LEU A N     1 
ATOM   837  C CA    . LEU A 1 119 ? 3.915   -1.725  -6.454  1.00 32.01  ? 119 LEU A CA    1 
ATOM   838  C C     . LEU A 1 119 ? 4.419   -3.179  -6.599  1.00 31.88  ? 119 LEU A C     1 
ATOM   839  O O     . LEU A 1 119 ? 3.698   -4.026  -7.121  1.00 30.36  ? 119 LEU A O     1 
ATOM   840  C CB    . LEU A 1 119 ? 3.963   -1.267  -4.987  1.00 32.83  ? 119 LEU A CB    1 
ATOM   841  C CG    . LEU A 1 119 ? 3.741   0.213   -4.617  1.00 33.55  ? 119 LEU A CG    1 
ATOM   842  C CD1   . LEU A 1 119 ? 4.772   1.101   -5.231  1.00 34.10  ? 119 LEU A CD1   1 
ATOM   843  C CD2   . LEU A 1 119 ? 2.325   0.764   -4.965  1.00 32.65  ? 119 LEU A CD2   1 
ATOM   844  N N     . ALA A 1 120 ? 5.625   -3.448  -6.096  1.00 31.89  ? 120 ALA A N     1 
ATOM   845  C CA    . ALA A 1 120 ? 6.339   -4.709  -6.318  1.00 31.54  ? 120 ALA A CA    1 
ATOM   846  C C     . ALA A 1 120 ? 5.567   -5.854  -5.658  1.00 31.68  ? 120 ALA A C     1 
ATOM   847  O O     . ALA A 1 120 ? 4.742   -5.635  -4.742  1.00 31.76  ? 120 ALA A O     1 
ATOM   848  C CB    . ALA A 1 120 ? 7.724   -4.624  -5.710  1.00 31.08  ? 120 ALA A CB    1 
ATOM   849  N N     . ILE A 1 121 ? 5.808   -7.060  -6.133  1.00 32.61  ? 121 ILE A N     1 
ATOM   850  C CA    . ILE A 1 121 ? 5.197   -8.226  -5.501  1.00 32.13  ? 121 ILE A CA    1 
ATOM   851  C C     . ILE A 1 121 ? 5.741   -8.338  -4.078  1.00 33.49  ? 121 ILE A C     1 
ATOM   852  O O     . ILE A 1 121 ? 6.953   -8.302  -3.880  1.00 32.51  ? 121 ILE A O     1 
ATOM   853  C CB    . ILE A 1 121 ? 5.543   -9.486  -6.251  1.00 33.03  ? 121 ILE A CB    1 
ATOM   854  C CG1   . ILE A 1 121 ? 4.886   -9.482  -7.648  1.00 33.65  ? 121 ILE A CG1   1 
ATOM   855  C CG2   . ILE A 1 121 ? 5.081   -10.704 -5.466  1.00 32.30  ? 121 ILE A CG2   1 
ATOM   856  C CD1   . ILE A 1 121 ? 5.553   -10.383 -8.657  1.00 32.28  ? 121 ILE A CD1   1 
ATOM   857  N N     . GLY A 1 122 ? 4.847   -8.478  -3.100  1.00 32.40  ? 122 GLY A N     1 
ATOM   858  C CA    . GLY A 1 122 ? 5.263   -8.924  -1.748  1.00 33.86  ? 122 GLY A CA    1 
ATOM   859  C C     . GLY A 1 122 ? 5.638   -7.807  -0.800  1.00 34.34  ? 122 GLY A C     1 
ATOM   860  O O     . GLY A 1 122 ? 5.165   -6.675  -0.946  1.00 32.92  ? 122 GLY A O     1 
ATOM   861  N N     . LYS A 1 123 ? 6.443   -8.120  0.218   1.00 34.39  ? 123 LYS A N     1 
ATOM   862  C CA    . LYS A 1 123 ? 6.616   -7.166  1.308   1.00 34.99  ? 123 LYS A CA    1 
ATOM   863  C C     . LYS A 1 123 ? 7.329   -5.876  0.885   1.00 33.68  ? 123 LYS A C     1 
ATOM   864  O O     . LYS A 1 123 ? 7.098   -4.850  1.450   1.00 32.12  ? 123 LYS A O     1 
ATOM   865  C CB    . LYS A 1 123 ? 7.311   -7.819  2.519   1.00 34.54  ? 123 LYS A CB    1 
ATOM   866  C CG    . LYS A 1 123 ? 8.598   -8.524  2.168   1.00 38.71  ? 123 LYS A CG    1 
ATOM   867  C CD    . LYS A 1 123 ? 9.203   -9.213  3.412   1.00 40.67  ? 123 LYS A CD    1 
ATOM   868  C CE    . LYS A 1 123 ? 10.569  -8.629  3.800   1.00 49.44  ? 123 LYS A CE    1 
ATOM   869  N NZ    . LYS A 1 123 ? 10.596  -7.153  4.076   1.00 52.12  ? 123 LYS A NZ    1 
ATOM   870  N N     . ALA A 1 124 ? 8.199   -5.939  -0.112  1.00 33.36  ? 124 ALA A N     1 
ATOM   871  C CA    . ALA A 1 124 ? 8.812   -4.716  -0.628  1.00 33.00  ? 124 ALA A CA    1 
ATOM   872  C C     . ALA A 1 124 ? 7.808   -3.766  -1.255  1.00 32.74  ? 124 ALA A C     1 
ATOM   873  O O     . ALA A 1 124 ? 7.913   -2.552  -1.069  1.00 32.01  ? 124 ALA A O     1 
ATOM   874  C CB    . ALA A 1 124 ? 9.966   -5.057  -1.613  1.00 34.23  ? 124 ALA A CB    1 
ATOM   875  N N     . GLY A 1 125 ? 6.835   -4.306  -1.989  1.00 31.36  ? 125 GLY A N     1 
ATOM   876  C CA    . GLY A 1 125 ? 5.730   -3.489  -2.505  1.00 31.22  ? 125 GLY A CA    1 
ATOM   877  C C     . GLY A 1 125 ? 4.795   -2.973  -1.427  1.00 31.44  ? 125 GLY A C     1 
ATOM   878  O O     . GLY A 1 125 ? 4.234   -1.897  -1.567  1.00 30.57  ? 125 GLY A O     1 
ATOM   879  N N     . ALA A 1 126 ? 4.573   -3.736  -0.367  1.00 31.00  ? 126 ALA A N     1 
ATOM   880  C CA    . ALA A 1 126 ? 3.757   -3.194  0.736   1.00 31.78  ? 126 ALA A CA    1 
ATOM   881  C C     . ALA A 1 126 ? 4.457   -1.961  1.353   1.00 32.08  ? 126 ALA A C     1 
ATOM   882  O O     . ALA A 1 126 ? 3.828   -0.932  1.589   1.00 32.69  ? 126 ALA A O     1 
ATOM   883  C CB    . ALA A 1 126 ? 3.537   -4.250  1.798   1.00 31.92  ? 126 ALA A CB    1 
ATOM   884  N N     . ALA A 1 127 ? 5.749   -2.075  1.619   1.00 31.88  ? 127 ALA A N     1 
ATOM   885  C CA    . ALA A 1 127 ? 6.497   -0.943  2.217   1.00 31.60  ? 127 ALA A CA    1 
ATOM   886  C C     . ALA A 1 127 ? 6.478   0.232   1.244   1.00 32.03  ? 127 ALA A C     1 
ATOM   887  O O     . ALA A 1 127 ? 6.262   1.382   1.646   1.00 31.58  ? 127 ALA A O     1 
ATOM   888  C CB    . ALA A 1 127 ? 7.931   -1.367  2.520   1.00 32.84  ? 127 ALA A CB    1 
ATOM   889  N N     . ASN A 1 128 ? 6.706   -0.058  -0.048  1.00 31.00  ? 128 ASN A N     1 
ATOM   890  C CA    . ASN A 1 128 ? 6.730   1.013   -1.047  1.00 30.17  ? 128 ASN A CA    1 
ATOM   891  C C     . ASN A 1 128 ? 5.403   1.697   -1.259  1.00 29.87  ? 128 ASN A C     1 
ATOM   892  O O     . ASN A 1 128 ? 5.384   2.867   -1.621  1.00 31.40  ? 128 ASN A O     1 
ATOM   893  C CB    . ASN A 1 128 ? 7.302   0.519   -2.372  1.00 28.68  ? 128 ASN A CB    1 
ATOM   894  C CG    . ASN A 1 128 ? 8.809   0.447   -2.367  1.00 32.25  ? 128 ASN A CG    1 
ATOM   895  O OD1   . ASN A 1 128 ? 9.424   -0.058  -3.332  1.00 34.85  ? 128 ASN A OD1   1 
ATOM   896  N ND2   . ASN A 1 128 ? 9.423   0.963   -1.314  1.00 31.89  ? 128 ASN A ND2   1 
ATOM   897  N N     . ALA A 1 129 ? 4.313   0.954   -1.132  1.00 30.78  ? 129 ALA A N     1 
ATOM   898  C CA    . ALA A 1 129 ? 2.965   1.566   -1.260  1.00 30.51  ? 129 ALA A CA    1 
ATOM   899  C C     . ALA A 1 129 ? 2.753   2.598   -0.166  1.00 30.44  ? 129 ALA A C     1 
ATOM   900  O O     . ALA A 1 129 ? 2.229   3.689   -0.414  1.00 30.83  ? 129 ALA A O     1 
ATOM   901  C CB    . ALA A 1 129 ? 1.890   0.496   -1.236  1.00 30.88  ? 129 ALA A CB    1 
ATOM   902  N N     . ALA A 1 130 ? 3.227   2.282   1.042   1.00 30.56  ? 130 ALA A N     1 
ATOM   903  C CA    . ALA A 1 130 ? 3.049   3.206   2.142   1.00 30.59  ? 130 ALA A CA    1 
ATOM   904  C C     . ALA A 1 130 ? 3.947   4.400   1.918   1.00 30.49  ? 130 ALA A C     1 
ATOM   905  O O     . ALA A 1 130 ? 3.573   5.532   2.210   1.00 30.59  ? 130 ALA A O     1 
ATOM   906  C CB    . ALA A 1 130 ? 3.393   2.508   3.475   1.00 31.41  ? 130 ALA A CB    1 
ATOM   907  N N     . LEU A 1 131 ? 5.140   4.165   1.375   1.00 29.72  ? 131 LEU A N     1 
ATOM   908  C CA    . LEU A 1 131 ? 6.054   5.289   1.130   1.00 30.12  ? 131 LEU A CA    1 
ATOM   909  C C     . LEU A 1 131 ? 5.504   6.189   0.019   1.00 30.18  ? 131 LEU A C     1 
ATOM   910  O O     . LEU A 1 131 ? 5.537   7.397   0.130   1.00 30.32  ? 131 LEU A O     1 
ATOM   911  C CB    . LEU A 1 131 ? 7.431   4.762   0.703   1.00 31.22  ? 131 LEU A CB    1 
ATOM   912  C CG    . LEU A 1 131 ? 8.288   4.216   1.835   1.00 30.21  ? 131 LEU A CG    1 
ATOM   913  C CD1   . LEU A 1 131 ? 9.521   3.482   1.201   1.00 32.65  ? 131 LEU A CD1   1 
ATOM   914  C CD2   . LEU A 1 131 ? 8.759   5.333   2.794   1.00 34.12  ? 131 LEU A CD2   1 
ATOM   915  N N     . LEU A 1 132 ? 4.929   5.594   -1.015  1.00 28.96  ? 132 LEU A N     1 
ATOM   916  C CA    . LEU A 1 132 ? 4.371   6.384   -2.140  1.00 29.79  ? 132 LEU A CA    1 
ATOM   917  C C     . LEU A 1 132 ? 3.159   7.161   -1.586  1.00 30.53  ? 132 LEU A C     1 
ATOM   918  O O     . LEU A 1 132 ? 2.974   8.321   -1.914  1.00 31.56  ? 132 LEU A O     1 
ATOM   919  C CB    . LEU A 1 132 ? 3.869   5.430   -3.240  1.00 29.44  ? 132 LEU A CB    1 
ATOM   920  C CG    . LEU A 1 132 ? 3.305   6.154   -4.493  1.00 29.01  ? 132 LEU A CG    1 
ATOM   921  C CD1   . LEU A 1 132 ? 4.325   7.191   -4.982  1.00 31.64  ? 132 LEU A CD1   1 
ATOM   922  C CD2   . LEU A 1 132 ? 2.879   5.128   -5.583  1.00 31.01  ? 132 LEU A CD2   1 
ATOM   923  N N     . ALA A 1 133 ? 2.350   6.507   -0.757  1.00 30.84  ? 133 ALA A N     1 
ATOM   924  C CA    . ALA A 1 133 ? 1.173   7.180   -0.138  1.00 30.93  ? 133 ALA A CA    1 
ATOM   925  C C     . ALA A 1 133 ? 1.635   8.376   0.710   1.00 32.21  ? 133 ALA A C     1 
ATOM   926  O O     . ALA A 1 133 ? 1.061   9.468   0.662   1.00 34.42  ? 133 ALA A O     1 
ATOM   927  C CB    . ALA A 1 133 ? 0.344   6.200   0.719   1.00 30.84  ? 133 ALA A CB    1 
ATOM   928  N N     . ALA A 1 134 ? 2.671   8.159   1.497   1.00 33.12  ? 134 ALA A N     1 
ATOM   929  C CA    . ALA A 1 134 ? 3.294   9.231   2.282   1.00 32.89  ? 134 ALA A CA    1 
ATOM   930  C C     . ALA A 1 134 ? 3.865   10.361  1.416   1.00 32.97  ? 134 ALA A C     1 
ATOM   931  O O     . ALA A 1 134 ? 3.769   11.522  1.792   1.00 32.41  ? 134 ALA A O     1 
ATOM   932  C CB    . ALA A 1 134 ? 4.375   8.638   3.175   1.00 33.37  ? 134 ALA A CB    1 
ATOM   933  N N     . GLN A 1 135 ? 4.504   10.026  0.289   1.00 33.21  ? 135 GLN A N     1 
ATOM   934  C CA    . GLN A 1 135 ? 4.945   11.041  -0.681  1.00 34.42  ? 135 GLN A CA    1 
ATOM   935  C C     . GLN A 1 135 ? 3.773   11.848  -1.242  1.00 34.57  ? 135 GLN A C     1 
ATOM   936  O O     . GLN A 1 135 ? 3.856   13.083  -1.375  1.00 34.69  ? 135 GLN A O     1 
ATOM   937  C CB    . GLN A 1 135 ? 5.805   10.438  -1.794  1.00 33.43  ? 135 GLN A CB    1 
ATOM   938  C CG    . GLN A 1 135 ? 7.133   9.914   -1.250  1.00 34.10  ? 135 GLN A CG    1 
ATOM   939  C CD    . GLN A 1 135 ? 8.040   9.237   -2.277  1.00 36.26  ? 135 GLN A CD    1 
ATOM   940  O OE1   . GLN A 1 135 ? 8.672   8.204   -1.967  1.00 42.82  ? 135 GLN A OE1   1 
ATOM   941  N NE2   . GLN A 1 135 ? 8.129   9.793   -3.471  1.00 40.71  ? 135 GLN A NE2   1 
ATOM   942  N N     . ILE A 1 136 ? 2.682   11.167  -1.546  1.00 33.73  ? 136 ILE A N     1 
ATOM   943  C CA    . ILE A 1 136 ? 1.470   11.854  -2.003  1.00 34.23  ? 136 ILE A CA    1 
ATOM   944  C C     . ILE A 1 136 ? 0.968   12.817  -0.921  1.00 34.51  ? 136 ILE A C     1 
ATOM   945  O O     . ILE A 1 136 ? 0.757   14.025  -1.195  1.00 34.90  ? 136 ILE A O     1 
ATOM   946  C CB    . ILE A 1 136 ? 0.369   10.853  -2.437  1.00 34.05  ? 136 ILE A CB    1 
ATOM   947  C CG1   . ILE A 1 136 ? 0.798   10.167  -3.742  1.00 31.38  ? 136 ILE A CG1   1 
ATOM   948  C CG2   . ILE A 1 136 ? -0.990  11.552  -2.582  1.00 33.31  ? 136 ILE A CG2   1 
ATOM   949  C CD1   . ILE A 1 136 ? -0.044  8.929   -4.068  1.00 30.10  ? 136 ILE A CD1   1 
ATOM   950  N N     . LEU A 1 137 ? 0.843   12.323  0.309   1.00 34.07  ? 137 LEU A N     1 
ATOM   951  C CA    . LEU A 1 137 ? 0.376   13.175  1.415   1.00 34.34  ? 137 LEU A CA    1 
ATOM   952  C C     . LEU A 1 137 ? 1.337   14.350  1.690   1.00 34.40  ? 137 LEU A C     1 
ATOM   953  O O     . LEU A 1 137 ? 0.915   15.450  2.021   1.00 34.57  ? 137 LEU A O     1 
ATOM   954  C CB    . LEU A 1 137 ? 0.198   12.345  2.671   1.00 33.80  ? 137 LEU A CB    1 
ATOM   955  C CG    . LEU A 1 137 ? -0.872  11.244  2.668   1.00 34.10  ? 137 LEU A CG    1 
ATOM   956  C CD1   . LEU A 1 137 ? -0.862  10.571  4.056   1.00 35.65  ? 137 LEU A CD1   1 
ATOM   957  C CD2   . LEU A 1 137 ? -2.249  11.830  2.366   1.00 36.34  ? 137 LEU A CD2   1 
ATOM   958  N N     . ALA A 1 138 ? 2.632   14.099  1.515   1.00 35.06  ? 138 ALA A N     1 
ATOM   959  C CA    . ALA A 1 138 ? 3.680   15.070  1.871   1.00 35.94  ? 138 ALA A CA    1 
ATOM   960  C C     . ALA A 1 138 ? 3.694   16.280  0.959   1.00 37.30  ? 138 ALA A C     1 
ATOM   961  O O     . ALA A 1 138 ? 4.245   17.316  1.332   1.00 37.53  ? 138 ALA A O     1 
ATOM   962  C CB    . ALA A 1 138 ? 5.039   14.402  1.872   1.00 35.48  ? 138 ALA A CB    1 
ATOM   963  N N     . THR A 1 139 ? 3.072   16.167  -0.217  1.00 37.80  ? 139 THR A N     1 
ATOM   964  C CA    . THR A 1 139 ? 2.896   17.329  -1.111  1.00 40.02  ? 139 THR A CA    1 
ATOM   965  C C     . THR A 1 139 ? 2.171   18.523  -0.446  1.00 40.39  ? 139 THR A C     1 
ATOM   966  O O     . THR A 1 139 ? 2.384   19.675  -0.833  1.00 41.36  ? 139 THR A O     1 
ATOM   967  C CB    . THR A 1 139 ? 2.115   16.912  -2.355  1.00 39.86  ? 139 THR A CB    1 
ATOM   968  O OG1   . THR A 1 139 ? 2.822   15.841  -2.982  1.00 42.66  ? 139 THR A OG1   1 
ATOM   969  C CG2   . THR A 1 139 ? 1.969   18.086  -3.328  1.00 40.98  ? 139 THR A CG2   1 
ATOM   970  N N     . HIS A 1 140 ? 1.331   18.227  0.543   1.00 41.59  ? 140 HIS A N     1 
ATOM   971  C CA    . HIS A 1 140 ? 0.561   19.238  1.280   1.00 42.66  ? 140 HIS A CA    1 
ATOM   972  C C     . HIS A 1 140 ? 0.724   19.125  2.796   1.00 42.68  ? 140 HIS A C     1 
ATOM   973  O O     . HIS A 1 140 ? -0.136  19.583  3.548   1.00 43.52  ? 140 HIS A O     1 
ATOM   974  C CB    . HIS A 1 140 ? -0.928  19.152  0.936   1.00 42.96  ? 140 HIS A CB    1 
ATOM   975  C CG    . HIS A 1 140 ? -1.241  19.523  -0.472  1.00 44.37  ? 140 HIS A CG    1 
ATOM   976  N ND1   . HIS A 1 140 ? -1.123  18.631  -1.515  1.00 47.00  ? 140 HIS A ND1   1 
ATOM   977  C CD2   . HIS A 1 140 ? -1.643  20.693  -1.019  1.00 45.68  ? 140 HIS A CD2   1 
ATOM   978  C CE1   . HIS A 1 140 ? -1.456  19.229  -2.641  1.00 47.73  ? 140 HIS A CE1   1 
ATOM   979  N NE2   . HIS A 1 140 ? -1.769  20.483  -2.369  1.00 46.72  ? 140 HIS A NE2   1 
ATOM   980  N N     . ASP A 1 141 ? 1.818   18.520  3.243   1.00 43.25  ? 141 ASP A N     1 
ATOM   981  C CA    . ASP A 1 141 ? 2.072   18.317  4.677   1.00 42.93  ? 141 ASP A CA    1 
ATOM   982  C C     . ASP A 1 141 ? 3.582   18.442  4.888   1.00 43.30  ? 141 ASP A C     1 
ATOM   983  O O     . ASP A 1 141 ? 4.339   17.484  4.719   1.00 41.72  ? 141 ASP A O     1 
ATOM   984  C CB    . ASP A 1 141 ? 1.504   16.961  5.148   1.00 42.70  ? 141 ASP A CB    1 
ATOM   985  C CG    . ASP A 1 141 ? 1.729   16.692  6.643   1.00 43.06  ? 141 ASP A CG    1 
ATOM   986  O OD1   . ASP A 1 141 ? 2.665   17.267  7.236   1.00 41.15  ? 141 ASP A OD1   1 
ATOM   987  O OD2   . ASP A 1 141 ? 0.993   15.852  7.220   1.00 43.46  ? 141 ASP A OD2   1 
ATOM   988  N N     . LYS A 1 142 ? 4.002   19.660  5.234   1.00 43.49  ? 142 LYS A N     1 
ATOM   989  C CA    . LYS A 1 142 ? 5.417   20.020  5.364   1.00 44.24  ? 142 LYS A CA    1 
ATOM   990  C C     . LYS A 1 142 ? 6.120   19.167  6.393   1.00 43.27  ? 142 LYS A C     1 
ATOM   991  O O     . LYS A 1 142 ? 7.270   18.789  6.192   1.00 43.78  ? 142 LYS A O     1 
ATOM   992  C CB    . LYS A 1 142 ? 5.574   21.501  5.749   1.00 44.80  ? 142 LYS A CB    1 
ATOM   993  C CG    . LYS A 1 142 ? 4.826   22.468  4.815   1.00 49.63  ? 142 LYS A CG    1 
ATOM   994  C CD    . LYS A 1 142 ? 5.439   22.516  3.382   1.00 54.83  ? 142 LYS A CD    1 
ATOM   995  C CE    . LYS A 1 142 ? 4.361   22.487  2.273   1.00 55.54  ? 142 LYS A CE    1 
ATOM   996  N NZ    . LYS A 1 142 ? 4.186   21.094  1.775   1.00 56.30  ? 142 LYS A NZ    1 
ATOM   997  N N     . GLU A 1 143 ? 5.434   18.863  7.491   1.00 42.69  ? 143 GLU A N     1 
ATOM   998  C CA    . GLU A 1 143 ? 6.040   18.041  8.530   1.00 42.53  ? 143 GLU A CA    1 
ATOM   999  C C     . GLU A 1 143 ? 6.342   16.644  8.043   1.00 41.10  ? 143 GLU A C     1 
ATOM   1000 O O     . GLU A 1 143 ? 7.434   16.116  8.309   1.00 40.58  ? 143 GLU A O     1 
ATOM   1001 C CB    . GLU A 1 143 ? 5.189   17.997  9.794   1.00 42.84  ? 143 GLU A CB    1 
ATOM   1002 C CG    . GLU A 1 143 ? 5.441   19.205  10.680  1.00 46.43  ? 143 GLU A CG    1 
ATOM   1003 C CD    . GLU A 1 143 ? 4.234   19.593  11.525  1.00 51.81  ? 143 GLU A CD    1 
ATOM   1004 O OE1   . GLU A 1 143 ? 3.290   18.772  11.672  1.00 53.32  ? 143 GLU A OE1   1 
ATOM   1005 O OE2   . GLU A 1 143 ? 4.237   20.735  12.044  1.00 54.21  ? 143 GLU A OE2   1 
ATOM   1006 N N     . LEU A 1 144 ? 5.388   16.049  7.324   1.00 39.94  ? 144 LEU A N     1 
ATOM   1007 C CA    . LEU A 1 144 ? 5.549   14.688  6.841   1.00 38.82  ? 144 LEU A CA    1 
ATOM   1008 C C     . LEU A 1 144 ? 6.642   14.674  5.775   1.00 38.55  ? 144 LEU A C     1 
ATOM   1009 O O     . LEU A 1 144 ? 7.442   13.741  5.720   1.00 38.07  ? 144 LEU A O     1 
ATOM   1010 C CB    . LEU A 1 144 ? 4.225   14.132  6.295   1.00 39.20  ? 144 LEU A CB    1 
ATOM   1011 C CG    . LEU A 1 144 ? 4.340   12.752  5.624   1.00 38.05  ? 144 LEU A CG    1 
ATOM   1012 C CD1   . LEU A 1 144 ? 4.895   11.681  6.616   1.00 38.64  ? 144 LEU A CD1   1 
ATOM   1013 C CD2   . LEU A 1 144 ? 3.055   12.269  5.049   1.00 38.70  ? 144 LEU A CD2   1 
ATOM   1014 N N     . HIS A 1 145 ? 6.668   15.714  4.930   1.00 38.61  ? 145 HIS A N     1 
ATOM   1015 C CA    . HIS A 1 145 ? 7.702   15.865  3.905   1.00 38.96  ? 145 HIS A CA    1 
ATOM   1016 C C     . HIS A 1 145 ? 9.074   15.833  4.535   1.00 39.06  ? 145 HIS A C     1 
ATOM   1017 O O     . HIS A 1 145 ? 9.985   15.181  4.036   1.00 39.46  ? 145 HIS A O     1 
ATOM   1018 C CB    . HIS A 1 145 ? 7.507   17.156  3.132   1.00 39.47  ? 145 HIS A CB    1 
ATOM   1019 C CG    . HIS A 1 145 ? 8.346   17.246  1.900   1.00 41.55  ? 145 HIS A CG    1 
ATOM   1020 N ND1   . HIS A 1 145 ? 9.604   17.802  1.902   1.00 42.60  ? 145 HIS A ND1   1 
ATOM   1021 C CD2   . HIS A 1 145 ? 8.102   16.863  0.625   1.00 41.85  ? 145 HIS A CD2   1 
ATOM   1022 C CE1   . HIS A 1 145 ? 10.102  17.757  0.679   1.00 44.14  ? 145 HIS A CE1   1 
ATOM   1023 N NE2   . HIS A 1 145 ? 9.217   17.178  -0.113  1.00 44.74  ? 145 HIS A NE2   1 
ATOM   1024 N N     . GLN A 1 146 ? 9.201   16.518  5.663   1.00 39.23  ? 146 GLN A N     1 
ATOM   1025 C CA    . GLN A 1 146 ? 10.449  16.536  6.402   1.00 39.68  ? 146 GLN A CA    1 
ATOM   1026 C C     . GLN A 1 146 ? 10.839  15.166  6.959   1.00 39.02  ? 146 GLN A C     1 
ATOM   1027 O O     . GLN A 1 146 ? 11.996  14.746  6.824   1.00 38.78  ? 146 GLN A O     1 
ATOM   1028 C CB    . GLN A 1 146 ? 10.392  17.567  7.526   1.00 40.06  ? 146 GLN A CB    1 
ATOM   1029 C CG    . GLN A 1 146 ? 11.730  17.763  8.184   1.00 42.28  ? 146 GLN A CG    1 
ATOM   1030 C CD    . GLN A 1 146 ? 12.762  18.286  7.211   1.00 46.23  ? 146 GLN A CD    1 
ATOM   1031 O OE1   . GLN A 1 146 ? 12.646  19.415  6.736   1.00 47.55  ? 146 GLN A OE1   1 
ATOM   1032 N NE2   . GLN A 1 146 ? 13.782  17.474  6.908   1.00 45.57  ? 146 GLN A NE2   1 
ATOM   1033 N N     . ARG A 1 147 ? 9.889   14.463  7.572   1.00 38.61  ? 147 ARG A N     1 
ATOM   1034 C CA    . ARG A 1 147 ? 10.190  13.133  8.104   1.00 38.68  ? 147 ARG A CA    1 
ATOM   1035 C C     . ARG A 1 147 ? 10.580  12.181  6.989   1.00 38.56  ? 147 ARG A C     1 
ATOM   1036 O O     . ARG A 1 147 ? 11.503  11.369  7.162   1.00 37.36  ? 147 ARG A O     1 
ATOM   1037 C CB    . ARG A 1 147 ? 9.031   12.573  8.929   1.00 39.13  ? 147 ARG A CB    1 
ATOM   1038 C CG    . ARG A 1 147 ? 8.560   13.548  9.972   1.00 41.02  ? 147 ARG A CG    1 
ATOM   1039 C CD    . ARG A 1 147 ? 7.684   12.947  11.018  1.00 43.96  ? 147 ARG A CD    1 
ATOM   1040 N NE    . ARG A 1 147 ? 6.373   12.569  10.507  1.00 47.53  ? 147 ARG A NE    1 
ATOM   1041 C CZ    . ARG A 1 147 ? 5.301   13.361  10.533  1.00 48.61  ? 147 ARG A CZ    1 
ATOM   1042 N NH1   . ARG A 1 147 ? 4.136   12.922  10.057  1.00 46.99  ? 147 ARG A NH1   1 
ATOM   1043 N NH2   . ARG A 1 147 ? 5.391   14.595  11.018  1.00 48.99  ? 147 ARG A NH2   1 
ATOM   1044 N N     . LEU A 1 148 ? 9.911   12.292  5.836   1.00 38.60  ? 148 LEU A N     1 
ATOM   1045 C CA    . LEU A 1 148 ? 10.290  11.480  4.671   1.00 39.45  ? 148 LEU A CA    1 
ATOM   1046 C C     . LEU A 1 148 ? 11.700  11.755  4.213   1.00 39.09  ? 148 LEU A C     1 
ATOM   1047 O O     . LEU A 1 148 ? 12.450  10.838  3.860   1.00 39.10  ? 148 LEU A O     1 
ATOM   1048 C CB    . LEU A 1 148 ? 9.351   11.744  3.492   1.00 39.75  ? 148 LEU A CB    1 
ATOM   1049 C CG    . LEU A 1 148 ? 8.125   10.855  3.412   1.00 40.67  ? 148 LEU A CG    1 
ATOM   1050 C CD1   . LEU A 1 148 ? 7.088   11.532  2.489   1.00 42.15  ? 148 LEU A CD1   1 
ATOM   1051 C CD2   . LEU A 1 148 ? 8.501   9.440   2.937   1.00 36.94  ? 148 LEU A CD2   1 
ATOM   1052 N N     . ASN A 1 149 ? 12.049  13.039  4.169   1.00 39.19  ? 149 ASN A N     1 
ATOM   1053 C CA    . ASN A 1 149 ? 13.358  13.410  3.743   1.00 39.78  ? 149 ASN A CA    1 
ATOM   1054 C C     . ASN A 1 149 ? 14.383  12.827  4.697   1.00 38.92  ? 149 ASN A C     1 
ATOM   1055 O O     . ASN A 1 149 ? 15.415  12.301  4.268   1.00 39.03  ? 149 ASN A O     1 
ATOM   1056 C CB    . ASN A 1 149 ? 13.506  14.919  3.688   1.00 41.40  ? 149 ASN A CB    1 
ATOM   1057 C CG    . ASN A 1 149 ? 14.525  15.321  2.685   1.00 46.82  ? 149 ASN A CG    1 
ATOM   1058 O OD1   . ASN A 1 149 ? 14.261  15.323  1.468   1.00 50.05  ? 149 ASN A OD1   1 
ATOM   1059 N ND2   . ASN A 1 149 ? 15.742  15.580  3.162   1.00 52.06  ? 149 ASN A ND2   1 
ATOM   1060 N N     . ASP A 1 150 ? 14.088  12.922  5.992   1.00 38.72  ? 150 ASP A N     1 
ATOM   1061 C CA    . ASP A 1 150 ? 14.938  12.350  7.052   1.00 38.67  ? 150 ASP A CA    1 
ATOM   1062 C C     . ASP A 1 150 ? 15.104  10.830  6.909   1.00 37.98  ? 150 ASP A C     1 
ATOM   1063 O O     . ASP A 1 150 ? 16.214  10.287  7.053   1.00 37.22  ? 150 ASP A O     1 
ATOM   1064 C CB    . ASP A 1 150 ? 14.358  12.690  8.432   1.00 38.97  ? 150 ASP A CB    1 
ATOM   1065 C CG    . ASP A 1 150 ? 14.480  14.186  8.784   1.00 43.52  ? 150 ASP A CG    1 
ATOM   1066 O OD1   . ASP A 1 150 ? 15.315  14.893  8.159   1.00 42.91  ? 150 ASP A OD1   1 
ATOM   1067 O OD2   . ASP A 1 150 ? 13.740  14.639  9.715   1.00 45.91  ? 150 ASP A OD2   1 
ATOM   1068 N N     . TRP A 1 151 ? 14.008  10.159  6.569   1.00 37.11  ? 151 TRP A N     1 
ATOM   1069 C CA    . TRP A 1 151 ? 13.997  8.712   6.439   1.00 37.53  ? 151 TRP A CA    1 
ATOM   1070 C C     . TRP A 1 151 ? 14.832  8.283   5.243   1.00 37.01  ? 151 TRP A C     1 
ATOM   1071 O O     . TRP A 1 151 ? 15.640  7.355   5.334   1.00 35.84  ? 151 TRP A O     1 
ATOM   1072 C CB    . TRP A 1 151 ? 12.563  8.212   6.282   1.00 38.58  ? 151 TRP A CB    1 
ATOM   1073 C CG    . TRP A 1 151 ? 12.454  6.726   6.363   1.00 39.29  ? 151 TRP A CG    1 
ATOM   1074 C CD1   . TRP A 1 151 ? 12.330  5.978   7.497   1.00 40.09  ? 151 TRP A CD1   1 
ATOM   1075 C CD2   . TRP A 1 151 ? 12.477  5.805   5.270   1.00 40.36  ? 151 TRP A CD2   1 
ATOM   1076 N NE1   . TRP A 1 151 ? 12.256  4.644   7.176   1.00 43.95  ? 151 TRP A NE1   1 
ATOM   1077 C CE2   . TRP A 1 151 ? 12.353  4.511   5.813   1.00 42.05  ? 151 TRP A CE2   1 
ATOM   1078 C CE3   . TRP A 1 151 ? 12.602  5.948   3.875   1.00 40.77  ? 151 TRP A CE3   1 
ATOM   1079 C CZ2   . TRP A 1 151 ? 12.352  3.361   5.016   1.00 41.80  ? 151 TRP A CZ2   1 
ATOM   1080 C CZ3   . TRP A 1 151 ? 12.586  4.809   3.087   1.00 40.45  ? 151 TRP A CZ3   1 
ATOM   1081 C CH2   . TRP A 1 151 ? 12.471  3.532   3.660   1.00 39.70  ? 151 TRP A CH2   1 
ATOM   1082 N N     . ARG A 1 152 ? 14.632  8.969   4.123   1.00 36.54  ? 152 ARG A N     1 
ATOM   1083 C CA    . ARG A 1 152 ? 15.468  8.744   2.940   1.00 37.43  ? 152 ARG A CA    1 
ATOM   1084 C C     . ARG A 1 152 ? 16.942  8.959   3.201   1.00 38.28  ? 152 ARG A C     1 
ATOM   1085 O O     . ARG A 1 152 ? 17.761  8.119   2.826   1.00 39.68  ? 152 ARG A O     1 
ATOM   1086 C CB    . ARG A 1 152 ? 15.034  9.642   1.789   1.00 36.82  ? 152 ARG A CB    1 
ATOM   1087 C CG    . ARG A 1 152 ? 13.818  9.133   1.072   0.50 35.39  ? 152 ARG A CG    1 
ATOM   1088 C CD    . ARG A 1 152 ? 14.023  9.294   -0.406  0.50 33.11  ? 152 ARG A CD    1 
ATOM   1089 N NE    . ARG A 1 152 ? 12.886  8.797   -1.157  0.50 33.35  ? 152 ARG A NE    1 
ATOM   1090 C CZ    . ARG A 1 152 ? 12.700  9.019   -2.450  0.50 31.55  ? 152 ARG A CZ    1 
ATOM   1091 N NH1   . ARG A 1 152 ? 13.595  9.718   -3.145  0.50 28.30  ? 152 ARG A NH1   1 
ATOM   1092 N NH2   . ARG A 1 152 ? 11.627  8.525   -3.044  0.50 30.34  ? 152 ARG A NH2   1 
ATOM   1093 N N     . LYS A 1 153 ? 17.290  10.087  3.812   1.00 39.02  ? 153 LYS A N     1 
ATOM   1094 C CA    . LYS A 1 153 ? 18.683  10.378  4.129   1.00 40.02  ? 153 LYS A CA    1 
ATOM   1095 C C     . LYS A 1 153 ? 19.291  9.281   5.011   1.00 38.02  ? 153 LYS A C     1 
ATOM   1096 O O     . LYS A 1 153 ? 20.430  8.866   4.789   1.00 37.99  ? 153 LYS A O     1 
ATOM   1097 C CB    . LYS A 1 153 ? 18.801  11.745  4.815   1.00 40.18  ? 153 LYS A CB    1 
ATOM   1098 C CG    . LYS A 1 153 ? 20.218  12.080  5.330   1.00 43.40  ? 153 LYS A CG    1 
ATOM   1099 C CD    . LYS A 1 153 ? 20.328  13.463  5.977   1.00 43.17  ? 153 LYS A CD    1 
ATOM   1100 C CE    . LYS A 1 153 ? 21.590  13.546  6.880   1.00 46.42  ? 153 LYS A CE    1 
ATOM   1101 N NZ    . LYS A 1 153 ? 22.800  13.010  6.164   1.00 50.79  ? 153 LYS A NZ    1 
ATOM   1102 N N     . ALA A 1 154 ? 18.522  8.812   5.985   1.00 36.90  ? 154 ALA A N     1 
ATOM   1103 C CA    . ALA A 1 154 ? 18.962  7.726   6.876   1.00 37.30  ? 154 ALA A CA    1 
ATOM   1104 C C     . ALA A 1 154 ? 19.262  6.442   6.096   1.00 37.54  ? 154 ALA A C     1 
ATOM   1105 O O     . ALA A 1 154 ? 20.270  5.764   6.364   1.00 36.82  ? 154 ALA A O     1 
ATOM   1106 C CB    . ALA A 1 154 ? 17.917  7.462   7.959   1.00 37.47  ? 154 ALA A CB    1 
ATOM   1107 N N     . GLN A 1 155 ? 18.380  6.111   5.141   1.00 38.08  ? 155 GLN A N     1 
ATOM   1108 C CA    . GLN A 1 155 ? 18.596  4.942   4.292   1.00 39.36  ? 155 GLN A CA    1 
ATOM   1109 C C     . GLN A 1 155 ? 19.858  5.099   3.432   1.00 39.06  ? 155 GLN A C     1 
ATOM   1110 O O     . GLN A 1 155 ? 20.686  4.167   3.352   1.00 39.19  ? 155 GLN A O     1 
ATOM   1111 C CB    . GLN A 1 155 ? 17.368  4.616   3.407   1.00 40.37  ? 155 GLN A CB    1 
ATOM   1112 C CG    . GLN A 1 155 ? 16.023  4.468   4.151   1.00 43.47  ? 155 GLN A CG    1 
ATOM   1113 C CD    . GLN A 1 155 ? 16.100  3.715   5.501   1.00 48.25  ? 155 GLN A CD    1 
ATOM   1114 O OE1   . GLN A 1 155 ? 15.744  4.267   6.556   1.00 50.49  ? 155 GLN A OE1   1 
ATOM   1115 N NE2   . GLN A 1 155 ? 16.546  2.460   5.464   1.00 48.42  ? 155 GLN A NE2   1 
ATOM   1116 N N     . THR A 1 156 ? 20.024  6.270   2.810   1.00 39.01  ? 156 THR A N     1 
ATOM   1117 C CA    . THR A 1 156 ? 21.236  6.544   2.016   1.00 39.61  ? 156 THR A CA    1 
ATOM   1118 C C     . THR A 1 156 ? 22.516  6.490   2.885   1.00 40.01  ? 156 THR A C     1 
ATOM   1119 O O     . THR A 1 156 ? 23.520  5.873   2.495   1.00 39.02  ? 156 THR A O     1 
ATOM   1120 C CB    . THR A 1 156 ? 21.102  7.894   1.322   1.00 39.04  ? 156 THR A CB    1 
ATOM   1121 O OG1   . THR A 1 156 ? 20.024  7.792   0.390   1.00 39.90  ? 156 THR A OG1   1 
ATOM   1122 C CG2   . THR A 1 156 ? 22.381  8.288   0.565   1.00 41.24  ? 156 THR A CG2   1 
ATOM   1123 N N     . ASP A 1 157 ? 22.468  7.134   4.048   1.00 40.91  ? 157 ASP A N     1 
ATOM   1124 C CA    . ASP A 1 157 ? 23.618  7.182   4.974   1.00 42.56  ? 157 ASP A CA    1 
ATOM   1125 C C     . ASP A 1 157 ? 24.038  5.764   5.418   1.00 42.70  ? 157 ASP A C     1 
ATOM   1126 O O     . ASP A 1 157 ? 25.231  5.445   5.433   1.00 42.33  ? 157 ASP A O     1 
ATOM   1127 C CB    . ASP A 1 157 ? 23.332  8.090   6.180   1.00 43.25  ? 157 ASP A CB    1 
ATOM   1128 C CG    . ASP A 1 157 ? 23.450  9.585   5.843   1.00 47.82  ? 157 ASP A CG    1 
ATOM   1129 O OD1   . ASP A 1 157 ? 23.937  9.935   4.738   1.00 50.07  ? 157 ASP A OD1   1 
ATOM   1130 O OD2   . ASP A 1 157 ? 23.068  10.419  6.703   1.00 52.36  ? 157 ASP A OD2   1 
ATOM   1131 N N     . GLU A 1 158 ? 23.056  4.899   5.691   1.00 43.06  ? 158 GLU A N     1 
ATOM   1132 C CA    . GLU A 1 158 ? 23.341  3.516   6.051   1.00 43.87  ? 158 GLU A CA    1 
ATOM   1133 C C     . GLU A 1 158 ? 24.221  2.821   4.998   1.00 43.13  ? 158 GLU A C     1 
ATOM   1134 O O     . GLU A 1 158 ? 25.186  2.145   5.338   1.00 43.76  ? 158 GLU A O     1 
ATOM   1135 C CB    . GLU A 1 158 ? 22.039  2.759   6.268   1.00 45.01  ? 158 GLU A CB    1 
ATOM   1136 C CG    . GLU A 1 158 ? 22.117  1.257   6.040   1.00 52.21  ? 158 GLU A CG    1 
ATOM   1137 C CD    . GLU A 1 158 ? 22.271  0.481   7.329   1.00 61.22  ? 158 GLU A CD    1 
ATOM   1138 O OE1   . GLU A 1 158 ? 23.299  -0.238  7.474   1.00 64.85  ? 158 GLU A OE1   1 
ATOM   1139 O OE2   . GLU A 1 158 ? 21.360  0.589   8.197   1.00 64.41  ? 158 GLU A OE2   1 
ATOM   1140 N N     . VAL A 1 159 ? 23.896  2.998   3.721   1.00 41.86  ? 159 VAL A N     1 
ATOM   1141 C CA    . VAL A 1 159 ? 24.666  2.379   2.656   1.00 41.28  ? 159 VAL A CA    1 
ATOM   1142 C C     . VAL A 1 159 ? 26.027  3.068   2.548   1.00 41.73  ? 159 VAL A C     1 
ATOM   1143 O O     . VAL A 1 159 ? 27.072  2.415   2.397   1.00 42.60  ? 159 VAL A O     1 
ATOM   1144 C CB    . VAL A 1 159 ? 23.920  2.460   1.273   1.00 41.76  ? 159 VAL A CB    1 
ATOM   1145 C CG1   . VAL A 1 159 ? 24.775  1.834   0.169   1.00 37.85  ? 159 VAL A CG1   1 
ATOM   1146 C CG2   . VAL A 1 159 ? 22.518  1.811   1.342   1.00 41.21  ? 159 VAL A CG2   1 
ATOM   1147 N N     . LEU A 1 160 ? 26.014  4.393   2.638   1.00 41.40  ? 160 LEU A N     1 
ATOM   1148 C CA    . LEU A 1 160 ? 27.232  5.179   2.485   1.00 42.17  ? 160 LEU A CA    1 
ATOM   1149 C C     . LEU A 1 160 ? 28.253  4.867   3.560   1.00 42.83  ? 160 LEU A C     1 
ATOM   1150 O O     . LEU A 1 160 ? 29.442  4.781   3.267   1.00 43.18  ? 160 LEU A O     1 
ATOM   1151 C CB    . LEU A 1 160 ? 26.929  6.680   2.470   1.00 41.34  ? 160 LEU A CB    1 
ATOM   1152 C CG    . LEU A 1 160 ? 26.327  7.224   1.164   1.00 41.21  ? 160 LEU A CG    1 
ATOM   1153 C CD1   . LEU A 1 160 ? 25.918  8.677   1.313   1.00 40.27  ? 160 LEU A CD1   1 
ATOM   1154 C CD2   . LEU A 1 160 ? 27.290  7.067   -0.032  1.00 42.85  ? 160 LEU A CD2   1 
ATOM   1155 N N     . GLU A 1 161 ? 27.801  4.674   4.787   1.00 44.33  ? 161 GLU A N     1 
ATOM   1156 C CA    . GLU A 1 161 ? 28.759  4.395   5.876   1.00 47.03  ? 161 GLU A CA    1 
ATOM   1157 C C     . GLU A 1 161 ? 29.178  2.934   5.988   1.00 46.30  ? 161 GLU A C     1 
ATOM   1158 O O     . GLU A 1 161 ? 29.983  2.560   6.847   1.00 44.73  ? 161 GLU A O     1 
ATOM   1159 C CB    . GLU A 1 161 ? 28.282  4.964   7.215   1.00 47.58  ? 161 GLU A CB    1 
ATOM   1160 C CG    . GLU A 1 161 ? 26.947  4.473   7.722   1.00 51.03  ? 161 GLU A CG    1 
ATOM   1161 C CD    . GLU A 1 161 ? 26.399  5.352   8.867   1.00 51.78  ? 161 GLU A CD    1 
ATOM   1162 O OE1   . GLU A 1 161 ? 26.401  6.609   8.744   1.00 58.58  ? 161 GLU A OE1   1 
ATOM   1163 O OE2   . GLU A 1 161 ? 25.966  4.781   9.894   1.00 58.52  ? 161 GLU A OE2   1 
ATOM   1164 N N     . ASN A 1 162 ? 28.653  2.115   5.074   1.00 45.99  ? 162 ASN A N     1 
ATOM   1165 C CA    . ASN A 1 162 ? 28.986  0.689   5.012   1.00 45.97  ? 162 ASN A CA    1 
ATOM   1166 C C     . ASN A 1 162 ? 29.323  0.178   3.599   1.00 45.07  ? 162 ASN A C     1 
ATOM   1167 O O     . ASN A 1 162 ? 28.701  -0.770  3.101   1.00 45.13  ? 162 ASN A O     1 
ATOM   1168 C CB    . ASN A 1 162 ? 27.852  -0.112  5.630   1.00 46.11  ? 162 ASN A CB    1 
ATOM   1169 C CG    . ASN A 1 162 ? 27.692  0.183   7.083   1.00 48.20  ? 162 ASN A CG    1 
ATOM   1170 O OD1   . ASN A 1 162 ? 28.539  -0.208  7.896   1.00 50.15  ? 162 ASN A OD1   1 
ATOM   1171 N ND2   . ASN A 1 162 ? 26.632  0.933   7.433   1.00 48.24  ? 162 ASN A ND2   1 
ATOM   1172 N N     . PRO A 1 163 ? 30.329  0.790   2.952   1.00 44.49  ? 163 PRO A N     1 
ATOM   1173 C CA    . PRO A 1 163 ? 30.655  0.460   1.557   1.00 43.81  ? 163 PRO A CA    1 
ATOM   1174 C C     . PRO A 1 163 ? 31.240  -0.933  1.319   1.00 43.20  ? 163 PRO A C     1 
ATOM   1175 O O     . PRO A 1 163 ? 31.105  -1.460  0.213   1.00 42.23  ? 163 PRO A O     1 
ATOM   1176 C CB    . PRO A 1 163 ? 31.687  1.525   1.182   1.00 43.70  ? 163 PRO A CB    1 
ATOM   1177 C CG    . PRO A 1 163 ? 32.284  1.949   2.461   1.00 43.86  ? 163 PRO A CG    1 
ATOM   1178 C CD    . PRO A 1 163 ? 31.211  1.849   3.488   1.00 44.05  ? 163 PRO A CD    1 
ATOM   1179 N N     . ASP A 1 164 ? 31.884  -1.527  2.325   1.00 42.85  ? 164 ASP A N     1 
ATOM   1180 C CA    . ASP A 1 164 ? 32.482  -2.837  2.146   1.00 43.22  ? 164 ASP A CA    1 
ATOM   1181 C C     . ASP A 1 164 ? 31.575  -3.917  2.736   1.00 42.96  ? 164 ASP A C     1 
ATOM   1182 O O     . ASP A 1 164 ? 31.396  -3.958  3.957   1.00 42.83  ? 164 ASP A O     1 
ATOM   1183 C CB    . ASP A 1 164 ? 33.888  -2.909  2.792   1.00 44.00  ? 164 ASP A CB    1 
ATOM   1184 C CG    . ASP A 1 164 ? 34.721  -4.120  2.293   1.00 45.63  ? 164 ASP A CG    1 
ATOM   1185 O OD1   . ASP A 1 164 ? 35.962  -4.010  2.185   1.00 46.77  ? 164 ASP A OD1   1 
ATOM   1186 O OD2   . ASP A 1 164 ? 34.150  -5.191  1.984   1.00 44.87  ? 164 ASP A OD2   1 
ATOM   1187 N N     . PRO A 1 165 ? 31.033  -4.824  1.889   1.00 42.97  ? 165 PRO A N     1 
ATOM   1188 C CA    . PRO A 1 165 ? 30.132  -5.856  2.386   1.00 43.33  ? 165 PRO A CA    1 
ATOM   1189 C C     . PRO A 1 165 ? 30.825  -7.062  3.030   1.00 44.90  ? 165 PRO A C     1 
ATOM   1190 O O     . PRO A 1 165 ? 30.139  -7.955  3.550   1.00 45.18  ? 165 PRO A O     1 
ATOM   1191 C CB    . PRO A 1 165 ? 29.395  -6.304  1.120   1.00 42.96  ? 165 PRO A CB    1 
ATOM   1192 C CG    . PRO A 1 165 ? 30.384  -6.141  0.035   1.00 42.95  ? 165 PRO A CG    1 
ATOM   1193 C CD    . PRO A 1 165 ? 31.250  -4.945  0.434   1.00 42.37  ? 165 PRO A CD    1 
ATOM   1194 N N     . ARG A 1 166 ? 32.153  -7.104  2.979   1.00 45.68  ? 166 ARG A N     1 
ATOM   1195 C CA    . ARG A 1 166 ? 32.895  -8.239  3.501   1.00 47.44  ? 166 ARG A CA    1 
ATOM   1196 C C     . ARG A 1 166 ? 32.971  -8.202  5.036   1.00 48.96  ? 166 ARG A C     1 
ATOM   1197 O O     . ARG A 1 166 ? 32.798  -7.138  5.659   1.00 48.77  ? 166 ARG A O     1 
ATOM   1198 C CB    . ARG A 1 166 ? 34.291  -8.295  2.882   1.00 46.60  ? 166 ARG A CB    1 
ATOM   1199 C CG    . ARG A 1 166 ? 34.267  -8.539  1.387   1.00 46.59  ? 166 ARG A CG    1 
ATOM   1200 C CD    . ARG A 1 166 ? 35.620  -8.339  0.741   1.00 46.81  ? 166 ARG A CD    1 
ATOM   1201 N NE    . ARG A 1 166 ? 35.970  -6.922  0.654   1.00 46.69  ? 166 ARG A NE    1 
ATOM   1202 C CZ    . ARG A 1 166 ? 36.928  -6.435  -0.134  1.00 48.77  ? 166 ARG A CZ    1 
ATOM   1203 N NH1   . ARG A 1 166 ? 37.649  -7.254  -0.909  1.00 48.02  ? 166 ARG A NH1   1 
ATOM   1204 N NH2   . ARG A 1 166 ? 37.175  -5.129  -0.136  1.00 48.21  ? 166 ARG A NH2   1 
ATOM   1205 N N     . GLY A 1 167 ? 33.227  -9.373  5.628   1.00 51.06  ? 167 GLY A N     1 
ATOM   1206 C CA    . GLY A 1 167 ? 33.400  -9.501  7.079   1.00 52.47  ? 167 GLY A CA    1 
ATOM   1207 C C     . GLY A 1 167 ? 34.578  -8.665  7.546   1.00 53.86  ? 167 GLY A C     1 
ATOM   1208 O O     . GLY A 1 167 ? 35.624  -8.616  6.876   1.00 53.67  ? 167 GLY A O     1 
ATOM   1209 N N     . ALA A 1 168 ? 34.391  -8.011  8.692   1.00 55.24  ? 168 ALA A N     1 
ATOM   1210 C CA    . ALA A 1 168 ? 35.377  -7.121  9.310   1.00 56.53  ? 168 ALA A CA    1 
ATOM   1211 C C     . ALA A 1 168 ? 36.807  -7.689  9.326   1.00 57.65  ? 168 ALA A C     1 
ATOM   1212 O O     . ALA A 1 168 ? 37.026  -8.866  9.664   1.00 57.66  ? 168 ALA A O     1 
ATOM   1213 C CB    . ALA A 1 168 ? 34.927  -6.756  10.724  1.00 56.47  ? 168 ALA A CB    1 
ATOM   1214 N N     . ALA A 1 169 ? 37.756  -6.814  8.982   1.00 58.64  ? 169 ALA A N     1 
ATOM   1215 C CA    . ALA A 1 169 ? 39.156  -7.150  8.663   1.00 59.26  ? 169 ALA A CA    1 
ATOM   1216 C C     . ALA A 1 169 ? 39.637  -8.539  9.103   1.00 59.70  ? 169 ALA A C     1 
ATOM   1217 O O     . ALA A 1 169 ? 40.272  -9.269  8.325   1.00 60.25  ? 169 ALA A O     1 
ATOM   1218 C CB    . ALA A 1 169 ? 40.101  -6.043  9.185   1.00 59.36  ? 169 ALA A CB    1 
HETATM 1219 O O8    . NIA B 2 .   ? -7.927  -18.365 1.221   1.00 40.24  ? 300 NIA A O8    1 
HETATM 1220 P P     . NIA B 2 .   ? -7.283  -17.074 1.978   1.00 42.88  ? 300 NIA A P     1 
HETATM 1221 O O6    . NIA B 2 .   ? -5.869  -17.508 2.673   1.00 44.68  ? 300 NIA A O6    1 
HETATM 1222 O O7    . NIA B 2 .   ? -8.231  -16.441 2.941   1.00 41.88  ? 300 NIA A O7    1 
HETATM 1223 O "O5'" . NIA B 2 .   ? -6.969  -16.015 0.804   1.00 39.67  ? 300 NIA A "O5'" 1 
HETATM 1224 C "C5'" . NIA B 2 .   ? -6.049  -16.331 -0.211  1.00 36.80  ? 300 NIA A "C5'" 1 
HETATM 1225 C "C4'" . NIA B 2 .   ? -5.987  -15.182 -1.143  1.00 35.96  ? 300 NIA A "C4'" 1 
HETATM 1226 C "C3'" . NIA B 2 .   ? -5.452  -13.991 -0.327  1.00 35.57  ? 300 NIA A "C3'" 1 
HETATM 1227 O "O3'" . NIA B 2 .   ? -4.218  -13.557 -0.885  1.00 34.87  ? 300 NIA A "O3'" 1 
HETATM 1228 C "C2'" . NIA B 2 .   ? -6.525  -12.922 -0.557  1.00 34.96  ? 300 NIA A "C2'" 1 
HETATM 1229 O "O2'" . NIA B 2 .   ? -5.955  -11.617 -0.844  1.00 31.64  ? 300 NIA A "O2'" 1 
HETATM 1230 O "O4'" . NIA B 2 .   ? -7.400  -14.871 -1.417  1.00 36.35  ? 300 NIA A "O4'" 1 
HETATM 1231 C "C1'" . NIA B 2 .   ? -7.283  -13.504 -1.769  1.00 35.97  ? 300 NIA A "C1'" 1 
HETATM 1232 N N1    . NIA B 2 .   ? -8.455  -12.671 -1.866  1.00 35.97  ? 300 NIA A N1    1 
HETATM 1233 C C5    . NIA B 2 .   ? -8.626  -11.862 -2.892  1.00 36.87  ? 300 NIA A C5    1 
HETATM 1234 N N6    . NIA B 2 .   ? -7.826  -11.763 -3.982  1.00 35.75  ? 300 NIA A N6    1 
HETATM 1235 C C4    . NIA B 2 .   ? -9.793  -11.192 -2.642  1.00 37.69  ? 300 NIA A C4    1 
HETATM 1236 N N7    . NIA B 2 .   ? -10.217 -10.270 -3.474  1.00 40.11  ? 300 NIA A N7    1 
HETATM 1237 O O72   . NIA B 2 .   ? -9.409  -9.917  -4.629  1.00 37.77  ? 300 NIA A O72   1 
HETATM 1238 O O71   . NIA B 2 .   ? -11.360 -9.582  -3.167  1.00 41.80  ? 300 NIA A O71   1 
HETATM 1239 N N3    . NIA B 2 .   ? -10.318 -11.574 -1.461  1.00 35.38  ? 300 NIA A N3    1 
HETATM 1240 C C2    . NIA B 2 .   ? -9.467  -12.485 -0.985  1.00 36.60  ? 300 NIA A C2    1 
HETATM 1241 O O     . HOH C 3 .   ? 14.811  0.861   7.222   1.00 53.09  ? 301 HOH A O     1 
HETATM 1242 O O     . HOH C 3 .   ? 0.919   -12.718 3.153   1.00 27.31  ? 302 HOH A O     1 
HETATM 1243 O O     . HOH C 3 .   ? 3.696   -11.484 -0.313  1.00 21.75  ? 303 HOH A O     1 
HETATM 1244 O O     . HOH C 3 .   ? 6.854   -11.278 0.187   1.00 33.19  ? 304 HOH A O     1 
HETATM 1245 O O     . HOH C 3 .   ? -7.135  4.950   -8.243  1.00 25.57  ? 305 HOH A O     1 
HETATM 1246 O O     . HOH C 3 .   ? -6.243  -3.462  -10.054 1.00 40.07  ? 306 HOH A O     1 
HETATM 1247 O O     . HOH C 3 .   ? 21.617  5.914   8.822   1.00 38.92  ? 307 HOH A O     1 
HETATM 1248 O O     . HOH C 3 .   ? 20.858  10.466  8.578   1.00 59.89  ? 308 HOH A O     1 
HETATM 1249 O O     . HOH C 3 .   ? -14.258 4.973   -16.363 1.00 37.85  ? 309 HOH A O     1 
HETATM 1250 O O     . HOH C 3 .   ? -17.969 3.357   6.215   1.00 52.01  ? 310 HOH A O     1 
HETATM 1251 O O     . HOH C 3 .   ? 29.918  -10.512 5.215   1.00 53.97  ? 311 HOH A O     1 
HETATM 1252 O O     . HOH C 3 .   ? 22.983  14.894  3.861   0.50 67.77  ? 312 HOH A O     1 
HETATM 1253 O O     . HOH C 3 .   ? -17.877 -0.500  5.002   1.00 54.69  ? 313 HOH A O     1 
HETATM 1254 O O     . HOH C 3 .   ? -1.413  -20.579 -5.533  1.00 48.07  ? 314 HOH A O     1 
HETATM 1255 O O     . HOH C 3 .   ? 1.817   14.767  9.405   1.00 53.79  ? 315 HOH A O     1 
HETATM 1256 O O     . HOH C 3 .   ? 1.849   21.729  5.783   1.00 40.30  ? 316 HOH A O     1 
HETATM 1257 O O     . HOH C 3 .   ? -1.346  -20.933 -0.849  1.00 59.56  ? 317 HOH A O     1 
HETATM 1258 O O     . HOH C 3 .   ? -9.729  5.439   -7.538  1.00 29.51  ? 318 HOH A O     1 
HETATM 1259 O O     . HOH C 3 .   ? 37.625  -9.887  -2.111  1.00 41.30  ? 319 HOH A O     1 
HETATM 1260 O O     . HOH C 3 .   ? -4.565  12.053  -2.748  1.00 42.68  ? 320 HOH A O     1 
HETATM 1261 O O     . HOH C 3 .   ? 3.492   -3.597  11.557  1.00 54.01  ? 321 HOH A O     1 
HETATM 1262 O O     . HOH C 3 .   ? 0.352   -14.678 1.702   1.00 48.24  ? 322 HOH A O     1 
HETATM 1263 O O     . HOH C 3 .   ? 10.503  7.106   -0.335  1.00 36.62  ? 323 HOH A O     1 
HETATM 1264 O O     . HOH C 3 .   ? -10.797 -11.944 8.491   1.00 50.96  ? 324 HOH A O     1 
HETATM 1265 O O     . HOH C 3 .   ? 7.792   -1.366  -5.188  1.00 27.42  ? 325 HOH A O     1 
HETATM 1266 O O     . HOH C 3 .   ? 8.478   -1.792  6.124   1.00 37.73  ? 326 HOH A O     1 
HETATM 1267 O O     . HOH C 3 .   ? -4.157  -18.905 1.446   1.00 51.43  ? 327 HOH A O     1 
HETATM 1268 O O     . HOH C 3 .   ? -8.003  -0.122  -22.190 1.00 31.85  ? 328 HOH A O     1 
HETATM 1269 O O     . HOH C 3 .   ? 7.338   -0.101  -7.652  1.00 27.00  ? 329 HOH A O     1 
HETATM 1270 O O     . HOH C 3 .   ? 26.315  9.111   8.629   1.00 61.81  ? 330 HOH A O     1 
HETATM 1271 O O     . HOH C 3 .   ? -2.941  9.792   7.668   1.00 40.22  ? 331 HOH A O     1 
HETATM 1272 O O     . HOH C 3 .   ? -26.892 1.643   -4.079  1.00 49.88  ? 332 HOH A O     1 
HETATM 1273 O O     . HOH C 3 .   ? -0.761  -18.596 -7.465  1.00 30.88  ? 333 HOH A O     1 
HETATM 1274 O O     . HOH C 3 .   ? 15.109  14.022  -1.678  1.00 66.81  ? 334 HOH A O     1 
HETATM 1275 O O     . HOH C 3 .   ? 15.787  8.861   -2.770  1.00 100.46 ? 335 HOH A O     1 
HETATM 1276 O O     . HOH C 3 .   ? -0.269  -15.622 6.984   1.00 45.84  ? 336 HOH A O     1 
HETATM 1277 O O     . HOH C 3 .   ? 23.425  7.111   13.750  1.00 67.80  ? 337 HOH A O     1 
HETATM 1278 O O     . HOH C 3 .   ? 14.559  8.966   10.031  1.00 67.55  ? 338 HOH A O     1 
HETATM 1279 O O     . HOH C 3 .   ? -23.093 -2.260  -0.510  1.00 46.60  ? 339 HOH A O     1 
HETATM 1280 O O     . HOH C 3 .   ? -3.210  5.210   13.475  1.00 38.83  ? 340 HOH A O     1 
HETATM 1281 O O     . HOH C 3 .   ? 4.340   -15.207 1.473   1.00 53.19  ? 341 HOH A O     1 
HETATM 1282 O O     . HOH C 3 .   ? 9.961   -0.278  13.005  1.00 52.04  ? 342 HOH A O     1 
HETATM 1283 O O     . HOH C 3 .   ? 9.694   10.030  11.203  1.00 44.89  ? 343 HOH A O     1 
HETATM 1284 O O     . HOH C 3 .   ? 12.121  18.623  3.396   1.00 56.16  ? 344 HOH A O     1 
HETATM 1285 O O     . HOH C 3 .   ? -21.814 -9.643  0.728   1.00 42.56  ? 345 HOH A O     1 
HETATM 1286 O O     . HOH C 3 .   ? -2.381  -15.604 -2.186  1.00 50.53  ? 346 HOH A O     1 
HETATM 1287 O O     . HOH C 3 .   ? -2.623  15.743  1.596   1.00 53.12  ? 347 HOH A O     1 
HETATM 1288 O O     . HOH C 3 .   ? 5.746   -17.530 -11.986 1.00 53.01  ? 348 HOH A O     1 
HETATM 1289 O O     . HOH C 3 .   ? -3.150  14.098  13.054  1.00 57.89  ? 349 HOH A O     1 
HETATM 1290 O O     . HOH C 3 .   ? -8.299  19.867  1.325   1.00 72.95  ? 350 HOH A O     1 
HETATM 1291 O O     . HOH C 3 .   ? -3.981  -13.106 15.034  1.00 63.06  ? 351 HOH A O     1 
HETATM 1292 O O     . HOH C 3 .   ? 0.593   0.122   14.032  1.00 61.38  ? 352 HOH A O     1 
HETATM 1293 O O     . HOH C 3 .   ? -2.985  13.844  9.732   1.00 64.76  ? 353 HOH A O     1 
HETATM 1294 O O     . HOH C 3 .   ? -20.479 -8.095  2.318   1.00 21.69  ? 354 HOH A O     1 
HETATM 1295 O O     . HOH C 3 .   ? -1.680  -3.732  -21.530 1.00 36.01  ? 355 HOH A O     1 
HETATM 1296 O O     . HOH C 3 .   ? -8.019  18.078  3.304   1.00 58.22  ? 356 HOH A O     1 
HETATM 1297 O O     . HOH C 3 .   ? -6.562  1.867   -24.143 1.00 30.22  ? 357 HOH A O     1 
HETATM 1298 O O     . HOH C 3 .   ? -17.134 8.859   -3.630  1.00 44.99  ? 358 HOH A O     1 
HETATM 1299 O O     . HOH C 3 .   ? 13.395  17.224  -0.375  1.00 60.46  ? 359 HOH A O     1 
HETATM 1300 O O     . HOH C 3 .   ? -6.258  0.359   -26.110 1.00 80.12  ? 360 HOH A O     1 
HETATM 1301 O O     . HOH C 3 .   ? -19.217 -15.707 0.317   1.00 40.91  ? 361 HOH A O     1 
HETATM 1302 O O     . HOH C 3 .   ? -4.667  -3.563  -20.182 1.00 52.80  ? 362 HOH A O     1 
HETATM 1303 O O     . HOH C 3 .   ? -6.026  6.356   13.353  1.00 50.72  ? 363 HOH A O     1 
HETATM 1304 O O     . HOH C 3 .   ? 26.506  8.449   16.848  1.00 71.19  ? 364 HOH A O     1 
HETATM 1305 O O     . HOH C 3 .   ? 27.185  4.970   16.924  1.00 58.38  ? 365 HOH A O     1 
HETATM 1306 O O     . HOH C 3 .   ? 11.409  -4.881  5.262   1.00 68.19  ? 366 HOH A O     1 
HETATM 1307 O O     . HOH C 3 .   ? -5.717  4.424   -24.098 1.00 39.19  ? 367 HOH A O     1 
HETATM 1308 O O     . HOH C 3 .   ? 17.706  13.894  1.933   1.00 80.29  ? 368 HOH A O     1 
HETATM 1309 O O     . HOH C 3 .   ? 29.749  10.435  1.344   1.00 53.70  ? 369 HOH A O     1 
HETATM 1310 O O     . HOH C 3 .   ? -5.077  12.595  13.640  1.00 58.99  ? 370 HOH A O     1 
HETATM 1311 O O     . HOH C 3 .   ? -15.481 7.647   -2.121  1.00 33.57  ? 371 HOH A O     1 
HETATM 1312 O O     . HOH C 3 .   ? 30.710  5.550   1.052   1.00 44.55  ? 372 HOH A O     1 
HETATM 1313 O O     . HOH C 3 .   ? -4.799  -1.680  -24.080 1.00 59.94  ? 373 HOH A O     1 
HETATM 1314 O O     . HOH C 3 .   ? -2.536  -0.685  -23.373 1.00 31.64  ? 374 HOH A O     1 
HETATM 1315 O O     . HOH C 3 .   ? -1.055  -13.139 8.167   1.00 50.55  ? 375 HOH A O     1 
HETATM 1316 O O     . HOH C 3 .   ? -11.035 -13.207 3.178   1.00 33.47  ? 376 HOH A O     1 
HETATM 1317 O O     . HOH C 3 .   ? -9.877  -13.214 6.238   1.00 31.06  ? 377 HOH A O     1 
HETATM 1318 O O     . HOH C 3 .   ? 12.616  12.857  11.222  1.00 48.22  ? 378 HOH A O     1 
HETATM 1319 O O     . HOH C 3 .   ? 11.813  10.289  9.846   1.00 41.74  ? 379 HOH A O     1 
HETATM 1320 O O     . HOH C 3 .   ? 6.895   12.911  14.323  1.00 56.84  ? 380 HOH A O     1 
HETATM 1321 O O     . HOH C 3 .   ? 9.902   11.277  13.656  1.00 55.07  ? 381 HOH A O     1 
HETATM 1322 O O     . HOH C 3 .   ? -5.266  1.737   12.961  1.00 46.14  ? 382 HOH A O     1 
HETATM 1323 O O     . HOH C 3 .   ? -10.598 -2.276  11.122  1.00 48.78  ? 383 HOH A O     1 
HETATM 1324 O O     . HOH C 3 .   ? -14.208 -7.406  7.325   1.00 37.19  ? 384 HOH A O     1 
HETATM 1325 O O     . HOH C 3 .   ? -21.535 -12.401 -0.172  1.00 52.72  ? 385 HOH A O     1 
HETATM 1326 O O     . HOH C 3 .   ? -19.317 -13.419 -1.685  1.00 32.48  ? 386 HOH A O     1 
HETATM 1327 O O     . HOH C 3 .   ? -15.390 -1.782  9.799   1.00 46.62  ? 387 HOH A O     1 
HETATM 1328 O O     . HOH C 3 .   ? -17.675 9.393   0.273   1.00 32.19  ? 388 HOH A O     1 
HETATM 1329 O O     . HOH C 3 .   ? -15.136 0.582   6.551   1.00 54.04  ? 389 HOH A O     1 
HETATM 1330 O O     . HOH C 3 .   ? -19.475 7.518   7.028   1.00 51.57  ? 390 HOH A O     1 
HETATM 1331 O O     . HOH C 3 .   ? -14.563 4.160   3.895   1.00 37.00  ? 391 HOH A O     1 
HETATM 1332 O O     . HOH C 3 .   ? -9.350  9.404   11.510  1.00 69.63  ? 392 HOH A O     1 
HETATM 1333 O O     . HOH C 3 .   ? -13.372 -0.987  11.440  1.00 62.53  ? 393 HOH A O     1 
HETATM 1334 O O     . HOH C 3 .   ? -13.381 3.278   7.092   1.00 56.76  ? 394 HOH A O     1 
HETATM 1335 O O     . HOH C 3 .   ? -9.374  12.238  -5.947  1.00 28.45  ? 395 HOH A O     1 
HETATM 1336 O O     . HOH C 3 .   ? -24.728 2.958   -5.036  1.00 57.08  ? 396 HOH A O     1 
HETATM 1337 O O     . HOH C 3 .   ? 9.004   -17.849 -5.880  1.00 48.36  ? 397 HOH A O     1 
HETATM 1338 O O     . HOH C 3 .   ? -6.517  -2.441  -21.985 1.00 44.88  ? 398 HOH A O     1 
HETATM 1339 O O     . HOH C 3 .   ? -7.482  -5.425  -8.888  1.00 27.97  ? 399 HOH A O     1 
HETATM 1340 O O     . HOH C 3 .   ? -11.666 4.288   -21.972 1.00 37.59  ? 400 HOH A O     1 
HETATM 1341 O O     . HOH C 3 .   ? -13.673 4.501   -18.524 1.00 38.09  ? 401 HOH A O     1 
HETATM 1342 O O     . HOH C 3 .   ? -15.116 9.570   -5.131  1.00 40.51  ? 402 HOH A O     1 
HETATM 1343 O O     . HOH C 3 .   ? 15.934  11.677  -2.337  1.00 53.10  ? 403 HOH A O     1 
HETATM 1344 O O     . HOH C 3 .   ? 24.347  15.167  6.437   1.00 64.63  ? 404 HOH A O     1 
HETATM 1345 O O     . HOH C 3 .   ? 23.167  9.741   10.952  1.00 53.46  ? 405 HOH A O     1 
HETATM 1346 O O     . HOH C 3 .   ? 37.892  -8.428  5.331   1.00 58.64  ? 406 HOH A O     1 
HETATM 1347 O O     . HOH C 3 .   ? 25.550  2.395   9.818   1.00 50.92  ? 407 HOH A O     1 
HETATM 1348 O O     . HOH C 3 .   ? 32.357  -0.856  5.460   1.00 42.59  ? 408 HOH A O     1 
HETATM 1349 O O     . HOH C 3 .   ? 37.413  -1.938  3.000   1.00 53.39  ? 409 HOH A O     1 
HETATM 1350 O O     . HOH C 3 .   ? 37.156  -5.760  3.764   1.00 60.93  ? 410 HOH A O     1 
HETATM 1351 O O     . HOH C 3 .   ? -2.326  -14.409 1.789   1.00 33.82  ? 411 HOH A O     1 
HETATM 1352 O O     . HOH C 3 .   ? -1.467  -18.892 -2.881  1.00 46.75  ? 412 HOH A O     1 
HETATM 1353 O O     . HOH C 3 .   ? 7.234   -12.383 7.474   1.00 59.40  ? 413 HOH A O     1 
HETATM 1354 O O     . HOH C 3 .   ? 7.679   -8.115  15.004  1.00 63.58  ? 414 HOH A O     1 
HETATM 1355 O O     . HOH C 3 .   ? -0.768  -12.437 10.443  1.00 69.60  ? 415 HOH A O     1 
HETATM 1356 O O     . HOH C 3 .   ? -8.590  5.371   11.494  1.00 60.31  ? 416 HOH A O     1 
HETATM 1357 O O     . HOH C 3 .   ? 17.756  15.916  5.303   1.00 51.45  ? 417 HOH A O     1 
HETATM 1358 O O     . HOH C 3 .   ? 30.443  8.317   0.425   1.00 56.46  ? 418 HOH A O     1 
HETATM 1359 O O     . HOH C 3 .   ? -3.022  -12.558 11.275  1.00 83.75  ? 419 HOH A O     1 
HETATM 1360 O O     . HOH C 3 .   ? 5.319   -18.633 -3.867  1.00 44.08  ? 420 HOH A O     1 
HETATM 1361 O O     . HOH C 3 .   ? 4.970   -17.773 -0.542  1.00 49.97  ? 421 HOH A O     1 
HETATM 1362 O O     . HOH C 3 .   ? 5.078   -13.170 9.251   1.00 55.64  ? 422 HOH A O     1 
HETATM 1363 O O     . HOH C 3 .   ? 5.593   -13.737 5.429   1.00 54.28  ? 423 HOH A O     1 
# 
